data_7NWZ
#
_entry.id   7NWZ
#
_cell.length_a   97.910
_cell.length_b   97.910
_cell.length_c   356.170
_cell.angle_alpha   90.000
_cell.angle_beta   90.000
_cell.angle_gamma   90.000
#
_symmetry.space_group_name_H-M   'P 43 21 2'
#
loop_
_entity.id
_entity.type
_entity.pdbx_description
1 polymer 'ALK and LTK ligand 2'
2 polymer 'ALK tyrosine kinase receptor'
3 non-polymer 2-acetamido-2-deoxy-beta-D-glucopyranose
#
loop_
_entity_poly.entity_id
_entity_poly.type
_entity_poly.pdbx_seq_one_letter_code
_entity_poly.pdbx_strand_id
1 'polypeptide(L)'
;PSPEQRVEIVPRDLRMKDKFLKHLTGPLYFSPKCSKHFHRLYHNTRDCTIPAYYKRCARLLTRLAVSPVCMEDKQGTDEV
D
;
D,C
2 'polypeptide(L)'
;TAPKSRNLFERNPNKELKPGENSPRQTPIFDPTVHWLFTTCGASGPHGPTQAQCNNAYQNSNLSVEVGSEGPLKGIQIWK
VPATDTYSISGYGAAGGKGGKNTMMRSHGVSVLGIFNLEKDDMLYILVGQQGEDACPSTNQLIQKVCIGENNVIEEEIRV
NRSVHEWAGGGGGGGGATYVFKMKDGVPVPLIIAAGGGGRAYGAKTDTFHPERLENNSSVLGLNGNSGAAGGGGGWNDNT
SLLWAGKSLQEGATGGHSCPQAMKKWGWETRGGFGGGGGGCSSGGGGGGYIGGNAASNNDPEMDGEDGVSFISPLGILYT
PALKVMEGHGEVNIKHYLGTDEVD
;
F,E,B,A
#
loop_
_chem_comp.id
_chem_comp.type
_chem_comp.name
_chem_comp.formula
NAG D-saccharide, beta linking 2-acetamido-2-deoxy-beta-D-glucopyranose 'C8 H15 N O6'
#
# COMPACT_ATOMS: atom_id res chain seq x y z
N ARG A 15 -2.02 -0.58 5.94
CA ARG A 15 -3.21 -0.16 5.21
C ARG A 15 -2.82 0.44 3.85
N MET A 16 -2.36 1.69 3.88
CA MET A 16 -1.95 2.40 2.68
C MET A 16 -0.49 2.81 2.66
N LYS A 17 0.12 3.02 3.83
CA LYS A 17 1.56 3.34 3.88
C LYS A 17 2.36 2.28 3.15
N ASP A 18 1.94 1.02 3.25
CA ASP A 18 2.68 -0.07 2.62
C ASP A 18 2.56 0.00 1.10
N LYS A 19 1.38 0.37 0.60
CA LYS A 19 1.17 0.44 -0.84
C LYS A 19 1.89 1.64 -1.46
N PHE A 20 1.91 2.77 -0.75
CA PHE A 20 2.50 3.99 -1.29
C PHE A 20 4.03 3.89 -1.35
N LEU A 21 4.65 3.49 -0.24
CA LEU A 21 6.11 3.56 -0.14
C LEU A 21 6.79 2.57 -1.07
N LYS A 22 6.15 1.44 -1.37
CA LYS A 22 6.74 0.49 -2.31
C LYS A 22 6.88 1.10 -3.70
N HIS A 23 5.92 1.93 -4.10
CA HIS A 23 6.02 2.64 -5.37
C HIS A 23 7.26 3.53 -5.42
N LEU A 24 7.61 4.14 -4.29
CA LEU A 24 8.75 5.05 -4.26
C LEU A 24 10.08 4.28 -4.32
N THR A 25 10.16 3.14 -3.64
CA THR A 25 11.41 2.41 -3.51
C THR A 25 11.55 1.27 -4.51
N GLY A 26 10.46 0.84 -5.14
CA GLY A 26 10.50 -0.26 -6.08
C GLY A 26 10.65 -1.59 -5.38
N PRO A 27 10.98 -2.63 -6.15
CA PRO A 27 11.13 -3.98 -5.57
C PRO A 27 12.43 -4.12 -4.79
N LEU A 28 12.44 -3.53 -3.60
CA LEU A 28 13.62 -3.55 -2.75
C LEU A 28 13.72 -4.87 -2.00
N TYR A 29 14.94 -5.38 -1.89
CA TYR A 29 15.23 -6.62 -1.17
C TYR A 29 16.02 -6.31 0.10
N PHE A 30 15.73 -7.05 1.17
CA PHE A 30 16.41 -6.90 2.45
C PHE A 30 16.93 -8.24 2.91
N SER A 31 18.19 -8.28 3.33
CA SER A 31 18.80 -9.51 3.80
C SER A 31 18.24 -9.89 5.17
N PRO A 32 18.40 -11.15 5.57
CA PRO A 32 17.95 -11.55 6.92
C PRO A 32 18.64 -10.79 8.04
N LYS A 33 19.87 -10.34 7.84
CA LYS A 33 20.57 -9.57 8.86
C LYS A 33 19.91 -8.23 9.14
N CYS A 34 19.10 -7.73 8.20
CA CYS A 34 18.42 -6.45 8.34
C CYS A 34 16.91 -6.62 8.57
N SER A 35 16.48 -7.81 9.00
CA SER A 35 15.05 -8.03 9.25
C SER A 35 14.55 -7.12 10.36
N LYS A 36 15.26 -7.07 11.48
CA LYS A 36 14.86 -6.20 12.58
C LYS A 36 15.29 -4.75 12.33
N HIS A 37 16.36 -4.55 11.56
CA HIS A 37 16.73 -3.20 11.16
C HIS A 37 15.65 -2.58 10.28
N PHE A 38 15.09 -3.38 9.36
CA PHE A 38 14.00 -2.89 8.52
C PHE A 38 12.75 -2.60 9.33
N HIS A 39 12.40 -3.50 10.26
CA HIS A 39 11.19 -3.30 11.07
C HIS A 39 11.30 -2.05 11.93
N ARG A 40 12.46 -1.83 12.56
CA ARG A 40 12.65 -0.66 13.40
C ARG A 40 12.55 0.63 12.58
N LEU A 41 13.21 0.66 11.41
CA LEU A 41 13.17 1.84 10.57
C LEU A 41 11.78 2.09 10.00
N TYR A 42 11.12 1.03 9.52
CA TYR A 42 9.85 1.19 8.83
C TYR A 42 8.74 1.63 9.79
N HIS A 43 8.73 1.09 11.00
CA HIS A 43 7.60 1.27 11.91
C HIS A 43 7.86 2.23 13.06
N ASN A 44 9.10 2.36 13.51
CA ASN A 44 9.38 3.09 14.75
C ASN A 44 10.08 4.43 14.57
N THR A 45 10.71 4.67 13.42
CA THR A 45 11.41 5.93 13.21
C THR A 45 10.43 7.06 12.90
N ARG A 46 10.79 8.27 13.31
CA ARG A 46 9.92 9.43 13.09
C ARG A 46 9.68 9.69 11.61
N ASP A 47 10.68 9.44 10.77
CA ASP A 47 10.55 9.75 9.35
C ASP A 47 9.50 8.85 8.67
N CYS A 48 9.38 7.59 9.13
CA CYS A 48 8.49 6.63 8.51
C CYS A 48 7.14 6.55 9.20
N THR A 49 6.88 7.43 10.16
CA THR A 49 5.60 7.47 10.85
C THR A 49 4.76 8.70 10.52
N ILE A 50 5.40 9.79 10.09
CA ILE A 50 4.70 11.00 9.70
C ILE A 50 4.52 10.97 8.18
N PRO A 51 3.29 11.01 7.67
CA PRO A 51 3.11 10.95 6.21
C PRO A 51 3.76 12.09 5.47
N ALA A 52 3.91 13.25 6.12
CA ALA A 52 4.58 14.39 5.48
C ALA A 52 6.04 14.10 5.18
N TYR A 53 6.63 13.09 5.81
CA TYR A 53 8.03 12.74 5.61
C TYR A 53 8.20 11.41 4.87
N TYR A 54 7.20 11.01 4.08
CA TYR A 54 7.32 9.76 3.33
C TYR A 54 8.40 9.85 2.25
N LYS A 55 8.67 11.05 1.75
CA LYS A 55 9.83 11.24 0.86
C LYS A 55 11.13 10.90 1.58
N ARG A 56 11.19 11.17 2.89
CA ARG A 56 12.35 10.78 3.68
C ARG A 56 12.41 9.26 3.86
N CYS A 57 11.27 8.65 4.20
CA CYS A 57 11.25 7.22 4.46
C CYS A 57 11.65 6.41 3.23
N ALA A 58 11.24 6.88 2.04
CA ALA A 58 11.64 6.19 0.81
C ALA A 58 13.15 6.20 0.62
N ARG A 59 13.79 7.33 0.91
CA ARG A 59 15.25 7.41 0.79
C ARG A 59 15.94 6.61 1.90
N LEU A 60 15.32 6.52 3.08
CA LEU A 60 15.90 5.72 4.15
C LEU A 60 15.95 4.23 3.77
N LEU A 61 14.84 3.69 3.27
CA LEU A 61 14.80 2.27 2.93
C LEU A 61 15.74 1.95 1.79
N THR A 62 15.86 2.84 0.80
CA THR A 62 16.75 2.60 -0.33
C THR A 62 18.21 2.57 0.13
N ARG A 63 18.61 3.54 0.97
CA ARG A 63 19.96 3.53 1.50
C ARG A 63 20.21 2.33 2.41
N LEU A 64 19.15 1.78 3.00
CA LEU A 64 19.32 0.60 3.84
C LEU A 64 19.73 -0.62 3.02
N ALA A 65 19.14 -0.80 1.84
CA ALA A 65 19.43 -1.98 1.03
C ALA A 65 20.87 -1.99 0.55
N VAL A 66 21.49 -0.82 0.35
CA VAL A 66 22.86 -0.75 -0.15
C VAL A 66 23.89 -0.72 0.97
N SER A 67 23.47 -0.78 2.22
CA SER A 67 24.41 -0.82 3.33
C SER A 67 25.11 -2.18 3.38
N PRO A 68 26.35 -2.23 3.90
CA PRO A 68 27.07 -3.51 3.96
C PRO A 68 26.34 -4.60 4.73
N VAL A 69 25.49 -4.24 5.69
CA VAL A 69 24.79 -5.25 6.48
C VAL A 69 23.72 -5.94 5.65
N CYS A 70 22.98 -5.18 4.83
CA CYS A 70 21.84 -5.69 4.08
C CYS A 70 22.21 -6.19 2.70
N MET A 71 23.51 -6.32 2.39
CA MET A 71 23.93 -6.77 1.07
C MET A 71 23.60 -8.25 0.89
N GLU A 72 23.98 -8.78 -0.28
CA GLU A 72 23.68 -10.15 -0.68
C GLU A 72 22.17 -10.39 -0.71
N PRO B 32 13.19 -2.46 -15.68
CA PRO B 32 12.77 -1.84 -16.94
C PRO B 32 13.22 -0.38 -17.04
N THR B 33 13.53 0.06 -18.26
CA THR B 33 13.93 1.44 -18.53
C THR B 33 12.78 2.29 -19.01
N VAL B 34 11.57 2.05 -18.49
CA VAL B 34 10.39 2.83 -18.84
C VAL B 34 10.23 3.95 -17.82
N HIS B 35 11.32 4.32 -17.17
CA HIS B 35 11.28 5.33 -16.10
C HIS B 35 11.48 6.71 -16.72
N TRP B 36 10.37 7.38 -17.02
CA TRP B 36 10.38 8.73 -17.54
C TRP B 36 10.14 9.69 -16.38
N LEU B 37 11.14 10.51 -16.07
CA LEU B 37 11.06 11.46 -14.97
C LEU B 37 11.06 12.88 -15.52
N PHE B 38 10.08 13.67 -15.10
CA PHE B 38 9.91 15.05 -15.54
C PHE B 38 10.17 16.00 -14.38
N THR B 39 11.00 17.01 -14.62
CA THR B 39 11.31 17.99 -13.59
C THR B 39 11.04 19.41 -14.10
N THR B 40 11.40 20.42 -13.31
CA THR B 40 11.26 21.81 -13.73
C THR B 40 12.34 22.26 -14.69
N CYS B 41 13.24 21.36 -15.09
CA CYS B 41 14.34 21.68 -16.01
C CYS B 41 15.24 22.78 -15.45
N GLY B 42 15.35 22.85 -14.12
CA GLY B 42 16.13 23.86 -13.47
C GLY B 42 15.44 25.20 -13.30
N ALA B 43 14.27 25.39 -13.88
CA ALA B 43 13.55 26.65 -13.73
C ALA B 43 12.96 26.77 -12.34
N SER B 44 12.86 28.02 -11.87
CA SER B 44 12.30 28.30 -10.56
C SER B 44 11.70 29.70 -10.58
N GLY B 45 10.58 29.87 -9.87
CA GLY B 45 9.93 31.15 -9.80
C GLY B 45 8.55 31.14 -10.43
N PRO B 46 8.06 32.33 -10.84
CA PRO B 46 6.71 32.43 -11.40
C PRO B 46 6.62 32.06 -12.87
N HIS B 47 7.73 31.75 -13.53
CA HIS B 47 7.72 31.45 -14.96
C HIS B 47 8.24 30.04 -15.18
N GLY B 48 7.79 29.44 -16.29
CA GLY B 48 8.14 28.08 -16.60
C GLY B 48 9.48 27.98 -17.29
N PRO B 49 9.90 26.75 -17.54
CA PRO B 49 11.19 26.52 -18.20
C PRO B 49 11.10 26.78 -19.70
N THR B 50 12.28 26.92 -20.31
CA THR B 50 12.39 27.11 -21.74
C THR B 50 12.75 25.78 -22.42
N GLN B 51 12.63 25.77 -23.75
CA GLN B 51 12.99 24.58 -24.52
C GLN B 51 14.46 24.25 -24.34
N ALA B 52 15.32 25.27 -24.32
CA ALA B 52 16.75 25.04 -24.16
C ALA B 52 17.07 24.47 -22.78
N GLN B 53 16.35 24.92 -21.75
CA GLN B 53 16.62 24.43 -20.40
C GLN B 53 16.28 22.95 -20.27
N CYS B 54 15.17 22.51 -20.87
CA CYS B 54 14.78 21.11 -20.76
C CYS B 54 15.64 20.22 -21.66
N ASN B 55 16.17 20.75 -22.75
CA ASN B 55 17.08 19.98 -23.58
C ASN B 55 18.35 19.61 -22.80
N ASN B 56 18.79 20.49 -21.90
CA ASN B 56 19.96 20.18 -21.08
C ASN B 56 19.59 19.32 -19.89
N ALA B 57 18.41 19.54 -19.30
CA ALA B 57 18.01 18.77 -18.12
C ALA B 57 17.82 17.30 -18.45
N TYR B 58 17.38 16.98 -19.67
CA TYR B 58 17.14 15.60 -20.07
C TYR B 58 18.25 15.04 -20.93
N GLN B 59 19.45 15.62 -20.86
CA GLN B 59 20.59 15.11 -21.63
C GLN B 59 20.97 13.72 -21.11
N ASN B 60 21.40 12.86 -22.04
CA ASN B 60 21.79 11.49 -21.75
C ASN B 60 20.67 10.69 -21.09
N SER B 61 19.43 11.13 -21.25
CA SER B 61 18.26 10.43 -20.74
C SER B 61 17.48 9.81 -21.90
N ASN B 62 16.45 9.05 -21.56
CA ASN B 62 15.56 8.47 -22.55
C ASN B 62 14.35 9.35 -22.83
N LEU B 63 14.41 10.63 -22.47
CA LEU B 63 13.26 11.53 -22.54
C LEU B 63 13.58 12.72 -23.43
N SER B 64 12.62 13.07 -24.29
CA SER B 64 12.69 14.27 -25.12
C SER B 64 11.29 14.84 -25.26
N VAL B 65 11.13 16.12 -24.91
CA VAL B 65 9.82 16.76 -24.88
C VAL B 65 9.88 18.08 -25.65
N GLU B 66 8.70 18.56 -26.03
CA GLU B 66 8.54 19.88 -26.61
C GLU B 66 8.03 20.84 -25.56
N VAL B 67 8.52 22.08 -25.61
CA VAL B 67 8.16 23.12 -24.66
C VAL B 67 7.48 24.26 -25.41
N GLY B 68 6.33 24.71 -24.90
CA GLY B 68 5.66 25.86 -25.47
C GLY B 68 6.52 27.10 -25.42
N SER B 69 6.65 27.79 -26.56
CA SER B 69 7.54 28.93 -26.65
C SER B 69 6.85 30.25 -26.33
N GLU B 70 5.54 30.34 -26.46
CA GLU B 70 4.83 31.58 -26.19
C GLU B 70 3.35 31.28 -26.01
N GLY B 71 2.66 32.20 -25.35
CA GLY B 71 1.24 32.06 -25.13
C GLY B 71 0.93 31.33 -23.85
N PRO B 72 -0.31 30.82 -23.74
CA PRO B 72 -0.70 30.08 -22.52
C PRO B 72 0.02 28.76 -22.36
N LEU B 73 0.65 28.24 -23.41
CA LEU B 73 1.39 26.99 -23.34
C LEU B 73 2.87 27.21 -23.00
N LYS B 74 3.27 28.44 -22.71
CA LYS B 74 4.66 28.74 -22.39
C LYS B 74 5.07 28.05 -21.10
N GLY B 75 6.16 27.27 -21.17
CA GLY B 75 6.66 26.54 -20.03
C GLY B 75 6.03 25.18 -19.81
N ILE B 76 5.09 24.78 -20.65
CA ILE B 76 4.43 23.48 -20.53
C ILE B 76 5.16 22.47 -21.41
N GLN B 77 5.52 21.33 -20.84
CA GLN B 77 6.23 20.28 -21.57
C GLN B 77 5.23 19.34 -22.24
N ILE B 78 5.52 18.99 -23.48
CA ILE B 78 4.64 18.14 -24.30
C ILE B 78 5.40 16.85 -24.61
N TRP B 79 4.86 15.73 -24.16
CA TRP B 79 5.49 14.42 -24.34
C TRP B 79 4.60 13.53 -25.20
N LYS B 80 5.23 12.80 -26.12
CA LYS B 80 4.53 11.90 -27.01
C LYS B 80 4.54 10.49 -26.41
N VAL B 81 3.36 9.92 -26.20
CA VAL B 81 3.26 8.57 -25.63
C VAL B 81 3.78 7.56 -26.64
N PRO B 82 4.72 6.68 -26.26
CA PRO B 82 5.35 5.81 -27.26
C PRO B 82 4.56 4.55 -27.62
N ALA B 83 3.71 4.07 -26.71
CA ALA B 83 3.03 2.80 -26.97
C ALA B 83 1.76 2.73 -26.16
N THR B 84 0.81 1.93 -26.66
CA THR B 84 -0.45 1.67 -25.96
C THR B 84 -0.23 0.63 -24.86
N ASP B 85 -0.47 1.02 -23.61
CA ASP B 85 -0.27 0.14 -22.47
C ASP B 85 -0.94 0.78 -21.26
N THR B 86 -0.82 0.11 -20.11
CA THR B 86 -1.34 0.62 -18.85
C THR B 86 -0.20 1.31 -18.11
N TYR B 87 -0.34 2.62 -17.89
CA TYR B 87 0.71 3.45 -17.33
C TYR B 87 0.38 3.86 -15.91
N SER B 88 1.43 4.04 -15.10
CA SER B 88 1.31 4.55 -13.74
C SER B 88 1.86 5.97 -13.71
N ILE B 89 0.97 6.95 -13.57
CA ILE B 89 1.33 8.36 -13.60
C ILE B 89 1.39 8.87 -12.17
N SER B 90 2.59 9.27 -11.74
CA SER B 90 2.83 9.76 -10.38
C SER B 90 3.02 11.27 -10.44
N GLY B 91 2.03 12.02 -9.96
CA GLY B 91 2.08 13.48 -9.94
C GLY B 91 2.47 14.01 -8.57
N TYR B 92 3.33 15.03 -8.58
CA TYR B 92 3.81 15.67 -7.35
C TYR B 92 3.65 17.17 -7.48
N GLY B 93 2.94 17.78 -6.54
CA GLY B 93 2.83 19.23 -6.49
C GLY B 93 4.08 19.85 -5.91
N ALA B 94 4.08 21.18 -5.87
CA ALA B 94 5.20 21.94 -5.33
C ALA B 94 4.81 22.55 -3.99
N ALA B 95 5.81 22.77 -3.14
CA ALA B 95 5.57 23.32 -1.82
C ALA B 95 5.51 24.84 -1.87
N GLY B 96 4.93 25.43 -0.83
CA GLY B 96 4.82 26.86 -0.73
C GLY B 96 6.12 27.52 -0.30
N GLY B 97 6.06 28.84 -0.13
CA GLY B 97 7.22 29.60 0.26
C GLY B 97 7.42 29.64 1.77
N LYS B 98 8.65 29.90 2.17
CA LYS B 98 8.98 30.01 3.58
C LYS B 98 8.41 31.30 4.17
N GLY B 99 8.26 31.30 5.49
CA GLY B 99 7.77 32.47 6.19
C GLY B 99 8.78 33.59 6.28
N GLY B 100 8.55 34.54 7.19
CA GLY B 100 9.44 35.66 7.34
C GLY B 100 10.52 35.40 8.38
N LYS B 101 10.48 36.13 9.50
CA LYS B 101 11.49 35.94 10.53
C LYS B 101 11.41 34.55 11.16
N ASN B 102 10.21 33.96 11.23
CA ASN B 102 10.06 32.65 11.86
C ASN B 102 10.70 31.55 11.01
N THR B 103 10.54 31.63 9.69
CA THR B 103 11.02 30.60 8.76
C THR B 103 10.57 29.21 9.21
N MET B 104 9.25 29.07 9.39
CA MET B 104 8.68 27.81 9.85
C MET B 104 8.62 26.79 8.72
N MET B 105 8.18 25.58 9.04
CA MET B 105 8.10 24.52 8.06
C MET B 105 7.12 24.88 6.96
N ARG B 106 7.59 24.85 5.71
CA ARG B 106 6.75 25.22 4.59
C ARG B 106 5.65 24.18 4.37
N SER B 107 4.53 24.64 3.82
CA SER B 107 3.44 23.72 3.49
C SER B 107 3.83 22.89 2.27
N HIS B 108 3.85 21.58 2.43
CA HIS B 108 4.34 20.69 1.39
C HIS B 108 3.31 20.56 0.26
N GLY B 109 3.79 20.13 -0.91
CA GLY B 109 2.92 19.86 -2.02
C GLY B 109 2.22 18.53 -1.90
N VAL B 110 1.24 18.31 -2.77
CA VAL B 110 0.37 17.14 -2.71
C VAL B 110 0.81 16.14 -3.75
N SER B 111 0.70 14.86 -3.42
CA SER B 111 1.07 13.77 -4.31
C SER B 111 -0.19 13.03 -4.76
N VAL B 112 -0.36 12.91 -6.07
CA VAL B 112 -1.49 12.20 -6.66
C VAL B 112 -0.92 11.15 -7.61
N LEU B 113 -1.12 9.87 -7.27
CA LEU B 113 -0.60 8.76 -8.06
C LEU B 113 -1.79 8.01 -8.67
N GLY B 114 -1.79 7.87 -9.99
CA GLY B 114 -2.91 7.27 -10.67
C GLY B 114 -2.46 6.27 -11.72
N ILE B 115 -3.41 5.44 -12.15
CA ILE B 115 -3.19 4.42 -13.16
C ILE B 115 -4.11 4.72 -14.34
N PHE B 116 -3.52 4.82 -15.53
CA PHE B 116 -4.27 5.24 -16.71
C PHE B 116 -3.93 4.35 -17.90
N ASN B 117 -4.90 4.23 -18.81
CA ASN B 117 -4.68 3.60 -20.11
C ASN B 117 -4.41 4.69 -21.15
N LEU B 118 -3.30 4.55 -21.86
CA LEU B 118 -2.90 5.51 -22.87
C LEU B 118 -2.71 4.80 -24.20
N GLU B 119 -2.96 5.52 -25.28
CA GLU B 119 -2.79 5.00 -26.64
C GLU B 119 -1.49 5.52 -27.25
N LYS B 120 -1.02 4.80 -28.27
CA LYS B 120 0.18 5.20 -28.99
C LYS B 120 -0.02 6.57 -29.64
N ASP B 121 1.02 7.40 -29.58
CA ASP B 121 1.10 8.72 -30.18
C ASP B 121 0.18 9.74 -29.53
N ASP B 122 -0.36 9.45 -28.35
CA ASP B 122 -1.09 10.46 -27.61
C ASP B 122 -0.14 11.53 -27.10
N MET B 123 -0.57 12.79 -27.18
CA MET B 123 0.26 13.94 -26.82
C MET B 123 -0.10 14.36 -25.40
N LEU B 124 0.75 13.98 -24.44
CA LEU B 124 0.55 14.33 -23.05
C LEU B 124 1.20 15.68 -22.76
N TYR B 125 0.42 16.60 -22.19
CA TYR B 125 0.90 17.90 -21.78
C TYR B 125 1.21 17.86 -20.29
N ILE B 126 2.43 18.26 -19.93
CA ILE B 126 2.91 18.19 -18.56
C ILE B 126 3.40 19.56 -18.14
N LEU B 127 2.82 20.10 -17.06
CA LEU B 127 3.28 21.32 -16.44
C LEU B 127 3.82 20.95 -15.06
N VAL B 128 5.13 21.07 -14.88
CA VAL B 128 5.78 20.71 -13.64
C VAL B 128 5.73 21.90 -12.70
N GLY B 129 5.04 21.75 -11.57
CA GLY B 129 4.88 22.85 -10.64
C GLY B 129 6.19 23.26 -10.01
N GLN B 130 6.40 24.56 -9.88
CA GLN B 130 7.60 25.13 -9.29
C GLN B 130 7.28 25.70 -7.91
N GLN B 131 8.30 25.69 -7.04
CA GLN B 131 8.12 26.15 -5.68
C GLN B 131 7.80 27.63 -5.62
N GLY B 132 6.92 27.99 -4.68
CA GLY B 132 6.66 29.40 -4.45
C GLY B 132 7.85 30.10 -3.82
N GLU B 133 7.99 31.38 -4.15
CA GLU B 133 9.16 32.14 -3.70
C GLU B 133 9.12 32.34 -2.19
N ASP B 134 10.28 32.18 -1.56
CA ASP B 134 10.41 32.41 -0.13
C ASP B 134 10.52 33.91 0.15
N ALA B 135 10.22 34.28 1.39
CA ALA B 135 10.37 35.67 1.79
C ALA B 135 11.84 36.02 2.01
N CYS B 136 12.54 35.19 2.77
CA CYS B 136 13.94 35.44 3.10
C CYS B 136 14.81 34.27 2.64
N PRO B 137 16.05 34.53 2.20
CA PRO B 137 16.66 35.87 2.10
C PRO B 137 16.20 36.65 0.87
N SER B 138 16.64 37.91 0.76
CA SER B 138 16.29 38.75 -0.37
C SER B 138 17.49 39.57 -0.79
N THR B 139 17.41 40.13 -2.00
CA THR B 139 18.50 40.91 -2.58
C THR B 139 18.45 42.40 -2.23
N ASN B 140 17.35 42.88 -1.67
CA ASN B 140 17.24 44.28 -1.32
C ASN B 140 17.98 44.56 -0.01
N GLN B 141 18.69 45.68 0.01
CA GLN B 141 19.50 46.03 1.18
C GLN B 141 18.64 46.23 2.41
N LEU B 142 17.52 46.95 2.26
CA LEU B 142 16.65 47.22 3.40
C LEU B 142 15.89 45.98 3.84
N ILE B 143 15.51 45.11 2.90
CA ILE B 143 14.74 43.91 3.24
C ILE B 143 15.56 42.96 4.10
N GLN B 144 16.82 42.75 3.75
CA GLN B 144 17.64 41.76 4.45
C GLN B 144 17.81 42.11 5.92
N LYS B 145 17.81 43.40 6.26
CA LYS B 145 17.89 43.79 7.65
C LYS B 145 16.63 43.37 8.42
N VAL B 146 15.50 43.28 7.74
CA VAL B 146 14.29 42.78 8.38
C VAL B 146 14.35 41.27 8.56
N CYS B 147 14.94 40.57 7.59
CA CYS B 147 15.01 39.11 7.65
C CYS B 147 15.87 38.65 8.82
N ILE B 148 16.99 39.33 9.07
CA ILE B 148 17.88 38.93 10.16
C ILE B 148 17.43 39.45 11.51
N GLY B 149 16.33 40.20 11.57
CA GLY B 149 15.77 40.65 12.82
C GLY B 149 16.35 41.94 13.37
N GLU B 150 17.08 42.70 12.56
CA GLU B 150 17.64 43.97 13.03
C GLU B 150 16.67 45.12 12.84
N ASN B 151 15.91 45.12 11.75
CA ASN B 151 14.92 46.15 11.46
C ASN B 151 13.56 45.64 11.93
N ASN B 152 12.99 46.29 12.94
CA ASN B 152 11.76 45.85 13.56
C ASN B 152 10.60 46.80 13.29
N VAL B 153 10.61 47.45 12.11
CA VAL B 153 9.51 48.33 11.76
C VAL B 153 8.21 47.54 11.64
N ILE B 154 8.30 46.31 11.12
CA ILE B 154 7.10 45.48 10.98
C ILE B 154 6.52 45.15 12.34
N GLU B 155 7.37 44.71 13.27
CA GLU B 155 6.91 44.46 14.63
C GLU B 155 6.43 45.74 15.32
N GLU B 156 7.03 46.89 14.98
CA GLU B 156 6.64 48.14 15.61
C GLU B 156 5.24 48.58 15.20
N GLU B 157 4.94 48.55 13.89
CA GLU B 157 3.62 48.97 13.44
C GLU B 157 2.53 48.06 13.98
N ILE B 158 2.83 46.77 14.15
CA ILE B 158 1.85 45.84 14.71
C ILE B 158 1.52 46.21 16.15
N ARG B 159 2.55 46.51 16.95
CA ARG B 159 2.32 46.84 18.35
C ARG B 159 1.57 48.17 18.50
N VAL B 160 1.81 49.13 17.61
CA VAL B 160 1.23 50.45 17.77
C VAL B 160 -0.19 50.50 17.22
N ASN B 161 -0.39 49.99 16.00
CA ASN B 161 -1.66 50.16 15.29
C ASN B 161 -2.39 48.84 15.07
N ARG B 162 -2.00 47.80 15.79
CA ARG B 162 -2.73 46.55 15.95
C ARG B 162 -2.84 45.71 14.66
N SER B 163 -2.36 46.21 13.53
CA SER B 163 -2.43 45.44 12.29
C SER B 163 -1.44 46.01 11.29
N VAL B 164 -1.26 45.28 10.19
CA VAL B 164 -0.33 45.66 9.13
C VAL B 164 -1.13 46.36 8.03
N HIS B 165 -0.91 47.67 7.88
CA HIS B 165 -1.53 48.45 6.82
C HIS B 165 -0.52 49.16 5.93
N GLU B 166 0.63 49.54 6.46
CA GLU B 166 1.63 50.31 5.73
C GLU B 166 2.83 49.47 5.30
N TRP B 167 3.46 48.77 6.23
CA TRP B 167 4.67 47.99 5.95
C TRP B 167 4.29 46.54 5.66
N ALA B 168 3.69 46.35 4.50
CA ALA B 168 3.22 45.03 4.10
C ALA B 168 4.37 44.20 3.53
N GLY B 169 4.19 42.88 3.56
CA GLY B 169 5.16 41.93 3.06
C GLY B 169 5.75 41.08 4.17
N GLY B 170 6.50 40.07 3.75
CA GLY B 170 7.16 39.16 4.67
C GLY B 170 6.68 37.72 4.59
N GLY B 171 5.57 37.45 3.92
CA GLY B 171 5.12 36.09 3.75
C GLY B 171 5.58 35.48 2.43
N GLY B 172 5.64 34.16 2.41
CA GLY B 172 6.05 33.46 1.22
C GLY B 172 4.95 33.37 0.18
N GLY B 173 5.37 33.12 -1.06
CA GLY B 173 4.42 32.97 -2.14
C GLY B 173 3.83 31.57 -2.21
N GLY B 174 2.71 31.47 -2.93
CA GLY B 174 2.04 30.18 -3.07
C GLY B 174 2.80 29.28 -4.02
N GLY B 175 2.79 27.98 -3.71
CA GLY B 175 3.46 27.01 -4.55
C GLY B 175 2.65 26.65 -5.78
N GLY B 176 3.37 26.32 -6.85
CA GLY B 176 2.70 25.94 -8.08
C GLY B 176 2.22 24.50 -8.06
N ALA B 177 1.20 24.23 -8.86
CA ALA B 177 0.64 22.90 -8.99
C ALA B 177 1.19 22.21 -10.23
N THR B 178 1.14 20.88 -10.21
CA THR B 178 1.57 20.06 -11.33
C THR B 178 0.34 19.60 -12.10
N TYR B 179 0.28 19.94 -13.38
CA TYR B 179 -0.85 19.61 -14.24
C TYR B 179 -0.41 18.60 -15.29
N VAL B 180 -1.15 17.50 -15.41
CA VAL B 180 -0.94 16.50 -16.43
C VAL B 180 -2.26 16.33 -17.18
N PHE B 181 -2.28 16.74 -18.44
CA PHE B 181 -3.52 16.70 -19.21
C PHE B 181 -3.19 16.38 -20.67
N LYS B 182 -4.20 15.95 -21.40
CA LYS B 182 -4.09 15.67 -22.82
C LYS B 182 -5.22 16.36 -23.55
N MET B 183 -4.91 16.91 -24.72
CA MET B 183 -5.88 17.67 -25.50
C MET B 183 -6.85 16.73 -26.20
N LYS B 184 -8.15 17.00 -26.05
CA LYS B 184 -9.15 16.38 -26.92
C LYS B 184 -9.25 17.22 -28.20
N ASP B 185 -10.36 17.07 -28.92
CA ASP B 185 -10.54 17.74 -30.21
C ASP B 185 -10.14 19.22 -30.16
N GLY B 186 -10.70 19.96 -29.22
CA GLY B 186 -10.35 21.37 -29.10
C GLY B 186 -10.20 21.87 -27.68
N VAL B 187 -10.48 21.01 -26.70
CA VAL B 187 -10.54 21.39 -25.29
C VAL B 187 -9.57 20.50 -24.52
N PRO B 188 -8.75 21.05 -23.64
CA PRO B 188 -7.89 20.20 -22.80
C PRO B 188 -8.70 19.49 -21.73
N VAL B 189 -8.33 18.25 -21.44
CA VAL B 189 -9.00 17.42 -20.46
C VAL B 189 -7.97 16.98 -19.42
N PRO B 190 -8.17 17.29 -18.14
CA PRO B 190 -7.17 16.94 -17.13
C PRO B 190 -7.23 15.47 -16.75
N LEU B 191 -6.05 14.93 -16.44
CA LEU B 191 -5.92 13.57 -15.96
C LEU B 191 -5.44 13.53 -14.52
N ILE B 192 -4.30 14.15 -14.23
CA ILE B 192 -3.76 14.22 -12.88
C ILE B 192 -3.39 15.66 -12.58
N ILE B 193 -3.89 16.18 -11.47
CA ILE B 193 -3.54 17.51 -10.99
C ILE B 193 -3.07 17.37 -9.54
N ALA B 194 -1.79 17.64 -9.31
CA ALA B 194 -1.20 17.57 -7.98
C ALA B 194 -1.12 18.99 -7.43
N ALA B 195 -2.00 19.31 -6.49
CA ALA B 195 -2.10 20.66 -5.98
C ALA B 195 -0.80 21.10 -5.30
N GLY B 196 -0.54 22.41 -5.36
CA GLY B 196 0.62 22.97 -4.70
C GLY B 196 0.32 23.45 -3.29
N GLY B 197 1.36 23.58 -2.49
CA GLY B 197 1.19 24.02 -1.12
C GLY B 197 1.09 25.53 -0.99
N GLY B 198 0.35 25.97 0.03
CA GLY B 198 0.19 27.38 0.27
C GLY B 198 1.43 28.01 0.88
N GLY B 199 1.52 29.33 0.72
CA GLY B 199 2.65 30.06 1.26
C GLY B 199 2.53 30.27 2.76
N ARG B 200 3.66 30.15 3.45
CA ARG B 200 3.70 30.36 4.88
C ARG B 200 3.69 31.85 5.18
N ALA B 201 2.87 32.25 6.15
CA ALA B 201 2.75 33.65 6.51
C ALA B 201 4.00 34.13 7.23
N TYR B 202 4.11 35.46 7.38
CA TYR B 202 5.27 36.05 8.04
C TYR B 202 5.36 35.61 9.49
N GLY B 203 4.32 35.86 10.27
CA GLY B 203 4.35 35.54 11.69
C GLY B 203 3.63 34.26 12.05
N ALA B 204 3.61 33.30 11.14
CA ALA B 204 2.90 32.03 11.34
C ALA B 204 3.71 31.14 12.29
N LYS B 205 3.44 31.28 13.59
CA LYS B 205 4.09 30.41 14.57
C LYS B 205 3.52 29.00 14.57
N THR B 206 2.36 28.79 13.96
CA THR B 206 1.73 27.49 13.88
C THR B 206 1.60 27.06 12.43
N ASP B 207 1.44 25.75 12.24
CA ASP B 207 1.37 25.13 10.91
C ASP B 207 -0.01 24.55 10.62
N THR B 208 -1.01 24.89 11.43
CA THR B 208 -2.42 24.49 11.32
C THR B 208 -2.73 23.05 10.91
N PHE B 209 -1.79 22.32 10.29
CA PHE B 209 -1.98 20.91 9.94
C PHE B 209 -3.29 20.68 9.19
N HIS B 210 -3.45 21.39 8.06
CA HIS B 210 -4.73 21.33 7.35
C HIS B 210 -4.80 20.08 6.47
N PRO B 211 -5.98 19.46 6.36
CA PRO B 211 -6.12 18.25 5.55
C PRO B 211 -6.16 18.56 4.06
N GLU B 212 -6.01 17.49 3.27
CA GLU B 212 -5.98 17.58 1.81
C GLU B 212 -7.40 17.62 1.25
N ARG B 213 -7.49 17.97 -0.03
CA ARG B 213 -8.75 17.98 -0.76
C ARG B 213 -8.52 17.44 -2.17
N LEU B 214 -9.43 16.57 -2.62
CA LEU B 214 -9.31 15.93 -3.94
C LEU B 214 -10.68 15.84 -4.58
N GLU B 215 -10.82 16.40 -5.77
CA GLU B 215 -12.04 16.36 -6.55
C GLU B 215 -11.88 15.42 -7.74
N ASN B 216 -12.98 14.77 -8.13
CA ASN B 216 -12.95 13.87 -9.28
C ASN B 216 -14.17 14.00 -10.17
N ASN B 217 -14.96 15.07 -10.03
CA ASN B 217 -16.15 15.29 -10.84
C ASN B 217 -15.90 16.51 -11.72
N SER B 218 -15.80 16.26 -13.03
CA SER B 218 -15.51 17.33 -13.98
C SER B 218 -16.62 18.37 -14.08
N SER B 219 -17.83 18.05 -13.60
CA SER B 219 -18.89 19.05 -13.62
C SER B 219 -18.65 20.18 -12.63
N VAL B 220 -17.79 19.96 -11.63
CA VAL B 220 -17.36 21.02 -10.74
C VAL B 220 -16.20 21.76 -11.40
N LEU B 221 -16.38 23.05 -11.64
CA LEU B 221 -15.41 23.85 -12.38
C LEU B 221 -14.34 24.37 -11.42
N GLY B 222 -13.08 24.22 -11.80
CA GLY B 222 -11.96 24.60 -10.97
C GLY B 222 -11.57 26.06 -11.07
N LEU B 223 -12.31 26.93 -10.40
CA LEU B 223 -12.03 28.36 -10.41
C LEU B 223 -10.83 28.67 -9.49
N ASN B 224 -10.36 29.92 -9.59
CA ASN B 224 -9.28 30.38 -8.73
C ASN B 224 -9.74 30.47 -7.28
N GLY B 225 -8.78 30.71 -6.39
CA GLY B 225 -9.09 30.89 -4.99
C GLY B 225 -9.58 32.30 -4.68
N ASN B 226 -10.01 32.48 -3.43
CA ASN B 226 -10.51 33.76 -2.95
C ASN B 226 -9.32 34.67 -2.65
N SER B 227 -8.86 35.37 -3.68
CA SER B 227 -7.75 36.30 -3.51
C SER B 227 -8.17 37.49 -2.65
N GLY B 228 -7.29 37.88 -1.73
CA GLY B 228 -7.54 39.02 -0.88
C GLY B 228 -6.36 39.97 -0.85
N ALA B 229 -5.83 40.25 0.33
CA ALA B 229 -4.59 41.02 0.42
C ALA B 229 -3.45 40.28 -0.28
N ALA B 230 -3.24 39.02 0.08
CA ALA B 230 -2.32 38.16 -0.63
C ALA B 230 -3.05 37.48 -1.78
N GLY B 231 -2.28 37.08 -2.79
CA GLY B 231 -2.89 36.49 -3.98
C GLY B 231 -3.37 35.08 -3.71
N GLY B 232 -4.50 34.73 -4.32
CA GLY B 232 -5.03 33.39 -4.24
C GLY B 232 -4.45 32.46 -5.29
N GLY B 233 -4.81 31.19 -5.18
CA GLY B 233 -4.28 30.20 -6.09
C GLY B 233 -4.97 30.19 -7.43
N GLY B 234 -4.22 29.82 -8.46
CA GLY B 234 -4.79 29.69 -9.80
C GLY B 234 -5.43 28.33 -9.98
N GLY B 235 -6.58 28.33 -10.65
CA GLY B 235 -7.36 27.13 -10.85
C GLY B 235 -7.12 26.51 -12.21
N TRP B 236 -8.08 25.67 -12.63
CA TRP B 236 -8.01 25.03 -13.94
C TRP B 236 -8.46 25.98 -15.04
N ASN B 237 -9.60 26.62 -14.86
CA ASN B 237 -10.17 27.50 -15.89
C ASN B 237 -10.91 28.63 -15.19
N ASP B 238 -10.31 29.83 -15.19
CA ASP B 238 -10.91 31.00 -14.58
C ASP B 238 -10.46 32.23 -15.37
N ASN B 239 -10.88 33.40 -14.90
CA ASN B 239 -10.51 34.69 -15.50
C ASN B 239 -9.78 35.50 -14.44
N THR B 240 -8.46 35.33 -14.37
CA THR B 240 -7.66 36.01 -13.35
C THR B 240 -7.49 37.48 -13.71
N SER B 241 -7.92 38.35 -12.81
CA SER B 241 -7.82 39.79 -13.00
C SER B 241 -6.69 40.42 -12.19
N LEU B 242 -6.61 40.11 -10.90
CA LEU B 242 -5.60 40.70 -10.03
C LEU B 242 -4.21 40.21 -10.43
N LEU B 243 -3.26 41.15 -10.47
CA LEU B 243 -1.89 40.80 -10.84
C LEU B 243 -1.26 39.83 -9.85
N TRP B 244 -1.52 40.02 -8.55
CA TRP B 244 -0.88 39.21 -7.53
C TRP B 244 -1.55 37.86 -7.32
N ALA B 245 -2.63 37.58 -8.04
CA ALA B 245 -3.27 36.28 -7.98
C ALA B 245 -2.65 35.34 -9.01
N GLY B 246 -2.62 34.06 -8.69
CA GLY B 246 -2.07 33.07 -9.60
C GLY B 246 -2.97 32.88 -10.82
N LYS B 247 -2.33 32.79 -11.99
CA LYS B 247 -3.08 32.57 -13.21
C LYS B 247 -3.56 31.12 -13.30
N SER B 248 -4.70 30.93 -13.94
CA SER B 248 -5.25 29.59 -14.10
C SER B 248 -4.44 28.81 -15.14
N LEU B 249 -4.72 27.51 -15.23
CA LEU B 249 -3.99 26.66 -16.16
C LEU B 249 -4.19 27.11 -17.60
N GLN B 250 -5.43 27.40 -17.98
CA GLN B 250 -5.72 27.84 -19.34
C GLN B 250 -5.28 29.28 -19.61
N GLU B 251 -4.72 29.97 -18.62
CA GLU B 251 -4.20 31.32 -18.79
C GLU B 251 -2.68 31.37 -18.74
N GLY B 252 -2.02 30.21 -18.69
CA GLY B 252 -0.57 30.15 -18.61
C GLY B 252 -0.04 29.70 -17.27
N ALA B 253 -0.86 29.71 -16.22
CA ALA B 253 -0.48 29.25 -14.89
C ALA B 253 0.75 30.01 -14.35
N THR B 254 0.94 31.23 -14.81
CA THR B 254 2.05 32.04 -14.33
C THR B 254 1.86 32.39 -12.86
N GLY B 255 2.95 32.35 -12.10
CA GLY B 255 2.87 32.71 -10.70
C GLY B 255 2.45 34.16 -10.53
N GLY B 256 1.59 34.39 -9.54
CA GLY B 256 1.11 35.74 -9.28
C GLY B 256 2.22 36.64 -8.75
N HIS B 257 2.12 37.92 -9.10
CA HIS B 257 3.12 38.89 -8.68
C HIS B 257 3.01 39.17 -7.18
N SER B 258 3.97 39.94 -6.67
CA SER B 258 4.03 40.26 -5.26
C SER B 258 2.86 41.17 -4.85
N CYS B 259 2.75 41.38 -3.54
CA CYS B 259 1.68 42.20 -3.00
C CYS B 259 1.84 43.65 -3.45
N PRO B 260 0.77 44.32 -3.90
CA PRO B 260 0.90 45.73 -4.27
C PRO B 260 1.31 46.61 -3.10
N GLN B 261 0.76 46.36 -1.91
CA GLN B 261 1.12 47.19 -0.76
C GLN B 261 2.51 46.85 -0.23
N ALA B 262 2.98 45.62 -0.46
CA ALA B 262 4.38 45.31 -0.14
C ALA B 262 5.34 46.02 -1.06
N MET B 263 4.83 46.63 -2.12
CA MET B 263 5.59 47.53 -2.97
C MET B 263 5.31 48.97 -2.56
N LYS B 264 6.08 49.90 -3.14
CA LYS B 264 6.01 51.33 -2.85
C LYS B 264 6.51 51.63 -1.44
N LYS B 265 6.71 50.59 -0.65
CA LYS B 265 7.32 50.69 0.67
C LYS B 265 8.52 49.78 0.84
N TRP B 266 8.50 48.60 0.21
CA TRP B 266 9.63 47.67 0.26
C TRP B 266 9.96 47.17 -1.13
N GLY B 267 10.83 46.17 -1.22
CA GLY B 267 11.06 45.44 -2.45
C GLY B 267 10.67 43.98 -2.31
N TRP B 268 9.56 43.72 -1.61
CA TRP B 268 9.15 42.36 -1.29
C TRP B 268 8.62 41.63 -2.52
N GLU B 269 9.53 41.26 -3.43
CA GLU B 269 9.17 40.46 -4.61
C GLU B 269 9.05 38.99 -4.22
N THR B 270 7.98 38.69 -3.50
CA THR B 270 7.65 37.33 -3.10
C THR B 270 6.47 36.89 -3.97
N ARG B 271 6.78 36.18 -5.05
CA ARG B 271 5.78 35.80 -6.04
C ARG B 271 5.43 34.32 -5.94
N GLY B 272 4.32 33.96 -6.57
CA GLY B 272 3.89 32.57 -6.58
C GLY B 272 4.69 31.72 -7.56
N GLY B 273 4.68 30.42 -7.29
CA GLY B 273 5.38 29.49 -8.15
C GLY B 273 4.64 29.23 -9.45
N PHE B 274 5.41 28.86 -10.48
CA PHE B 274 4.83 28.50 -11.76
C PHE B 274 3.87 27.34 -11.62
N GLY B 275 2.62 27.54 -12.03
CA GLY B 275 1.60 26.54 -11.85
C GLY B 275 0.41 27.06 -11.07
N GLY B 276 0.19 28.37 -11.13
CA GLY B 276 -0.95 28.98 -10.45
C GLY B 276 -0.69 29.41 -9.03
N GLY B 277 0.56 29.61 -8.64
CA GLY B 277 0.85 30.03 -7.29
C GLY B 277 0.47 31.48 -7.07
N GLY B 278 -0.07 31.77 -5.87
CA GLY B 278 -0.48 33.11 -5.53
C GLY B 278 0.66 33.95 -4.99
N GLY B 279 0.51 35.26 -5.13
CA GLY B 279 1.55 36.16 -4.68
C GLY B 279 1.56 36.31 -3.17
N GLY B 280 2.73 36.64 -2.65
CA GLY B 280 2.92 36.77 -1.22
C GLY B 280 2.69 38.19 -0.72
N CYS B 281 2.33 38.28 0.55
CA CYS B 281 2.10 39.56 1.22
C CYS B 281 2.55 39.39 2.67
N SER B 282 2.06 40.26 3.56
CA SER B 282 2.22 40.01 4.98
C SER B 282 1.64 38.64 5.36
N SER B 283 0.49 38.31 4.80
CA SER B 283 -0.07 36.97 4.92
C SER B 283 0.48 36.07 3.81
N GLY B 284 0.22 34.77 3.95
CA GLY B 284 0.70 33.82 2.97
C GLY B 284 -0.17 33.76 1.73
N GLY B 285 0.49 33.47 0.60
CA GLY B 285 -0.23 33.34 -0.65
C GLY B 285 -0.82 31.97 -0.86
N GLY B 286 -1.87 31.93 -1.68
CA GLY B 286 -2.55 30.69 -1.95
C GLY B 286 -1.83 29.84 -2.99
N GLY B 287 -1.94 28.52 -2.81
CA GLY B 287 -1.32 27.59 -3.72
C GLY B 287 -2.23 27.24 -4.90
N GLY B 288 -1.59 26.87 -6.02
CA GLY B 288 -2.33 26.52 -7.20
C GLY B 288 -2.86 25.10 -7.19
N GLY B 289 -3.71 24.81 -8.17
CA GLY B 289 -4.30 23.49 -8.31
C GLY B 289 -5.48 23.54 -9.25
N TYR B 290 -6.32 22.51 -9.15
CA TYR B 290 -7.58 22.51 -9.89
C TYR B 290 -8.47 23.65 -9.42
N ILE B 291 -8.73 23.71 -8.12
CA ILE B 291 -9.36 24.87 -7.50
C ILE B 291 -8.28 25.57 -6.67
N GLY B 292 -8.05 26.84 -6.96
CA GLY B 292 -6.98 27.56 -6.29
C GLY B 292 -7.22 27.72 -4.80
N GLY B 293 -6.12 27.75 -4.05
CA GLY B 293 -6.21 27.95 -2.62
C GLY B 293 -6.61 29.37 -2.27
N ASN B 294 -7.27 29.50 -1.12
CA ASN B 294 -7.74 30.79 -0.67
C ASN B 294 -6.61 31.56 0.02
N ALA B 295 -6.84 32.86 0.22
CA ALA B 295 -5.86 33.74 0.83
C ALA B 295 -6.53 34.58 1.90
N ALA B 296 -5.72 35.10 2.82
CA ALA B 296 -6.22 35.95 3.89
C ALA B 296 -6.83 37.22 3.31
N SER B 297 -8.04 37.55 3.77
CA SER B 297 -8.79 38.67 3.21
C SER B 297 -8.41 40.03 3.80
N ASN B 298 -7.77 40.05 4.97
CA ASN B 298 -7.49 41.32 5.65
C ASN B 298 -6.01 41.50 5.98
N ASN B 299 -5.11 40.79 5.29
CA ASN B 299 -3.67 40.91 5.48
C ASN B 299 -3.26 40.58 6.91
N ASP B 300 -3.75 39.45 7.39
CA ASP B 300 -3.38 38.98 8.73
C ASP B 300 -1.96 38.42 8.67
N PRO B 301 -1.00 39.00 9.39
CA PRO B 301 0.39 38.53 9.27
C PRO B 301 0.61 37.12 9.80
N GLU B 302 -0.30 36.60 10.61
CA GLU B 302 -0.16 35.27 11.21
C GLU B 302 -0.94 34.20 10.47
N MET B 303 -1.68 34.56 9.42
CA MET B 303 -2.57 33.63 8.74
C MET B 303 -1.96 33.18 7.42
N ASP B 304 -1.76 31.87 7.28
CA ASP B 304 -1.19 31.29 6.07
C ASP B 304 -2.20 31.29 4.93
N GLY B 305 -1.67 31.17 3.72
CA GLY B 305 -2.49 30.86 2.57
C GLY B 305 -2.85 29.39 2.52
N GLU B 306 -4.00 29.10 1.91
CA GLU B 306 -4.51 27.73 1.87
C GLU B 306 -3.99 26.99 0.65
N ASP B 307 -3.87 25.67 0.79
CA ASP B 307 -3.37 24.83 -0.29
C ASP B 307 -4.43 24.63 -1.37
N GLY B 308 -3.98 24.22 -2.55
CA GLY B 308 -4.87 24.00 -3.66
C GLY B 308 -5.63 22.69 -3.56
N VAL B 309 -6.53 22.50 -4.53
CA VAL B 309 -7.36 21.30 -4.62
C VAL B 309 -6.83 20.44 -5.76
N SER B 310 -6.59 19.16 -5.47
CA SER B 310 -6.10 18.23 -6.47
C SER B 310 -7.26 17.66 -7.29
N PHE B 311 -6.93 17.01 -8.39
CA PHE B 311 -7.93 16.44 -9.28
C PHE B 311 -7.37 15.20 -9.95
N ILE B 312 -8.20 14.16 -10.05
CA ILE B 312 -7.89 12.95 -10.79
C ILE B 312 -9.08 12.62 -11.69
N SER B 313 -8.79 12.22 -12.92
CA SER B 313 -9.86 11.96 -13.88
C SER B 313 -10.65 10.71 -13.46
N PRO B 314 -11.97 10.70 -13.69
CA PRO B 314 -12.75 9.50 -13.38
C PRO B 314 -12.36 8.28 -14.21
N LEU B 315 -11.74 8.48 -15.37
CA LEU B 315 -11.34 7.37 -16.22
C LEU B 315 -10.17 6.57 -15.65
N GLY B 316 -9.49 7.07 -14.63
CA GLY B 316 -8.34 6.41 -14.05
C GLY B 316 -8.63 5.85 -12.67
N ILE B 317 -7.61 5.21 -12.11
CA ILE B 317 -7.70 4.57 -10.81
C ILE B 317 -6.66 5.18 -9.88
N LEU B 318 -7.10 5.62 -8.71
CA LEU B 318 -6.20 6.20 -7.71
C LEU B 318 -5.46 5.08 -7.00
N TYR B 319 -4.13 5.09 -7.10
CA TYR B 319 -3.35 4.05 -6.44
C TYR B 319 -3.30 4.27 -4.94
N THR B 320 -2.92 5.48 -4.51
CA THR B 320 -2.85 5.84 -3.11
C THR B 320 -3.45 7.24 -2.94
N PRO B 321 -4.29 7.44 -1.91
CA PRO B 321 -4.90 8.76 -1.73
C PRO B 321 -3.88 9.89 -1.60
N ALA B 322 -4.37 11.11 -1.79
CA ALA B 322 -3.51 12.28 -1.81
C ALA B 322 -2.86 12.52 -0.45
N LEU B 323 -1.54 12.78 -0.49
CA LEU B 323 -0.76 13.01 0.72
C LEU B 323 0.24 14.14 0.47
N LYS B 324 0.36 15.04 1.44
CA LYS B 324 1.31 16.14 1.39
C LYS B 324 2.72 15.60 1.67
N VAL B 325 3.55 15.53 0.64
CA VAL B 325 4.86 14.91 0.82
C VAL B 325 5.99 15.73 0.23
N MET B 326 5.69 16.53 -0.79
CA MET B 326 6.71 17.11 -1.65
C MET B 326 7.21 18.44 -1.07
N GLU B 327 8.54 18.56 -0.96
CA GLU B 327 9.20 19.78 -0.54
C GLU B 327 10.00 20.32 -1.72
N GLY B 328 9.73 21.57 -2.09
CA GLY B 328 10.38 22.16 -3.24
C GLY B 328 9.59 21.99 -4.51
N HIS B 329 10.28 21.78 -5.63
CA HIS B 329 9.63 21.64 -6.91
C HIS B 329 8.93 20.28 -7.01
N GLY B 330 7.95 20.21 -7.92
CA GLY B 330 7.22 18.98 -8.16
C GLY B 330 7.86 18.13 -9.23
N GLU B 331 7.28 16.95 -9.43
CA GLU B 331 7.80 16.00 -10.40
C GLU B 331 6.64 15.25 -11.05
N VAL B 332 6.97 14.48 -12.09
CA VAL B 332 6.05 13.57 -12.74
C VAL B 332 6.81 12.28 -13.03
N ASN B 333 6.21 11.14 -12.68
CA ASN B 333 6.87 9.86 -12.86
C ASN B 333 5.91 8.88 -13.54
N ILE B 334 6.38 8.28 -14.64
CA ILE B 334 5.60 7.31 -15.40
C ILE B 334 6.40 6.01 -15.48
N LYS B 335 5.75 4.90 -15.17
CA LYS B 335 6.44 3.60 -15.12
C LYS B 335 5.46 2.52 -15.58
N HIS B 336 5.90 1.27 -15.48
CA HIS B 336 5.07 0.11 -15.81
C HIS B 336 5.30 -0.95 -14.74
N TYR B 337 4.25 -1.26 -13.98
CA TYR B 337 4.32 -2.34 -12.99
C TYR B 337 3.16 -3.30 -13.20
N LEU B 338 1.93 -2.78 -13.18
CA LEU B 338 0.69 -3.53 -13.42
C LEU B 338 0.72 -4.96 -12.90
N PRO C 32 2.79 10.20 25.62
CA PRO C 32 2.96 11.61 26.01
C PRO C 32 3.21 12.52 24.80
N THR C 33 4.04 12.07 23.87
CA THR C 33 4.36 12.80 22.64
C THR C 33 4.84 14.23 22.93
N VAL C 34 5.91 14.31 23.72
CA VAL C 34 6.61 15.56 23.99
C VAL C 34 7.85 15.57 23.11
N HIS C 35 7.88 16.48 22.13
CA HIS C 35 8.92 16.50 21.11
C HIS C 35 9.47 17.91 20.98
N TRP C 36 10.77 18.07 21.24
CA TRP C 36 11.46 19.33 21.04
C TRP C 36 12.21 19.27 19.72
N LEU C 37 11.81 20.13 18.78
CA LEU C 37 12.37 20.14 17.43
C LEU C 37 13.28 21.34 17.27
N PHE C 38 14.50 21.10 16.81
CA PHE C 38 15.51 22.14 16.62
C PHE C 38 15.80 22.32 15.15
N THR C 39 15.80 23.57 14.69
CA THR C 39 16.09 23.87 13.29
C THR C 39 17.22 24.88 13.17
N THR C 40 17.48 25.34 11.94
CA THR C 40 18.51 26.35 11.69
C THR C 40 18.06 27.76 12.02
N CYS C 41 16.84 27.94 12.55
CA CYS C 41 16.30 29.26 12.91
C CYS C 41 16.25 30.20 11.71
N GLY C 42 16.06 29.65 10.51
CA GLY C 42 16.01 30.44 9.30
C GLY C 42 17.35 30.82 8.72
N ALA C 43 18.45 30.56 9.42
CA ALA C 43 19.76 30.89 8.89
C ALA C 43 20.15 29.94 7.77
N SER C 44 20.94 30.46 6.84
CA SER C 44 21.41 29.66 5.70
C SER C 44 22.74 30.23 5.23
N GLY C 45 23.64 29.34 4.83
CA GLY C 45 24.94 29.74 4.36
C GLY C 45 26.06 29.25 5.25
N PRO C 46 27.21 29.94 5.20
CA PRO C 46 28.37 29.51 5.97
C PRO C 46 28.36 29.94 7.43
N HIS C 47 27.36 30.71 7.86
CA HIS C 47 27.32 31.22 9.22
C HIS C 47 26.08 30.70 9.94
N GLY C 48 26.17 30.63 11.27
CA GLY C 48 25.10 30.11 12.07
C GLY C 48 24.03 31.14 12.34
N PRO C 49 22.98 30.72 13.01
CA PRO C 49 21.88 31.63 13.33
C PRO C 49 22.21 32.55 14.49
N THR C 50 21.42 33.62 14.60
CA THR C 50 21.53 34.58 15.68
C THR C 50 20.46 34.30 16.74
N GLN C 51 20.65 34.92 17.91
CA GLN C 51 19.67 34.78 18.99
C GLN C 51 18.31 35.33 18.56
N ALA C 52 18.31 36.44 17.82
CA ALA C 52 17.04 37.02 17.37
C ALA C 52 16.33 36.10 16.39
N GLN C 53 17.09 35.41 15.53
CA GLN C 53 16.47 34.48 14.59
C GLN C 53 15.83 33.30 15.30
N CYS C 54 16.50 32.76 16.32
CA CYS C 54 15.95 31.61 17.04
C CYS C 54 14.81 32.00 17.97
N ASN C 55 14.82 33.23 18.50
CA ASN C 55 13.71 33.68 19.32
C ASN C 55 12.41 33.74 18.52
N ASN C 56 12.51 34.07 17.22
CA ASN C 56 11.32 34.10 16.37
C ASN C 56 10.98 32.70 15.85
N ALA C 57 11.99 31.88 15.56
CA ALA C 57 11.73 30.56 15.00
C ALA C 57 11.01 29.64 15.99
N TYR C 58 11.25 29.80 17.29
CA TYR C 58 10.62 28.96 18.31
C TYR C 58 9.46 29.64 19.01
N GLN C 59 8.87 30.66 18.38
CA GLN C 59 7.72 31.34 18.98
C GLN C 59 6.53 30.39 19.09
N ASN C 60 5.77 30.55 20.17
CA ASN C 60 4.57 29.75 20.45
C ASN C 60 4.89 28.26 20.53
N SER C 61 6.13 27.91 20.79
CA SER C 61 6.54 26.53 21.00
C SER C 61 6.86 26.32 22.47
N ASN C 62 7.14 25.06 22.83
CA ASN C 62 7.56 24.71 24.18
C ASN C 62 9.07 24.74 24.34
N LEU C 63 9.78 25.41 23.43
CA LEU C 63 11.23 25.38 23.38
C LEU C 63 11.79 26.79 23.50
N SER C 64 12.83 26.94 24.32
CA SER C 64 13.58 28.18 24.44
C SER C 64 15.04 27.84 24.67
N VAL C 65 15.92 28.38 23.82
CA VAL C 65 17.33 28.06 23.85
C VAL C 65 18.17 29.33 23.87
N GLU C 66 19.43 29.17 24.28
CA GLU C 66 20.42 30.23 24.21
C GLU C 66 21.31 29.99 22.99
N VAL C 67 21.69 31.08 22.32
CA VAL C 67 22.52 31.03 21.13
C VAL C 67 23.82 31.77 21.41
N GLY C 68 24.94 31.14 21.10
CA GLY C 68 26.23 31.79 21.23
C GLY C 68 26.34 33.03 20.37
N SER C 69 26.71 34.16 20.97
CA SER C 69 26.76 35.42 20.26
C SER C 69 28.14 35.71 19.66
N GLU C 70 29.19 35.09 20.19
CA GLU C 70 30.54 35.35 19.71
C GLU C 70 31.45 34.21 20.13
N GLY C 71 32.51 34.00 19.36
CA GLY C 71 33.49 32.99 19.66
C GLY C 71 33.22 31.69 18.92
N PRO C 72 33.83 30.60 19.39
CA PRO C 72 33.62 29.30 18.74
C PRO C 72 32.21 28.75 18.93
N LEU C 73 31.45 29.26 19.89
CA LEU C 73 30.08 28.84 20.11
C LEU C 73 29.06 29.67 19.35
N LYS C 74 29.51 30.56 18.47
CA LYS C 74 28.60 31.41 17.72
C LYS C 74 27.72 30.57 16.79
N GLY C 75 26.41 30.74 16.93
CA GLY C 75 25.46 29.97 16.15
C GLY C 75 25.08 28.63 16.72
N ILE C 76 25.63 28.26 17.87
CA ILE C 76 25.32 26.99 18.52
C ILE C 76 24.22 27.21 19.55
N GLN C 77 23.17 26.39 19.48
CA GLN C 77 22.04 26.49 20.38
C GLN C 77 22.28 25.68 21.64
N ILE C 78 21.92 26.25 22.78
CA ILE C 78 22.14 25.63 24.10
C ILE C 78 20.77 25.37 24.72
N TRP C 79 20.47 24.10 24.97
CA TRP C 79 19.18 23.70 25.53
C TRP C 79 19.37 23.05 26.90
N LYS C 80 18.50 23.40 27.83
CA LYS C 80 18.52 22.85 29.18
C LYS C 80 17.58 21.64 29.25
N VAL C 81 18.11 20.49 29.61
CA VAL C 81 17.29 19.28 29.73
C VAL C 81 16.33 19.44 30.92
N PRO C 82 15.01 19.24 30.73
CA PRO C 82 14.06 19.56 31.80
C PRO C 82 13.92 18.49 32.88
N ALA C 83 14.20 17.23 32.56
CA ALA C 83 13.97 16.16 33.52
C ALA C 83 14.88 14.97 33.19
N THR C 84 15.16 14.18 34.23
CA THR C 84 15.95 12.97 34.07
C THR C 84 15.07 11.85 33.54
N ASP C 85 15.41 11.33 32.37
CA ASP C 85 14.63 10.27 31.72
C ASP C 85 15.50 9.70 30.60
N THR C 86 14.92 8.73 29.87
CA THR C 86 15.59 8.12 28.73
C THR C 86 15.12 8.81 27.46
N TYR C 87 16.03 9.49 26.78
CA TYR C 87 15.70 10.31 25.62
C TYR C 87 16.21 9.65 24.34
N SER C 88 15.47 9.87 23.25
CA SER C 88 15.86 9.42 21.92
C SER C 88 16.20 10.63 21.08
N ILE C 89 17.49 10.81 20.78
CA ILE C 89 17.96 11.98 20.04
C ILE C 89 18.12 11.58 18.58
N SER C 90 17.32 12.21 17.71
CA SER C 90 17.33 11.93 16.29
C SER C 90 18.06 13.07 15.58
N GLY C 91 19.26 12.79 15.10
CA GLY C 91 20.08 13.78 14.43
C GLY C 91 19.99 13.65 12.91
N TYR C 92 19.94 14.79 12.24
CA TYR C 92 19.86 14.86 10.79
C TYR C 92 20.91 15.83 10.29
N GLY C 93 21.79 15.35 9.40
CA GLY C 93 22.77 16.20 8.77
C GLY C 93 22.16 17.05 7.67
N ALA C 94 22.99 17.89 7.06
CA ALA C 94 22.57 18.75 5.97
C ALA C 94 23.14 18.24 4.65
N ALA C 95 22.43 18.53 3.58
CA ALA C 95 22.85 18.08 2.26
C ALA C 95 23.87 19.04 1.66
N GLY C 96 24.60 18.54 0.66
CA GLY C 96 25.57 19.34 -0.04
C GLY C 96 24.94 20.27 -1.04
N GLY C 97 25.79 20.98 -1.78
CA GLY C 97 25.31 21.92 -2.76
C GLY C 97 25.03 21.26 -4.11
N LYS C 98 24.19 21.93 -4.89
CA LYS C 98 23.86 21.43 -6.22
C LYS C 98 25.03 21.62 -7.18
N GLY C 99 25.01 20.85 -8.26
CA GLY C 99 26.04 20.94 -9.27
C GLY C 99 25.94 22.19 -10.12
N GLY C 100 26.61 22.19 -11.28
CA GLY C 100 26.59 23.34 -12.15
C GLY C 100 25.51 23.29 -13.20
N LYS C 101 25.92 23.18 -14.47
CA LYS C 101 24.95 23.13 -15.57
C LYS C 101 24.09 21.88 -15.50
N ASN C 102 24.63 20.77 -14.99
CA ASN C 102 23.87 19.52 -14.93
C ASN C 102 22.73 19.61 -13.94
N THR C 103 22.95 20.30 -12.81
CA THR C 103 21.96 20.40 -11.73
C THR C 103 21.45 19.01 -11.32
N MET C 104 22.38 18.12 -11.01
CA MET C 104 22.02 16.77 -10.61
C MET C 104 21.55 16.77 -9.16
N MET C 105 21.10 15.61 -8.71
CA MET C 105 20.58 15.50 -7.34
C MET C 105 21.71 15.70 -6.34
N ARG C 106 21.49 16.59 -5.38
CA ARG C 106 22.50 16.92 -4.39
C ARG C 106 22.73 15.73 -3.44
N SER C 107 23.94 15.65 -2.90
CA SER C 107 24.27 14.60 -1.95
C SER C 107 23.58 14.89 -0.62
N HIS C 108 22.73 13.96 -0.17
CA HIS C 108 21.90 14.17 0.99
C HIS C 108 22.72 14.05 2.28
N GLY C 109 22.17 14.62 3.36
CA GLY C 109 22.77 14.49 4.66
C GLY C 109 22.47 13.15 5.32
N VAL C 110 23.18 12.87 6.41
CA VAL C 110 23.10 11.58 7.08
C VAL C 110 22.25 11.71 8.33
N SER C 111 21.49 10.67 8.64
CA SER C 111 20.64 10.62 9.82
C SER C 111 21.18 9.60 10.81
N VAL C 112 21.38 10.04 12.05
CA VAL C 112 21.84 9.18 13.13
C VAL C 112 20.83 9.28 14.27
N LEU C 113 20.16 8.18 14.56
CA LEU C 113 19.14 8.13 15.60
C LEU C 113 19.64 7.25 16.73
N GLY C 114 19.67 7.81 17.94
CA GLY C 114 20.22 7.11 19.09
C GLY C 114 19.33 7.29 20.31
N ILE C 115 19.58 6.43 21.30
CA ILE C 115 18.88 6.45 22.57
C ILE C 115 19.88 6.74 23.67
N PHE C 116 19.61 7.77 24.47
CA PHE C 116 20.56 8.23 25.49
C PHE C 116 19.84 8.48 26.81
N ASN C 117 20.59 8.33 27.90
CA ASN C 117 20.13 8.69 29.23
C ASN C 117 20.63 10.09 29.57
N LEU C 118 19.72 10.97 29.96
CA LEU C 118 20.04 12.34 30.32
C LEU C 118 19.55 12.64 31.73
N GLU C 119 20.27 13.52 32.41
CA GLU C 119 19.94 13.95 33.76
C GLU C 119 19.29 15.34 33.73
N LYS C 120 18.55 15.64 34.80
CA LYS C 120 17.95 16.96 34.94
C LYS C 120 19.01 18.05 34.97
N ASP C 121 18.71 19.16 34.28
CA ASP C 121 19.55 20.35 34.20
C ASP C 121 20.84 20.14 33.40
N ASP C 122 20.95 19.04 32.65
CA ASP C 122 22.07 18.89 31.74
C ASP C 122 21.95 19.89 30.58
N MET C 123 23.07 20.51 30.22
CA MET C 123 23.10 21.54 29.19
C MET C 123 23.57 20.90 27.89
N LEU C 124 22.62 20.62 27.00
CA LEU C 124 22.92 20.04 25.70
C LEU C 124 23.21 21.15 24.68
N TYR C 125 24.36 21.04 24.02
CA TYR C 125 24.74 21.97 22.96
C TYR C 125 24.39 21.34 21.61
N ILE C 126 23.63 22.07 20.80
CA ILE C 126 23.13 21.57 19.53
C ILE C 126 23.53 22.54 18.43
N LEU C 127 24.23 22.03 17.42
CA LEU C 127 24.56 22.79 16.22
C LEU C 127 23.79 22.14 15.07
N VAL C 128 22.82 22.86 14.53
CA VAL C 128 21.99 22.34 13.45
C VAL C 128 22.68 22.62 12.13
N GLY C 129 23.04 21.57 11.41
CA GLY C 129 23.78 21.74 10.17
C GLY C 129 22.93 22.43 9.10
N GLN C 130 23.58 23.34 8.37
CA GLN C 130 22.94 24.10 7.31
C GLN C 130 23.42 23.59 5.96
N GLN C 131 22.56 23.73 4.95
CA GLN C 131 22.87 23.25 3.61
C GLN C 131 24.03 24.04 3.01
N GLY C 132 24.90 23.34 2.28
CA GLY C 132 25.93 24.04 1.53
C GLY C 132 25.33 24.82 0.38
N GLU C 133 25.99 25.92 0.04
CA GLU C 133 25.46 26.82 -0.98
C GLU C 133 25.49 26.14 -2.34
N ASP C 134 24.41 26.30 -3.10
CA ASP C 134 24.33 25.72 -4.43
C ASP C 134 25.09 26.56 -5.44
N ALA C 135 25.48 25.91 -6.54
CA ALA C 135 26.12 26.63 -7.63
C ALA C 135 25.08 27.36 -8.48
N CYS C 136 24.03 26.64 -8.89
CA CYS C 136 22.96 27.17 -9.71
C CYS C 136 21.62 26.99 -9.02
N PRO C 137 20.68 27.94 -9.18
CA PRO C 137 20.85 29.18 -9.94
C PRO C 137 21.63 30.23 -9.16
N SER C 138 21.91 31.37 -9.79
CA SER C 138 22.63 32.45 -9.15
C SER C 138 22.02 33.78 -9.58
N THR C 139 22.35 34.83 -8.83
CA THR C 139 21.81 36.15 -9.09
C THR C 139 22.65 36.97 -10.07
N ASN C 140 23.86 36.51 -10.39
CA ASN C 140 24.70 37.23 -11.33
C ASN C 140 24.27 36.92 -12.75
N GLN C 141 24.18 37.98 -13.58
CA GLN C 141 23.74 37.81 -14.96
C GLN C 141 24.72 36.95 -15.75
N LEU C 142 26.01 37.19 -15.58
CA LEU C 142 27.01 36.42 -16.34
C LEU C 142 27.05 34.97 -15.87
N ILE C 143 26.86 34.74 -14.57
CA ILE C 143 26.88 33.37 -14.04
C ILE C 143 25.67 32.60 -14.55
N GLN C 144 24.49 33.23 -14.55
CA GLN C 144 23.27 32.51 -14.92
C GLN C 144 23.30 32.00 -16.36
N LYS C 145 23.99 32.71 -17.26
CA LYS C 145 24.14 32.20 -18.62
C LYS C 145 24.99 30.94 -18.66
N VAL C 146 25.89 30.77 -17.70
CA VAL C 146 26.67 29.53 -17.61
C VAL C 146 25.79 28.40 -17.08
N CYS C 147 24.91 28.71 -16.13
CA CYS C 147 24.04 27.68 -15.54
C CYS C 147 23.07 27.12 -16.57
N ILE C 148 22.51 27.97 -17.43
CA ILE C 148 21.54 27.53 -18.43
C ILE C 148 22.20 26.94 -19.67
N GLY C 149 23.53 26.91 -19.74
CA GLY C 149 24.22 26.27 -20.83
C GLY C 149 24.47 27.13 -22.05
N GLU C 150 24.31 28.45 -21.95
CA GLU C 150 24.57 29.33 -23.08
C GLU C 150 26.03 29.76 -23.15
N ASN C 151 26.68 29.97 -22.01
CA ASN C 151 28.09 30.35 -21.95
C ASN C 151 28.89 29.07 -21.70
N ASN C 152 29.69 28.67 -22.67
CA ASN C 152 30.44 27.42 -22.62
C ASN C 152 31.94 27.63 -22.52
N VAL C 153 32.36 28.72 -21.85
CA VAL C 153 33.79 28.96 -21.67
C VAL C 153 34.41 27.87 -20.80
N ILE C 154 33.68 27.40 -19.79
CA ILE C 154 34.20 26.35 -18.90
C ILE C 154 34.40 25.06 -19.67
N GLU C 155 33.39 24.63 -20.43
CA GLU C 155 33.52 23.42 -21.24
C GLU C 155 34.60 23.56 -22.31
N GLU C 156 34.80 24.78 -22.83
CA GLU C 156 35.79 24.99 -23.88
C GLU C 156 37.20 24.78 -23.35
N GLU C 157 37.52 25.36 -22.19
CA GLU C 157 38.86 25.22 -21.64
C GLU C 157 39.17 23.77 -21.28
N ILE C 158 38.16 23.00 -20.87
CA ILE C 158 38.38 21.59 -20.55
C ILE C 158 38.74 20.81 -21.81
N ARG C 159 38.03 21.06 -22.91
CA ARG C 159 38.28 20.34 -24.15
C ARG C 159 39.65 20.66 -24.73
N VAL C 160 40.13 21.90 -24.58
CA VAL C 160 41.37 22.30 -25.23
C VAL C 160 42.58 21.89 -24.40
N ASN C 161 42.56 22.18 -23.10
CA ASN C 161 43.74 22.06 -22.26
C ASN C 161 43.60 20.99 -21.19
N ARG C 162 42.63 20.09 -21.35
CA ARG C 162 42.49 18.84 -20.60
C ARG C 162 42.15 19.00 -19.12
N SER C 163 42.09 20.22 -18.59
CA SER C 163 41.76 20.40 -17.18
C SER C 163 41.29 21.82 -16.95
N VAL C 164 40.82 22.07 -15.73
CA VAL C 164 40.31 23.38 -15.34
C VAL C 164 41.44 24.08 -14.59
N HIS C 165 41.99 25.13 -15.20
CA HIS C 165 43.04 25.92 -14.57
C HIS C 165 42.71 27.40 -14.48
N GLU C 166 41.93 27.95 -15.42
CA GLU C 166 41.63 29.37 -15.47
C GLU C 166 40.21 29.69 -15.01
N TRP C 167 39.20 29.05 -15.61
CA TRP C 167 37.81 29.34 -15.30
C TRP C 167 37.28 28.34 -14.27
N ALA C 168 37.74 28.52 -13.04
CA ALA C 168 37.35 27.62 -11.96
C ALA C 168 35.99 28.01 -11.40
N GLY C 169 35.34 27.05 -10.76
CA GLY C 169 34.03 27.24 -10.16
C GLY C 169 32.97 26.40 -10.86
N GLY C 170 31.79 26.39 -10.25
CA GLY C 170 30.64 25.68 -10.77
C GLY C 170 30.15 24.54 -9.90
N GLY C 171 30.93 24.11 -8.91
CA GLY C 171 30.47 23.07 -8.00
C GLY C 171 29.86 23.63 -6.73
N GLY C 172 29.01 22.82 -6.09
CA GLY C 172 28.36 23.23 -4.88
C GLY C 172 29.26 23.10 -3.67
N GLY C 173 28.88 23.82 -2.61
CA GLY C 173 29.63 23.76 -1.37
C GLY C 173 29.26 22.56 -0.52
N GLY C 174 30.15 22.24 0.42
CA GLY C 174 29.91 21.11 1.29
C GLY C 174 28.85 21.41 2.33
N GLY C 175 28.05 20.39 2.64
CA GLY C 175 27.00 20.55 3.62
C GLY C 175 27.53 20.50 5.05
N GLY C 176 26.86 21.24 5.93
CA GLY C 176 27.23 21.24 7.33
C GLY C 176 26.71 20.01 8.06
N ALA C 177 27.40 19.67 9.15
CA ALA C 177 27.00 18.54 9.98
C ALA C 177 26.22 19.02 11.19
N THR C 178 25.42 18.12 11.76
CA THR C 178 24.64 18.37 12.96
C THR C 178 25.36 17.76 14.15
N TYR C 179 25.72 18.59 15.13
CA TYR C 179 26.45 18.16 16.31
C TYR C 179 25.58 18.29 17.55
N VAL C 180 25.51 17.21 18.33
CA VAL C 180 24.82 17.19 19.61
C VAL C 180 25.85 16.76 20.66
N PHE C 181 26.23 17.68 21.54
CA PHE C 181 27.24 17.40 22.54
C PHE C 181 26.92 18.16 23.81
N LYS C 182 27.54 17.74 24.91
CA LYS C 182 27.40 18.41 26.20
C LYS C 182 28.78 18.64 26.79
N MET C 183 28.95 19.81 27.41
CA MET C 183 30.25 20.18 27.97
C MET C 183 30.47 19.49 29.31
N LYS C 184 31.64 18.88 29.46
CA LYS C 184 32.12 18.48 30.78
C LYS C 184 32.81 19.68 31.42
N ASP C 185 33.66 19.42 32.43
CA ASP C 185 34.32 20.49 33.17
C ASP C 185 34.91 21.54 32.24
N GLY C 186 35.73 21.12 31.28
CA GLY C 186 36.30 22.07 30.34
C GLY C 186 36.36 21.62 28.89
N VAL C 187 35.96 20.38 28.61
CA VAL C 187 36.13 19.76 27.31
C VAL C 187 34.76 19.32 26.81
N PRO C 188 34.40 19.61 25.56
CA PRO C 188 33.14 19.07 25.02
C PRO C 188 33.27 17.60 24.67
N VAL C 189 32.19 16.87 24.91
CA VAL C 189 32.11 15.44 24.64
C VAL C 189 30.94 15.20 23.69
N PRO C 190 31.17 14.62 22.51
CA PRO C 190 30.07 14.45 21.55
C PRO C 190 29.15 13.29 21.91
N LEU C 191 27.87 13.47 21.57
CA LEU C 191 26.86 12.44 21.75
C LEU C 191 26.31 11.96 20.40
N ILE C 192 25.80 12.87 19.57
CA ILE C 192 25.29 12.54 18.24
C ILE C 192 25.87 13.52 17.25
N ILE C 193 26.48 13.00 16.19
CA ILE C 193 27.00 13.79 15.08
C ILE C 193 26.43 13.22 13.80
N ALA C 194 25.58 13.99 13.12
CA ALA C 194 24.97 13.58 11.86
C ALA C 194 25.75 14.24 10.73
N ALA C 195 26.54 13.43 10.02
CA ALA C 195 27.45 13.96 9.00
C ALA C 195 26.68 14.62 7.86
N GLY C 196 27.32 15.63 7.26
CA GLY C 196 26.74 16.30 6.12
C GLY C 196 27.20 15.72 4.78
N GLY C 197 26.41 15.99 3.75
CA GLY C 197 26.73 15.49 2.42
C GLY C 197 27.74 16.37 1.70
N GLY C 198 28.51 15.73 0.81
CA GLY C 198 29.49 16.45 0.02
C GLY C 198 28.86 17.27 -1.09
N GLY C 199 29.61 18.26 -1.55
CA GLY C 199 29.13 19.13 -2.62
C GLY C 199 29.22 18.45 -3.98
N ARG C 200 28.21 18.69 -4.80
CA ARG C 200 28.17 18.13 -6.14
C ARG C 200 29.05 18.97 -7.08
N ALA C 201 29.85 18.30 -7.89
CA ALA C 201 30.76 18.99 -8.79
C ALA C 201 29.99 19.60 -9.97
N TYR C 202 30.69 20.47 -10.71
CA TYR C 202 30.09 21.13 -11.86
C TYR C 202 29.69 20.13 -12.94
N GLY C 203 30.65 19.34 -13.40
CA GLY C 203 30.42 18.41 -14.49
C GLY C 203 30.18 16.99 -14.01
N ALA C 204 29.55 16.86 -12.85
CA ALA C 204 29.34 15.56 -12.22
C ALA C 204 28.28 14.73 -12.95
N LYS C 205 28.70 13.96 -13.95
CA LYS C 205 27.80 13.03 -14.61
C LYS C 205 27.49 11.83 -13.74
N THR C 206 28.25 11.63 -12.66
CA THR C 206 28.09 10.54 -11.72
C THR C 206 27.72 11.09 -10.36
N ASP C 207 27.17 10.23 -9.52
CA ASP C 207 26.68 10.61 -8.20
C ASP C 207 27.53 10.03 -7.08
N THR C 208 28.70 9.46 -7.41
CA THR C 208 29.71 8.91 -6.50
C THR C 208 29.28 7.58 -5.87
N PHE C 209 27.98 7.34 -5.75
CA PHE C 209 27.43 6.07 -5.26
C PHE C 209 28.15 5.61 -3.99
N HIS C 210 28.05 6.44 -2.95
CA HIS C 210 28.96 6.21 -1.84
C HIS C 210 28.22 5.71 -0.59
N PRO C 211 28.78 4.74 0.12
CA PRO C 211 28.17 4.25 1.35
C PRO C 211 28.45 5.19 2.52
N GLU C 212 27.72 4.96 3.61
CA GLU C 212 27.86 5.79 4.79
C GLU C 212 29.04 5.32 5.64
N ARG C 213 29.42 6.15 6.61
CA ARG C 213 30.46 5.81 7.57
C ARG C 213 30.04 6.27 8.95
N LEU C 214 30.23 5.42 9.96
CA LEU C 214 29.84 5.72 11.32
C LEU C 214 30.90 5.21 12.28
N GLU C 215 31.44 6.09 13.11
CA GLU C 215 32.44 5.75 14.10
C GLU C 215 31.82 5.79 15.50
N ASN C 216 32.34 4.94 16.39
CA ASN C 216 31.84 4.90 17.75
C ASN C 216 32.95 4.81 18.81
N ASN C 217 34.20 5.08 18.44
CA ASN C 217 35.32 5.06 19.37
C ASN C 217 35.83 6.49 19.51
N SER C 218 35.66 7.07 20.70
CA SER C 218 36.10 8.44 20.92
C SER C 218 37.62 8.58 20.86
N SER C 219 38.36 7.47 20.97
CA SER C 219 39.82 7.50 20.83
C SER C 219 40.24 7.80 19.40
N VAL C 220 39.34 7.63 18.44
CA VAL C 220 39.58 8.04 17.06
C VAL C 220 39.31 9.54 16.96
N LEU C 221 40.33 10.30 16.59
CA LEU C 221 40.23 11.75 16.57
C LEU C 221 39.65 12.23 15.23
N GLY C 222 38.66 13.11 15.31
CA GLY C 222 37.97 13.58 14.13
C GLY C 222 38.62 14.77 13.46
N LEU C 223 39.68 14.51 12.68
CA LEU C 223 40.35 15.58 11.97
C LEU C 223 39.55 16.02 10.74
N ASN C 224 39.96 17.14 10.16
CA ASN C 224 39.31 17.65 8.96
C ASN C 224 39.56 16.73 7.76
N GLY C 225 38.86 17.03 6.67
CA GLY C 225 39.04 16.28 5.44
C GLY C 225 40.26 16.74 4.65
N ASN C 226 40.54 16.00 3.59
CA ASN C 226 41.68 16.28 2.73
C ASN C 226 41.34 17.45 1.80
N SER C 227 41.54 18.66 2.30
CA SER C 227 41.31 19.84 1.50
C SER C 227 42.36 19.97 0.39
N GLY C 228 41.89 20.29 -0.82
CA GLY C 228 42.78 20.49 -1.94
C GLY C 228 42.46 21.78 -2.65
N ALA C 229 42.17 21.70 -3.94
CA ALA C 229 41.65 22.87 -4.66
C ALA C 229 40.32 23.30 -4.05
N ALA C 230 39.38 22.36 -3.92
CA ALA C 230 38.15 22.60 -3.18
C ALA C 230 38.37 22.30 -1.70
N GLY C 231 37.57 22.94 -0.86
CA GLY C 231 37.73 22.78 0.58
C GLY C 231 37.22 21.44 1.08
N GLY C 232 37.93 20.90 2.07
CA GLY C 232 37.50 19.69 2.73
C GLY C 232 36.53 19.95 3.87
N GLY C 233 36.01 18.87 4.44
CA GLY C 233 35.02 19.00 5.49
C GLY C 233 35.64 19.28 6.85
N GLY C 234 34.88 19.99 7.67
CA GLY C 234 35.33 20.26 9.04
C GLY C 234 35.00 19.10 9.97
N GLY C 235 35.94 18.80 10.85
CA GLY C 235 35.83 17.69 11.77
C GLY C 235 35.36 18.10 13.16
N TRP C 236 35.63 17.23 14.13
CA TRP C 236 35.28 17.53 15.52
C TRP C 236 36.31 18.44 16.17
N ASN C 237 37.59 18.12 16.04
CA ASN C 237 38.65 18.89 16.70
C ASN C 237 39.88 18.87 15.81
N ASP C 238 40.15 19.99 15.15
CA ASP C 238 41.31 20.11 14.26
C ASP C 238 41.78 21.56 14.29
N ASN C 239 42.80 21.84 13.47
CA ASN C 239 43.36 23.19 13.32
C ASN C 239 43.19 23.58 11.86
N THR C 240 42.05 24.22 11.56
CA THR C 240 41.73 24.58 10.18
C THR C 240 42.59 25.77 9.75
N SER C 241 43.35 25.58 8.67
CA SER C 241 44.22 26.62 8.13
C SER C 241 43.65 27.25 6.87
N LEU C 242 43.27 26.44 5.88
CA LEU C 242 42.76 26.98 4.62
C LEU C 242 41.43 27.68 4.83
N LEU C 243 41.30 28.87 4.22
CA LEU C 243 40.06 29.63 4.33
C LEU C 243 38.89 28.87 3.71
N TRP C 244 39.13 28.21 2.58
CA TRP C 244 38.06 27.53 1.86
C TRP C 244 37.75 26.15 2.44
N ALA C 245 38.49 25.72 3.46
CA ALA C 245 38.21 24.47 4.14
C ALA C 245 37.24 24.72 5.29
N GLY C 246 36.41 23.72 5.58
CA GLY C 246 35.46 23.85 6.66
C GLY C 246 36.16 23.86 8.01
N LYS C 247 35.71 24.75 8.88
CA LYS C 247 36.26 24.84 10.23
C LYS C 247 35.71 23.69 11.08
N SER C 248 36.52 23.25 12.03
CA SER C 248 36.10 22.18 12.92
C SER C 248 35.06 22.70 13.91
N LEU C 249 34.44 21.75 14.63
CA LEU C 249 33.40 22.10 15.59
C LEU C 249 33.94 23.02 16.69
N GLN C 250 35.09 22.67 17.26
CA GLN C 250 35.69 23.47 18.32
C GLN C 250 36.33 24.77 17.82
N GLU C 251 36.29 25.03 16.51
CA GLU C 251 36.81 26.28 15.95
C GLU C 251 35.70 27.20 15.44
N GLY C 252 34.43 26.85 15.68
CA GLY C 252 33.29 27.63 15.24
C GLY C 252 32.49 26.99 14.13
N ALA C 253 33.04 25.98 13.45
CA ALA C 253 32.34 25.24 12.41
C ALA C 253 31.82 26.16 11.30
N THR C 254 32.50 27.28 11.07
CA THR C 254 32.11 28.19 10.02
C THR C 254 32.31 27.54 8.66
N GLY C 255 31.36 27.79 7.75
CA GLY C 255 31.49 27.23 6.41
C GLY C 255 32.70 27.81 5.69
N GLY C 256 33.39 26.95 4.95
CA GLY C 256 34.57 27.39 4.24
C GLY C 256 34.21 28.33 3.10
N HIS C 257 35.13 29.27 2.83
CA HIS C 257 34.90 30.25 1.79
C HIS C 257 34.98 29.60 0.41
N SER C 258 34.63 30.37 -0.61
CA SER C 258 34.63 29.86 -1.97
C SER C 258 36.07 29.60 -2.44
N CYS C 259 36.19 28.99 -3.60
CA CYS C 259 37.49 28.63 -4.15
C CYS C 259 38.28 29.90 -4.48
N PRO C 260 39.56 29.99 -4.11
CA PRO C 260 40.33 31.18 -4.46
C PRO C 260 40.43 31.41 -5.96
N GLN C 261 40.60 30.34 -6.74
CA GLN C 261 40.69 30.47 -8.18
C GLN C 261 39.33 30.75 -8.83
N ALA C 262 38.24 30.32 -8.18
CA ALA C 262 36.90 30.66 -8.66
C ALA C 262 36.55 32.12 -8.45
N MET C 263 37.37 32.87 -7.72
CA MET C 263 37.23 34.32 -7.59
C MET C 263 38.18 35.00 -8.57
N LYS C 264 37.99 36.32 -8.71
CA LYS C 264 38.81 37.16 -9.60
C LYS C 264 38.58 36.83 -11.06
N LYS C 265 37.83 35.77 -11.33
CA LYS C 265 37.37 35.41 -12.67
C LYS C 265 35.86 35.31 -12.76
N TRP C 266 35.21 34.85 -11.70
CA TRP C 266 33.75 34.78 -11.64
C TRP C 266 33.27 35.33 -10.30
N GLY C 267 31.99 35.14 -10.01
CA GLY C 267 31.46 35.42 -8.69
C GLY C 267 30.93 34.18 -8.02
N TRP C 268 31.65 33.07 -8.18
CA TRP C 268 31.21 31.77 -7.67
C TRP C 268 31.30 31.69 -6.15
N GLU C 269 30.41 32.40 -5.46
CA GLU C 269 30.34 32.33 -4.00
C GLU C 269 29.56 31.07 -3.60
N THR C 270 30.23 29.93 -3.78
CA THR C 270 29.69 28.63 -3.38
C THR C 270 30.46 28.19 -2.14
N ARG C 271 29.90 28.47 -0.97
CA ARG C 271 30.56 28.22 0.29
C ARG C 271 29.94 27.01 0.99
N GLY C 272 30.66 26.51 1.99
CA GLY C 272 30.17 25.39 2.76
C GLY C 272 29.11 25.79 3.76
N GLY C 273 28.30 24.81 4.14
CA GLY C 273 27.25 25.06 5.11
C GLY C 273 27.79 25.14 6.52
N PHE C 274 27.05 25.88 7.36
CA PHE C 274 27.41 25.98 8.78
C PHE C 274 27.40 24.59 9.41
N GLY C 275 28.55 24.21 9.99
CA GLY C 275 28.70 22.88 10.53
C GLY C 275 29.86 22.13 9.91
N GLY C 276 30.87 22.86 9.45
CA GLY C 276 32.05 22.25 8.87
C GLY C 276 32.00 21.98 7.39
N GLY C 277 31.11 22.65 6.65
CA GLY C 277 31.03 22.43 5.22
C GLY C 277 32.21 23.05 4.48
N GLY C 278 32.69 22.32 3.47
CA GLY C 278 33.81 22.80 2.69
C GLY C 278 33.39 23.71 1.54
N GLY C 279 34.32 24.56 1.13
CA GLY C 279 34.03 25.50 0.07
C GLY C 279 33.97 24.83 -1.29
N GLY C 280 33.22 25.46 -2.20
CA GLY C 280 33.04 24.92 -3.53
C GLY C 280 34.05 25.44 -4.52
N CYS C 281 34.29 24.64 -5.56
CA CYS C 281 35.20 24.98 -6.64
C CYS C 281 34.63 24.36 -7.92
N SER C 282 35.49 24.19 -8.93
CA SER C 282 35.09 23.36 -10.07
C SER C 282 34.70 21.97 -9.62
N SER C 283 35.45 21.40 -8.68
CA SER C 283 35.08 20.17 -8.01
C SER C 283 34.20 20.46 -6.80
N GLY C 284 33.61 19.40 -6.25
CA GLY C 284 32.73 19.55 -5.11
C GLY C 284 33.49 19.70 -3.81
N GLY C 285 32.88 20.45 -2.89
CA GLY C 285 33.47 20.63 -1.58
C GLY C 285 33.14 19.49 -0.63
N GLY C 286 33.99 19.30 0.37
CA GLY C 286 33.80 18.22 1.32
C GLY C 286 32.75 18.57 2.37
N GLY C 287 32.03 17.54 2.80
CA GLY C 287 31.01 17.70 3.80
C GLY C 287 31.55 17.56 5.23
N GLY C 288 30.87 18.21 6.16
CA GLY C 288 31.29 18.18 7.55
C GLY C 288 30.83 16.92 8.27
N GLY C 289 31.36 16.75 9.48
CA GLY C 289 31.00 15.61 10.30
C GLY C 289 32.01 15.45 11.43
N TYR C 290 32.02 14.24 12.01
CA TYR C 290 33.05 13.92 12.98
C TYR C 290 34.43 13.95 12.33
N ILE C 291 34.60 13.19 11.26
CA ILE C 291 35.76 13.29 10.39
C ILE C 291 35.29 13.92 9.09
N GLY C 292 35.90 15.04 8.72
CA GLY C 292 35.44 15.78 7.55
C GLY C 292 35.63 15.01 6.26
N GLY C 293 34.74 15.27 5.31
CA GLY C 293 34.84 14.63 4.01
C GLY C 293 36.00 15.19 3.20
N ASN C 294 36.54 14.35 2.32
CA ASN C 294 37.68 14.73 1.51
C ASN C 294 37.21 15.53 0.28
N ALA C 295 38.18 16.17 -0.37
CA ALA C 295 37.92 16.99 -1.55
C ALA C 295 38.93 16.64 -2.64
N ALA C 296 38.56 16.97 -3.88
CA ALA C 296 39.43 16.71 -5.02
C ALA C 296 40.72 17.53 -4.91
N SER C 297 41.85 16.86 -5.11
CA SER C 297 43.16 17.49 -4.92
C SER C 297 43.61 18.29 -6.14
N ASN C 298 43.05 18.04 -7.32
CA ASN C 298 43.52 18.69 -8.53
C ASN C 298 42.41 19.41 -9.29
N ASN C 299 41.31 19.74 -8.61
CA ASN C 299 40.20 20.51 -9.19
C ASN C 299 39.63 19.80 -10.42
N ASP C 300 39.34 18.52 -10.26
CA ASP C 300 38.72 17.76 -11.34
C ASP C 300 37.26 18.15 -11.46
N PRO C 301 36.81 18.67 -12.60
CA PRO C 301 35.42 19.15 -12.69
C PRO C 301 34.37 18.06 -12.55
N GLU C 302 34.73 16.79 -12.72
CA GLU C 302 33.80 15.68 -12.63
C GLU C 302 33.82 14.99 -11.28
N MET C 303 34.67 15.42 -10.35
CA MET C 303 34.86 14.74 -9.07
C MET C 303 34.13 15.50 -7.97
N ASP C 304 33.16 14.85 -7.34
CA ASP C 304 32.43 15.43 -6.23
C ASP C 304 33.27 15.41 -4.96
N GLY C 305 32.86 16.23 -3.98
CA GLY C 305 33.41 16.12 -2.65
C GLY C 305 32.79 14.95 -1.90
N GLU C 306 33.56 14.40 -0.97
CA GLU C 306 33.13 13.22 -0.24
C GLU C 306 32.35 13.60 1.01
N ASP C 307 31.45 12.72 1.41
CA ASP C 307 30.60 12.97 2.57
C ASP C 307 31.39 12.81 3.86
N GLY C 308 30.86 13.40 4.93
CA GLY C 308 31.48 13.34 6.22
C GLY C 308 31.27 12.01 6.92
N VAL C 309 31.90 11.88 8.08
CA VAL C 309 31.81 10.68 8.92
C VAL C 309 30.93 10.99 10.11
N SER C 310 29.94 10.15 10.35
CA SER C 310 29.05 10.33 11.49
C SER C 310 29.67 9.74 12.75
N PHE C 311 29.07 10.08 13.89
CA PHE C 311 29.57 9.62 15.19
C PHE C 311 28.40 9.47 16.15
N ILE C 312 28.43 8.40 16.94
CA ILE C 312 27.49 8.19 18.04
C ILE C 312 28.29 7.82 19.28
N SER C 313 27.92 8.43 20.41
CA SER C 313 28.65 8.21 21.64
C SER C 313 28.44 6.79 22.15
N PRO C 314 29.46 6.19 22.79
CA PRO C 314 29.27 4.88 23.42
C PRO C 314 28.23 4.89 24.53
N LEU C 315 27.92 6.05 25.09
CA LEU C 315 26.92 6.15 26.15
C LEU C 315 25.51 5.88 25.67
N GLY C 316 25.29 5.87 24.35
CA GLY C 316 23.98 5.63 23.78
C GLY C 316 23.87 4.32 23.03
N ILE C 317 22.67 4.09 22.51
CA ILE C 317 22.34 2.89 21.74
C ILE C 317 21.87 3.34 20.36
N LEU C 318 22.44 2.77 19.32
CA LEU C 318 22.07 3.14 17.96
C LEU C 318 20.72 2.50 17.61
N TYR C 319 19.71 3.34 17.38
CA TYR C 319 18.38 2.85 17.05
C TYR C 319 18.32 2.37 15.61
N THR C 320 18.76 3.20 14.67
CA THR C 320 18.79 2.86 13.25
C THR C 320 20.14 3.28 12.68
N PRO C 321 20.79 2.44 11.88
CA PRO C 321 22.10 2.80 11.31
C PRO C 321 22.04 4.07 10.48
N ALA C 322 23.23 4.65 10.26
CA ALA C 322 23.32 5.92 9.54
C ALA C 322 22.85 5.76 8.11
N LEU C 323 21.96 6.66 7.68
CA LEU C 323 21.38 6.62 6.35
C LEU C 323 21.24 8.04 5.79
N LYS C 324 21.58 8.17 4.51
CA LYS C 324 21.43 9.45 3.80
C LYS C 324 19.95 9.70 3.50
N VAL C 325 19.35 10.66 4.20
CA VAL C 325 17.92 10.91 4.04
C VAL C 325 17.61 12.39 3.85
N MET C 326 18.44 13.27 4.41
CA MET C 326 18.07 14.68 4.56
C MET C 326 18.47 15.49 3.35
N GLU C 327 17.52 16.23 2.79
CA GLU C 327 17.75 17.17 1.71
C GLU C 327 17.50 18.57 2.24
N GLY C 328 18.50 19.44 2.13
CA GLY C 328 18.40 20.77 2.71
C GLY C 328 18.99 20.83 4.10
N HIS C 329 18.38 21.64 4.97
CA HIS C 329 18.90 21.80 6.33
C HIS C 329 18.59 20.56 7.18
N GLY C 330 19.38 20.39 8.24
CA GLY C 330 19.20 19.30 9.16
C GLY C 330 18.28 19.65 10.32
N GLU C 331 18.03 18.65 11.17
CA GLU C 331 17.14 18.83 12.32
C GLU C 331 17.65 17.99 13.48
N VAL C 332 17.04 18.21 14.65
CA VAL C 332 17.26 17.39 15.84
C VAL C 332 15.89 17.17 16.49
N ASN C 333 15.59 15.91 16.80
CA ASN C 333 14.29 15.53 17.36
C ASN C 333 14.49 14.60 18.54
N ILE C 334 13.80 14.88 19.65
CA ILE C 334 13.88 14.10 20.87
C ILE C 334 12.49 13.56 21.19
N LYS C 335 12.39 12.24 21.42
CA LYS C 335 11.09 11.57 21.42
C LYS C 335 10.91 10.48 22.47
N HIS C 336 11.90 10.24 23.35
CA HIS C 336 11.75 9.32 24.48
C HIS C 336 11.43 7.89 24.00
N TYR C 337 12.45 7.24 23.43
CA TYR C 337 12.33 5.86 23.03
C TYR C 337 12.88 4.93 24.12
N LEU C 338 12.77 3.64 23.89
CA LEU C 338 13.31 2.64 24.81
C LEU C 338 13.63 1.35 24.08
N ASP D 31 -43.16 -28.80 2.15
CA ASP D 31 -42.30 -28.89 3.33
C ASP D 31 -42.33 -27.58 4.12
N PRO D 32 -42.91 -27.63 5.33
CA PRO D 32 -43.06 -26.41 6.13
C PRO D 32 -41.75 -26.01 6.79
N THR D 33 -41.38 -24.75 6.61
CA THR D 33 -40.24 -24.13 7.28
C THR D 33 -38.96 -24.93 7.06
N VAL D 34 -38.43 -24.81 5.85
CA VAL D 34 -37.17 -25.44 5.50
C VAL D 34 -36.06 -24.39 5.58
N HIS D 35 -36.16 -23.48 6.54
CA HIS D 35 -35.16 -22.43 6.68
C HIS D 35 -34.48 -22.49 8.04
N TRP D 36 -34.28 -21.33 8.66
CA TRP D 36 -33.53 -21.16 9.90
C TRP D 36 -32.07 -21.58 9.70
N LEU D 37 -31.38 -20.82 8.87
CA LEU D 37 -29.98 -21.04 8.56
C LEU D 37 -29.13 -20.05 9.35
N PHE D 38 -28.13 -20.57 10.06
CA PHE D 38 -27.25 -19.77 10.91
C PHE D 38 -25.87 -19.74 10.30
N THR D 39 -25.30 -18.54 10.15
CA THR D 39 -23.97 -18.38 9.59
C THR D 39 -23.09 -17.57 10.54
N THR D 40 -21.89 -17.22 10.09
CA THR D 40 -21.00 -16.39 10.88
C THR D 40 -21.36 -14.92 10.85
N CYS D 41 -22.48 -14.56 10.19
CA CYS D 41 -22.93 -13.18 10.07
C CYS D 41 -21.89 -12.29 9.42
N GLY D 42 -21.09 -12.87 8.52
CA GLY D 42 -20.02 -12.14 7.86
C GLY D 42 -18.74 -12.03 8.65
N ALA D 43 -18.74 -12.43 9.92
CA ALA D 43 -17.54 -12.37 10.73
C ALA D 43 -16.56 -13.46 10.32
N SER D 44 -15.26 -13.16 10.48
CA SER D 44 -14.22 -14.10 10.15
C SER D 44 -13.01 -13.78 11.02
N GLY D 45 -12.29 -14.82 11.44
CA GLY D 45 -11.13 -14.65 12.27
C GLY D 45 -11.29 -15.27 13.64
N PRO D 46 -10.52 -14.78 14.61
CA PRO D 46 -10.54 -15.37 15.95
C PRO D 46 -11.66 -14.87 16.85
N HIS D 47 -12.46 -13.90 16.41
CA HIS D 47 -13.52 -13.34 17.22
C HIS D 47 -14.87 -13.54 16.55
N GLY D 48 -15.92 -13.58 17.37
CA GLY D 48 -17.25 -13.84 16.89
C GLY D 48 -17.92 -12.60 16.33
N PRO D 49 -19.12 -12.80 15.79
CA PRO D 49 -19.85 -11.68 15.18
C PRO D 49 -20.52 -10.79 16.22
N THR D 50 -20.91 -9.61 15.76
CA THR D 50 -21.64 -8.65 16.58
C THR D 50 -23.13 -8.72 16.27
N GLN D 51 -23.93 -8.09 17.14
CA GLN D 51 -25.37 -8.06 16.93
C GLN D 51 -25.72 -7.34 15.63
N ALA D 52 -25.00 -6.26 15.33
CA ALA D 52 -25.27 -5.51 14.11
C ALA D 52 -24.98 -6.35 12.86
N GLN D 53 -23.93 -7.17 12.92
CA GLN D 53 -23.60 -8.01 11.78
C GLN D 53 -24.69 -9.05 11.50
N CYS D 54 -25.23 -9.64 12.57
CA CYS D 54 -26.24 -10.68 12.39
C CYS D 54 -27.60 -10.11 12.00
N ASN D 55 -27.90 -8.88 12.43
CA ASN D 55 -29.15 -8.24 12.00
C ASN D 55 -29.18 -8.02 10.49
N ASN D 56 -28.01 -7.75 9.88
CA ASN D 56 -27.95 -7.56 8.43
C ASN D 56 -27.92 -8.89 7.68
N ALA D 57 -27.22 -9.89 8.23
CA ALA D 57 -27.15 -11.18 7.55
C ALA D 57 -28.50 -11.88 7.50
N TYR D 58 -29.33 -11.69 8.52
CA TYR D 58 -30.65 -12.29 8.59
C TYR D 58 -31.76 -11.30 8.25
N GLN D 59 -31.43 -10.25 7.51
CA GLN D 59 -32.43 -9.24 7.15
C GLN D 59 -33.51 -9.82 6.25
N ASN D 60 -33.14 -10.73 5.34
CA ASN D 60 -34.09 -11.30 4.39
C ASN D 60 -34.45 -12.74 4.73
N SER D 61 -34.33 -13.12 5.99
CA SER D 61 -34.63 -14.47 6.45
C SER D 61 -35.75 -14.44 7.48
N ASN D 62 -36.18 -15.64 7.88
CA ASN D 62 -37.15 -15.82 8.95
C ASN D 62 -36.50 -15.95 10.31
N LEU D 63 -35.27 -15.47 10.46
CA LEU D 63 -34.46 -15.70 11.64
C LEU D 63 -34.09 -14.39 12.31
N SER D 64 -34.19 -14.37 13.64
CA SER D 64 -33.73 -13.25 14.45
C SER D 64 -33.16 -13.80 15.74
N VAL D 65 -31.91 -13.43 16.04
CA VAL D 65 -31.19 -13.97 17.17
C VAL D 65 -30.60 -12.82 17.99
N GLU D 66 -30.26 -13.13 19.24
CA GLU D 66 -29.52 -12.23 20.11
C GLU D 66 -28.07 -12.66 20.15
N VAL D 67 -27.16 -11.68 20.20
CA VAL D 67 -25.73 -11.94 20.20
C VAL D 67 -25.14 -11.42 21.51
N GLY D 68 -24.34 -12.27 22.16
CA GLY D 68 -23.63 -11.87 23.35
C GLY D 68 -22.67 -10.73 23.11
N SER D 69 -22.76 -9.67 23.92
CA SER D 69 -21.96 -8.47 23.70
C SER D 69 -20.63 -8.50 24.42
N GLU D 70 -20.49 -9.28 25.48
CA GLU D 70 -19.23 -9.33 26.23
C GLU D 70 -19.21 -10.60 27.07
N GLY D 71 -17.99 -10.98 27.48
CA GLY D 71 -17.81 -12.13 28.34
C GLY D 71 -17.62 -13.42 27.57
N PRO D 72 -17.82 -14.55 28.26
CA PRO D 72 -17.68 -15.84 27.58
C PRO D 72 -18.76 -16.11 26.55
N LEU D 73 -19.86 -15.37 26.56
CA LEU D 73 -20.93 -15.51 25.59
C LEU D 73 -20.75 -14.60 24.38
N LYS D 74 -19.61 -13.90 24.29
CA LYS D 74 -19.37 -12.99 23.18
C LYS D 74 -19.29 -13.76 21.86
N GLY D 75 -20.12 -13.34 20.90
CA GLY D 75 -20.16 -13.98 19.61
C GLY D 75 -21.07 -15.17 19.50
N ILE D 76 -21.75 -15.56 20.58
CA ILE D 76 -22.65 -16.71 20.57
C ILE D 76 -24.06 -16.22 20.28
N GLN D 77 -24.72 -16.85 19.31
CA GLN D 77 -26.07 -16.46 18.92
C GLN D 77 -27.09 -17.24 19.75
N ILE D 78 -28.13 -16.54 20.20
CA ILE D 78 -29.18 -17.11 21.04
C ILE D 78 -30.49 -17.06 20.27
N TRP D 79 -31.07 -18.22 20.01
CA TRP D 79 -32.28 -18.35 19.21
C TRP D 79 -33.41 -18.91 20.05
N LYS D 80 -34.61 -18.36 19.85
CA LYS D 80 -35.81 -18.81 20.55
C LYS D 80 -36.53 -19.88 19.74
N VAL D 81 -36.72 -21.05 20.35
CA VAL D 81 -37.45 -22.13 19.69
C VAL D 81 -38.92 -21.72 19.57
N PRO D 82 -39.51 -21.78 18.37
CA PRO D 82 -40.86 -21.20 18.20
C PRO D 82 -41.99 -22.11 18.65
N ALA D 83 -41.77 -23.42 18.64
CA ALA D 83 -42.85 -24.34 18.96
C ALA D 83 -42.27 -25.65 19.45
N THR D 84 -43.06 -26.38 20.23
CA THR D 84 -42.67 -27.70 20.71
C THR D 84 -42.90 -28.72 19.60
N ASP D 85 -41.83 -29.35 19.15
CA ASP D 85 -41.88 -30.32 18.06
C ASP D 85 -40.57 -31.08 18.04
N THR D 86 -40.46 -32.00 17.08
CA THR D 86 -39.23 -32.76 16.84
C THR D 86 -38.47 -32.08 15.71
N TYR D 87 -37.28 -31.56 16.02
CA TYR D 87 -36.50 -30.76 15.09
C TYR D 87 -35.27 -31.51 14.61
N SER D 88 -34.83 -31.17 13.40
CA SER D 88 -33.63 -31.74 12.78
C SER D 88 -32.54 -30.67 12.83
N ILE D 89 -31.53 -30.90 13.67
CA ILE D 89 -30.44 -29.95 13.87
C ILE D 89 -29.26 -30.41 13.02
N SER D 90 -28.89 -29.59 12.04
CA SER D 90 -27.82 -29.88 11.12
C SER D 90 -26.62 -29.00 11.49
N GLY D 91 -25.59 -29.62 12.07
CA GLY D 91 -24.40 -28.90 12.49
C GLY D 91 -23.27 -29.07 11.48
N TYR D 92 -22.56 -27.98 11.22
CA TYR D 92 -21.42 -27.98 10.30
C TYR D 92 -20.26 -27.26 10.97
N GLY D 93 -19.12 -27.95 11.07
CA GLY D 93 -17.92 -27.33 11.57
C GLY D 93 -17.28 -26.44 10.52
N ALA D 94 -16.17 -25.81 10.91
CA ALA D 94 -15.41 -24.94 10.03
C ALA D 94 -14.12 -25.62 9.64
N ALA D 95 -13.62 -25.27 8.45
CA ALA D 95 -12.40 -25.87 7.94
C ALA D 95 -11.17 -25.18 8.49
N GLY D 96 -10.04 -25.87 8.41
CA GLY D 96 -8.78 -25.33 8.84
C GLY D 96 -8.18 -24.37 7.83
N GLY D 97 -6.99 -23.89 8.15
CA GLY D 97 -6.29 -22.96 7.29
C GLY D 97 -5.47 -23.66 6.22
N LYS D 98 -5.19 -22.91 5.15
CA LYS D 98 -4.37 -23.41 4.06
C LYS D 98 -2.91 -23.53 4.49
N GLY D 99 -2.16 -24.35 3.76
CA GLY D 99 -0.75 -24.53 4.03
C GLY D 99 0.08 -23.33 3.62
N GLY D 100 1.39 -23.51 3.51
CA GLY D 100 2.27 -22.41 3.14
C GLY D 100 2.48 -22.31 1.66
N LYS D 101 3.73 -22.56 1.22
CA LYS D 101 4.03 -22.49 -0.20
C LYS D 101 3.27 -23.55 -0.99
N ASN D 102 2.99 -24.70 -0.36
CA ASN D 102 2.29 -25.77 -1.06
C ASN D 102 0.83 -25.40 -1.32
N THR D 103 0.19 -24.73 -0.36
CA THR D 103 -1.23 -24.39 -0.43
C THR D 103 -2.05 -25.62 -0.79
N MET D 104 -1.88 -26.67 0.00
CA MET D 104 -2.56 -27.93 -0.21
C MET D 104 -4.02 -27.84 0.27
N MET D 105 -4.75 -28.93 0.07
CA MET D 105 -6.15 -28.97 0.46
C MET D 105 -6.29 -28.82 1.97
N ARG D 106 -7.07 -27.83 2.40
CA ARG D 106 -7.31 -27.63 3.82
C ARG D 106 -8.14 -28.76 4.39
N SER D 107 -7.96 -29.04 5.67
CA SER D 107 -8.75 -30.06 6.35
C SER D 107 -10.17 -29.53 6.55
N HIS D 108 -11.14 -30.24 5.99
CA HIS D 108 -12.52 -29.78 6.00
C HIS D 108 -13.14 -29.97 7.40
N GLY D 109 -14.25 -29.26 7.62
CA GLY D 109 -14.98 -29.41 8.86
C GLY D 109 -15.87 -30.64 8.87
N VAL D 110 -16.40 -30.95 10.06
CA VAL D 110 -17.15 -32.18 10.30
C VAL D 110 -18.64 -31.85 10.32
N SER D 111 -19.44 -32.79 9.81
CA SER D 111 -20.89 -32.63 9.76
C SER D 111 -21.55 -33.60 10.74
N VAL D 112 -22.38 -33.06 11.62
CA VAL D 112 -23.11 -33.83 12.61
C VAL D 112 -24.60 -33.52 12.44
N LEU D 113 -25.38 -34.52 12.07
CA LEU D 113 -26.81 -34.37 11.83
C LEU D 113 -27.56 -35.10 12.93
N GLY D 114 -28.42 -34.38 13.64
CA GLY D 114 -29.13 -34.96 14.76
C GLY D 114 -30.60 -34.59 14.76
N ILE D 115 -31.36 -35.39 15.52
CA ILE D 115 -32.79 -35.21 15.70
C ILE D 115 -33.05 -35.02 17.19
N PHE D 116 -33.74 -33.94 17.54
CA PHE D 116 -33.96 -33.59 18.94
C PHE D 116 -35.41 -33.18 19.18
N ASN D 117 -35.86 -33.39 20.41
CA ASN D 117 -37.14 -32.86 20.87
C ASN D 117 -36.89 -31.55 21.60
N LEU D 118 -37.57 -30.50 21.18
CA LEU D 118 -37.45 -29.19 21.78
C LEU D 118 -38.82 -28.70 22.22
N GLU D 119 -38.84 -27.90 23.28
CA GLU D 119 -40.06 -27.32 23.80
C GLU D 119 -40.18 -25.87 23.34
N LYS D 120 -41.41 -25.37 23.36
CA LYS D 120 -41.65 -23.97 23.04
C LYS D 120 -40.92 -23.08 24.05
N ASP D 121 -40.34 -21.99 23.55
CA ASP D 121 -39.61 -20.98 24.33
C ASP D 121 -38.29 -21.50 24.87
N ASP D 122 -37.81 -22.65 24.40
CA ASP D 122 -36.47 -23.09 24.74
C ASP D 122 -35.43 -22.18 24.09
N MET D 123 -34.40 -21.83 24.85
CA MET D 123 -33.35 -20.91 24.40
C MET D 123 -32.15 -21.71 23.92
N LEU D 124 -32.01 -21.82 22.60
CA LEU D 124 -30.88 -22.53 21.99
C LEU D 124 -29.71 -21.57 21.80
N TYR D 125 -28.55 -21.96 22.31
CA TYR D 125 -27.32 -21.19 22.15
C TYR D 125 -26.54 -21.80 20.98
N ILE D 126 -26.19 -20.95 20.01
CA ILE D 126 -25.54 -21.39 18.78
C ILE D 126 -24.27 -20.58 18.60
N LEU D 127 -23.14 -21.29 18.48
CA LEU D 127 -21.85 -20.69 18.13
C LEU D 127 -21.47 -21.23 16.76
N VAL D 128 -21.48 -20.38 15.75
CA VAL D 128 -21.15 -20.79 14.38
C VAL D 128 -19.64 -20.73 14.21
N GLY D 129 -19.03 -21.88 13.95
CA GLY D 129 -17.59 -21.93 13.83
C GLY D 129 -17.09 -21.18 12.61
N GLN D 130 -16.00 -20.46 12.79
CA GLN D 130 -15.38 -19.68 11.73
C GLN D 130 -14.09 -20.36 11.26
N GLN D 131 -13.77 -20.17 9.99
CA GLN D 131 -12.61 -20.83 9.40
C GLN D 131 -11.32 -20.33 10.05
N GLY D 132 -10.36 -21.24 10.22
CA GLY D 132 -9.04 -20.83 10.67
C GLY D 132 -8.32 -20.04 9.59
N GLU D 133 -7.49 -19.10 10.05
CA GLU D 133 -6.82 -18.20 9.12
C GLU D 133 -5.82 -18.95 8.27
N ASP D 134 -5.78 -18.62 6.98
CA ASP D 134 -4.84 -19.23 6.05
C ASP D 134 -3.47 -18.58 6.19
N ALA D 135 -2.46 -19.31 5.71
CA ALA D 135 -1.11 -18.76 5.68
C ALA D 135 -0.96 -17.76 4.54
N CYS D 136 -1.39 -18.14 3.35
CA CYS D 136 -1.28 -17.30 2.17
C CYS D 136 -2.65 -17.06 1.56
N PRO D 137 -2.89 -15.86 0.98
CA PRO D 137 -1.95 -14.75 0.90
C PRO D 137 -1.88 -13.94 2.20
N SER D 138 -0.99 -12.95 2.24
CA SER D 138 -0.85 -12.09 3.41
C SER D 138 -0.57 -10.67 2.97
N THR D 139 -0.75 -9.74 3.90
CA THR D 139 -0.58 -8.31 3.63
C THR D 139 0.85 -7.83 3.87
N ASN D 140 1.69 -8.64 4.51
CA ASN D 140 3.07 -8.24 4.77
C ASN D 140 3.92 -8.40 3.52
N GLN D 141 4.77 -7.40 3.27
CA GLN D 141 5.60 -7.42 2.06
C GLN D 141 6.57 -8.59 2.06
N LEU D 142 7.21 -8.86 3.20
CA LEU D 142 8.17 -9.95 3.27
C LEU D 142 7.47 -11.31 3.22
N ILE D 143 6.28 -11.40 3.83
CA ILE D 143 5.55 -12.67 3.85
C ILE D 143 5.11 -13.06 2.45
N GLN D 144 4.58 -12.10 1.68
CA GLN D 144 4.04 -12.42 0.36
C GLN D 144 5.12 -12.94 -0.57
N LYS D 145 6.37 -12.49 -0.39
CA LYS D 145 7.47 -13.01 -1.20
C LYS D 145 7.73 -14.48 -0.89
N VAL D 146 7.42 -14.92 0.33
CA VAL D 146 7.53 -16.33 0.66
C VAL D 146 6.38 -17.11 0.03
N CYS D 147 5.18 -16.52 0.01
CA CYS D 147 4.01 -17.20 -0.54
C CYS D 147 4.16 -17.45 -2.03
N ILE D 148 4.74 -16.50 -2.77
CA ILE D 148 4.90 -16.66 -4.21
C ILE D 148 6.11 -17.51 -4.57
N GLY D 149 6.86 -17.99 -3.59
CA GLY D 149 7.96 -18.90 -3.83
C GLY D 149 9.30 -18.27 -4.15
N GLU D 150 9.46 -16.97 -3.93
CA GLU D 150 10.73 -16.33 -4.20
C GLU D 150 11.67 -16.36 -3.00
N ASN D 151 11.13 -16.25 -1.79
CA ASN D 151 11.94 -16.27 -0.57
C ASN D 151 11.91 -17.67 0.02
N ASN D 152 13.08 -18.33 0.02
CA ASN D 152 13.20 -19.71 0.47
C ASN D 152 14.03 -19.83 1.75
N VAL D 153 13.94 -18.83 2.63
CA VAL D 153 14.68 -18.90 3.89
C VAL D 153 14.21 -20.07 4.73
N ILE D 154 12.90 -20.35 4.71
CA ILE D 154 12.37 -21.45 5.50
C ILE D 154 12.94 -22.78 4.99
N GLU D 155 12.92 -22.99 3.68
CA GLU D 155 13.52 -24.20 3.12
C GLU D 155 15.02 -24.25 3.39
N GLU D 156 15.67 -23.08 3.43
CA GLU D 156 17.11 -23.04 3.68
C GLU D 156 17.42 -23.47 5.12
N GLU D 157 16.70 -22.94 6.10
CA GLU D 157 16.96 -23.28 7.49
C GLU D 157 16.70 -24.76 7.78
N ILE D 158 15.76 -25.38 7.08
CA ILE D 158 15.49 -26.80 7.27
C ILE D 158 16.70 -27.63 6.84
N ARG D 159 17.29 -27.28 5.71
CA ARG D 159 18.46 -28.03 5.22
C ARG D 159 19.66 -27.87 6.15
N VAL D 160 19.81 -26.71 6.78
CA VAL D 160 21.01 -26.44 7.56
C VAL D 160 20.90 -27.03 8.97
N ASN D 161 19.79 -26.77 9.66
CA ASN D 161 19.66 -27.12 11.07
C ASN D 161 18.59 -28.18 11.32
N ARG D 162 18.15 -28.89 10.28
CA ARG D 162 17.32 -30.08 10.36
C ARG D 162 15.91 -29.82 10.90
N SER D 163 15.60 -28.60 11.31
CA SER D 163 14.28 -28.28 11.83
C SER D 163 14.10 -26.78 11.79
N VAL D 164 12.87 -26.34 12.06
CA VAL D 164 12.51 -24.93 12.07
C VAL D 164 12.52 -24.44 13.52
N HIS D 165 13.48 -23.59 13.84
CA HIS D 165 13.59 -22.99 15.16
C HIS D 165 13.59 -21.47 15.15
N GLU D 166 14.08 -20.84 14.08
CA GLU D 166 14.18 -19.39 13.99
C GLU D 166 13.11 -18.78 13.10
N TRP D 167 12.99 -19.26 11.87
CA TRP D 167 12.02 -18.71 10.92
C TRP D 167 10.74 -19.54 10.97
N ALA D 168 10.02 -19.38 12.07
CA ALA D 168 8.79 -20.13 12.30
C ALA D 168 7.62 -19.50 11.56
N GLY D 169 6.59 -20.31 11.33
CA GLY D 169 5.40 -19.89 10.62
C GLY D 169 5.24 -20.60 9.28
N GLY D 170 4.08 -20.39 8.68
CA GLY D 170 3.74 -20.95 7.40
C GLY D 170 2.60 -21.95 7.40
N GLY D 171 2.18 -22.44 8.56
CA GLY D 171 1.03 -23.31 8.62
C GLY D 171 -0.24 -22.56 8.94
N GLY D 172 -1.37 -23.16 8.55
CA GLY D 172 -2.65 -22.54 8.79
C GLY D 172 -3.13 -22.71 10.23
N GLY D 173 -4.07 -21.84 10.61
CA GLY D 173 -4.64 -21.93 11.93
C GLY D 173 -5.74 -22.97 12.01
N GLY D 174 -6.06 -23.36 13.25
CA GLY D 174 -7.08 -24.37 13.45
C GLY D 174 -8.47 -23.81 13.18
N GLY D 175 -9.33 -24.65 12.62
CA GLY D 175 -10.69 -24.24 12.33
C GLY D 175 -11.57 -24.26 13.56
N GLY D 176 -12.56 -23.37 13.57
CA GLY D 176 -13.47 -23.29 14.69
C GLY D 176 -14.55 -24.36 14.64
N ALA D 177 -15.07 -24.69 15.81
CA ALA D 177 -16.13 -25.68 15.94
C ALA D 177 -17.48 -25.00 16.05
N THR D 178 -18.53 -25.75 15.71
CA THR D 178 -19.91 -25.29 15.81
C THR D 178 -20.52 -25.90 17.07
N TYR D 179 -20.98 -25.05 17.98
CA TYR D 179 -21.55 -25.48 19.25
C TYR D 179 -23.04 -25.16 19.28
N VAL D 180 -23.85 -26.17 19.59
CA VAL D 180 -25.29 -26.00 19.79
C VAL D 180 -25.61 -26.57 21.16
N PHE D 181 -25.98 -25.69 22.11
CA PHE D 181 -26.25 -26.10 23.47
C PHE D 181 -27.35 -25.23 24.05
N LYS D 182 -27.96 -25.71 25.14
CA LYS D 182 -28.97 -24.96 25.86
C LYS D 182 -28.65 -24.96 27.34
N MET D 183 -28.86 -23.81 27.98
CA MET D 183 -28.52 -23.63 29.38
C MET D 183 -29.59 -24.26 30.28
N LYS D 184 -29.14 -25.04 31.26
CA LYS D 184 -29.99 -25.42 32.37
C LYS D 184 -29.95 -24.31 33.42
N ASP D 185 -30.33 -24.63 34.66
CA ASP D 185 -30.40 -23.63 35.72
C ASP D 185 -29.16 -22.75 35.77
N GLY D 186 -27.97 -23.37 35.83
CA GLY D 186 -26.75 -22.59 35.86
C GLY D 186 -25.62 -23.15 35.03
N VAL D 187 -25.83 -24.29 34.41
CA VAL D 187 -24.78 -25.04 33.73
C VAL D 187 -25.20 -25.25 32.29
N PRO D 188 -24.33 -25.00 31.31
CA PRO D 188 -24.66 -25.32 29.92
C PRO D 188 -24.57 -26.82 29.65
N VAL D 189 -25.48 -27.30 28.82
CA VAL D 189 -25.54 -28.70 28.44
C VAL D 189 -25.43 -28.78 26.92
N PRO D 190 -24.44 -29.47 26.37
CA PRO D 190 -24.27 -29.50 24.91
C PRO D 190 -25.25 -30.46 24.25
N LEU D 191 -25.65 -30.09 23.04
CA LEU D 191 -26.51 -30.93 22.21
C LEU D 191 -25.80 -31.43 20.95
N ILE D 192 -25.28 -30.52 20.13
CA ILE D 192 -24.55 -30.88 18.92
C ILE D 192 -23.25 -30.08 18.89
N ILE D 193 -22.14 -30.78 18.68
CA ILE D 193 -20.84 -30.15 18.51
C ILE D 193 -20.25 -30.68 17.22
N ALA D 194 -20.09 -29.80 16.22
CA ALA D 194 -19.51 -30.15 14.94
C ALA D 194 -18.05 -29.70 14.95
N ALA D 195 -17.14 -30.66 15.06
CA ALA D 195 -15.73 -30.35 15.22
C ALA D 195 -15.17 -29.62 14.01
N GLY D 196 -14.19 -28.76 14.25
CA GLY D 196 -13.52 -28.06 13.18
C GLY D 196 -12.28 -28.78 12.70
N GLY D 197 -11.85 -28.45 11.49
CA GLY D 197 -10.68 -29.10 10.92
C GLY D 197 -9.39 -28.46 11.38
N GLY D 198 -8.34 -29.29 11.44
CA GLY D 198 -7.04 -28.80 11.84
C GLY D 198 -6.37 -27.98 10.76
N GLY D 199 -5.40 -27.17 11.18
CA GLY D 199 -4.68 -26.33 10.24
C GLY D 199 -3.67 -27.13 9.45
N ARG D 200 -3.55 -26.80 8.17
CA ARG D 200 -2.60 -27.46 7.29
C ARG D 200 -1.20 -26.89 7.52
N ALA D 201 -0.22 -27.77 7.63
CA ALA D 201 1.15 -27.35 7.90
C ALA D 201 1.77 -26.69 6.67
N TYR D 202 2.92 -26.05 6.90
CA TYR D 202 3.61 -25.35 5.82
C TYR D 202 4.07 -26.33 4.73
N GLY D 203 4.88 -27.31 5.11
CA GLY D 203 5.44 -28.21 4.13
C GLY D 203 4.71 -29.53 3.99
N ALA D 204 3.40 -29.52 4.23
CA ALA D 204 2.59 -30.72 4.17
C ALA D 204 2.33 -31.07 2.70
N LYS D 205 3.23 -31.86 2.12
CA LYS D 205 3.02 -32.31 0.74
C LYS D 205 1.92 -33.35 0.66
N THR D 206 1.56 -33.97 1.78
CA THR D 206 0.50 -34.95 1.86
C THR D 206 -0.59 -34.45 2.80
N ASP D 207 -1.79 -35.01 2.66
CA ASP D 207 -2.95 -34.62 3.45
C ASP D 207 -3.42 -35.71 4.40
N THR D 208 -3.44 -36.97 3.93
CA THR D 208 -3.76 -38.16 4.70
C THR D 208 -5.20 -38.22 5.24
N PHE D 209 -5.86 -37.07 5.40
CA PHE D 209 -7.24 -36.98 5.87
C PHE D 209 -7.52 -37.89 7.07
N HIS D 210 -7.10 -37.46 8.25
CA HIS D 210 -7.31 -38.24 9.46
C HIS D 210 -8.81 -38.51 9.64
N PRO D 211 -9.20 -39.68 10.14
CA PRO D 211 -10.62 -39.98 10.29
C PRO D 211 -11.25 -39.21 11.44
N GLU D 212 -12.59 -39.22 11.47
CA GLU D 212 -13.33 -38.44 12.43
C GLU D 212 -13.43 -39.16 13.78
N ARG D 213 -13.86 -38.41 14.79
CA ARG D 213 -14.14 -38.93 16.11
C ARG D 213 -15.40 -38.25 16.63
N LEU D 214 -16.28 -39.05 17.25
CA LEU D 214 -17.56 -38.54 17.73
C LEU D 214 -17.83 -39.14 19.11
N GLU D 215 -18.04 -38.28 20.09
CA GLU D 215 -18.32 -38.69 21.45
C GLU D 215 -19.79 -38.47 21.78
N ASN D 216 -20.34 -39.33 22.63
CA ASN D 216 -21.73 -39.23 23.05
C ASN D 216 -21.89 -39.47 24.54
N ASN D 217 -20.80 -39.44 25.30
CA ASN D 217 -20.80 -39.63 26.75
C ASN D 217 -20.40 -38.32 27.39
N SER D 218 -21.36 -37.67 28.07
CA SER D 218 -21.08 -36.40 28.72
C SER D 218 -20.13 -36.55 29.89
N SER D 219 -19.95 -37.77 30.42
CA SER D 219 -19.00 -38.00 31.49
C SER D 219 -17.56 -37.86 31.02
N VAL D 220 -17.31 -37.96 29.72
CA VAL D 220 -15.99 -37.65 29.17
C VAL D 220 -15.89 -36.15 29.02
N LEU D 221 -14.92 -35.55 29.71
CA LEU D 221 -14.83 -34.10 29.74
C LEU D 221 -14.02 -33.61 28.54
N GLY D 222 -14.54 -32.61 27.85
CA GLY D 222 -13.93 -32.11 26.64
C GLY D 222 -12.84 -31.07 26.88
N LEU D 223 -11.65 -31.54 27.22
CA LEU D 223 -10.52 -30.65 27.45
C LEU D 223 -9.94 -30.16 26.12
N ASN D 224 -9.06 -29.17 26.22
CA ASN D 224 -8.38 -28.66 25.04
C ASN D 224 -7.41 -29.70 24.48
N GLY D 225 -6.87 -29.41 23.31
CA GLY D 225 -5.89 -30.28 22.70
C GLY D 225 -4.51 -30.11 23.29
N ASN D 226 -3.60 -31.00 22.88
CA ASN D 226 -2.23 -31.00 23.36
C ASN D 226 -1.48 -29.89 22.65
N SER D 227 -1.56 -28.68 23.21
CA SER D 227 -0.85 -27.55 22.63
C SER D 227 0.65 -27.71 22.82
N GLY D 228 1.41 -27.40 21.76
CA GLY D 228 2.85 -27.46 21.82
C GLY D 228 3.46 -26.20 21.27
N ALA D 229 4.32 -26.32 20.25
CA ALA D 229 4.81 -25.15 19.55
C ALA D 229 3.65 -24.39 18.90
N ALA D 230 2.83 -25.09 18.12
CA ALA D 230 1.60 -24.53 17.60
C ALA D 230 0.46 -24.74 18.60
N GLY D 231 -0.55 -23.88 18.51
CA GLY D 231 -1.64 -23.94 19.45
C GLY D 231 -2.57 -25.12 19.18
N GLY D 232 -3.06 -25.73 20.26
CA GLY D 232 -4.03 -26.79 20.16
C GLY D 232 -5.45 -26.26 20.10
N GLY D 233 -6.38 -27.20 19.91
CA GLY D 233 -7.77 -26.83 19.78
C GLY D 233 -8.44 -26.58 21.12
N GLY D 234 -9.44 -25.70 21.10
CA GLY D 234 -10.21 -25.43 22.30
C GLY D 234 -11.32 -26.47 22.48
N GLY D 235 -11.52 -26.87 23.74
CA GLY D 235 -12.47 -27.89 24.08
C GLY D 235 -13.79 -27.33 24.57
N TRP D 236 -14.54 -28.17 25.29
CA TRP D 236 -15.81 -27.75 25.86
C TRP D 236 -15.60 -26.95 27.15
N ASN D 237 -14.82 -27.48 28.08
CA ASN D 237 -14.63 -26.85 29.38
C ASN D 237 -13.21 -27.13 29.85
N ASP D 238 -12.34 -26.12 29.77
CA ASP D 238 -10.96 -26.26 30.21
C ASP D 238 -10.48 -24.92 30.74
N ASN D 239 -9.21 -24.86 31.13
CA ASN D 239 -8.56 -23.65 31.62
C ASN D 239 -7.40 -23.33 30.68
N THR D 240 -7.67 -22.54 29.65
CA THR D 240 -6.66 -22.21 28.66
C THR D 240 -5.66 -21.22 29.23
N SER D 241 -4.39 -21.59 29.24
CA SER D 241 -3.30 -20.74 29.75
C SER D 241 -2.50 -20.11 28.62
N LEU D 242 -2.04 -20.91 27.67
CA LEU D 242 -1.22 -20.40 26.58
C LEU D 242 -2.04 -19.46 25.71
N LEU D 243 -1.43 -18.33 25.34
CA LEU D 243 -2.13 -17.35 24.51
C LEU D 243 -2.46 -17.93 23.13
N TRP D 244 -1.55 -18.71 22.55
CA TRP D 244 -1.73 -19.21 21.20
C TRP D 244 -2.60 -20.47 21.14
N ALA D 245 -3.07 -20.99 22.27
CA ALA D 245 -3.98 -22.12 22.28
C ALA D 245 -5.42 -21.65 22.19
N GLY D 246 -6.26 -22.46 21.55
CA GLY D 246 -7.66 -22.11 21.41
C GLY D 246 -8.39 -22.17 22.75
N LYS D 247 -9.22 -21.17 22.99
CA LYS D 247 -10.02 -21.11 24.21
C LYS D 247 -11.19 -22.09 24.15
N SER D 248 -11.56 -22.63 25.31
CA SER D 248 -12.67 -23.56 25.38
C SER D 248 -13.99 -22.83 25.20
N LEU D 249 -15.07 -23.61 25.05
CA LEU D 249 -16.39 -23.04 24.84
C LEU D 249 -16.81 -22.16 26.01
N GLN D 250 -16.63 -22.64 27.24
CA GLN D 250 -17.00 -21.88 28.42
C GLN D 250 -16.06 -20.73 28.72
N GLU D 251 -15.01 -20.53 27.92
CA GLU D 251 -14.08 -19.43 28.09
C GLU D 251 -14.20 -18.36 27.01
N GLY D 252 -15.19 -18.48 26.12
CA GLY D 252 -15.39 -17.55 25.04
C GLY D 252 -15.07 -18.09 23.67
N ALA D 253 -14.36 -19.22 23.59
CA ALA D 253 -14.01 -19.87 22.32
C ALA D 253 -13.26 -18.93 21.37
N THR D 254 -12.53 -17.98 21.93
CA THR D 254 -11.75 -17.07 21.11
C THR D 254 -10.64 -17.82 20.40
N GLY D 255 -10.41 -17.48 19.13
CA GLY D 255 -9.35 -18.12 18.38
C GLY D 255 -7.99 -17.84 18.98
N GLY D 256 -7.14 -18.87 19.01
CA GLY D 256 -5.82 -18.70 19.56
C GLY D 256 -4.94 -17.79 18.72
N HIS D 257 -4.06 -17.07 19.39
CA HIS D 257 -3.18 -16.13 18.71
C HIS D 257 -2.13 -16.89 17.89
N SER D 258 -1.40 -16.13 17.08
CA SER D 258 -0.38 -16.71 16.22
C SER D 258 0.79 -17.24 17.04
N CYS D 259 1.71 -17.91 16.35
CA CYS D 259 2.87 -18.50 17.03
C CYS D 259 3.75 -17.40 17.59
N PRO D 260 4.22 -17.53 18.84
CA PRO D 260 5.10 -16.49 19.41
C PRO D 260 6.39 -16.33 18.63
N GLN D 261 6.99 -17.43 18.17
CA GLN D 261 8.23 -17.35 17.42
C GLN D 261 8.00 -16.85 15.99
N ALA D 262 6.80 -17.06 15.44
CA ALA D 262 6.47 -16.51 14.14
C ALA D 262 6.33 -14.99 14.15
N MET D 263 6.34 -14.38 15.33
CA MET D 263 6.40 -12.93 15.45
C MET D 263 7.83 -12.51 15.74
N LYS D 264 8.07 -11.19 15.64
CA LYS D 264 9.38 -10.60 15.88
C LYS D 264 10.39 -11.01 14.81
N LYS D 265 10.01 -11.96 13.96
CA LYS D 265 10.77 -12.37 12.79
C LYS D 265 9.96 -12.25 11.51
N TRP D 266 8.65 -12.51 11.58
CA TRP D 266 7.75 -12.36 10.44
C TRP D 266 6.49 -11.62 10.87
N GLY D 267 5.50 -11.58 9.98
CA GLY D 267 4.18 -11.11 10.35
C GLY D 267 3.14 -12.20 10.19
N TRP D 268 3.51 -13.43 10.55
CA TRP D 268 2.65 -14.58 10.34
C TRP D 268 1.46 -14.58 11.30
N GLU D 269 0.51 -13.67 11.08
CA GLU D 269 -0.72 -13.63 11.88
C GLU D 269 -1.69 -14.70 11.35
N THR D 270 -1.34 -15.95 11.65
CA THR D 270 -2.19 -17.10 11.32
C THR D 270 -2.82 -17.57 12.63
N ARG D 271 -4.03 -17.11 12.89
CA ARG D 271 -4.71 -17.36 14.15
C ARG D 271 -5.83 -18.38 13.95
N GLY D 272 -6.30 -18.94 15.07
CA GLY D 272 -7.37 -19.89 15.01
C GLY D 272 -8.73 -19.24 14.78
N GLY D 273 -9.64 -20.03 14.22
CA GLY D 273 -10.98 -19.54 13.96
C GLY D 273 -11.83 -19.48 15.22
N PHE D 274 -12.80 -18.59 15.21
CA PHE D 274 -13.75 -18.48 16.31
C PHE D 274 -14.46 -19.82 16.51
N GLY D 275 -14.34 -20.37 17.71
CA GLY D 275 -14.88 -21.68 18.00
C GLY D 275 -13.84 -22.66 18.50
N GLY D 276 -12.79 -22.15 19.13
CA GLY D 276 -11.76 -22.99 19.69
C GLY D 276 -10.63 -23.34 18.76
N GLY D 277 -10.44 -22.57 17.69
CA GLY D 277 -9.36 -22.88 16.77
C GLY D 277 -8.01 -22.52 17.34
N GLY D 278 -7.03 -23.39 17.07
CA GLY D 278 -5.68 -23.18 17.55
C GLY D 278 -4.85 -22.30 16.64
N GLY D 279 -3.85 -21.65 17.24
CA GLY D 279 -3.00 -20.76 16.46
C GLY D 279 -2.06 -21.50 15.55
N GLY D 280 -1.67 -20.84 14.46
CA GLY D 280 -0.79 -21.44 13.48
C GLY D 280 0.68 -21.16 13.74
N CYS D 281 1.52 -22.07 13.25
CA CYS D 281 2.97 -21.94 13.34
C CYS D 281 3.55 -22.57 12.08
N SER D 282 4.83 -22.95 12.14
CA SER D 282 5.39 -23.79 11.08
C SER D 282 4.57 -25.07 10.92
N SER D 283 4.16 -25.67 12.03
CA SER D 283 3.22 -26.78 12.02
C SER D 283 1.79 -26.26 12.03
N GLY D 284 0.85 -27.16 11.78
CA GLY D 284 -0.54 -26.78 11.73
C GLY D 284 -1.15 -26.66 13.11
N GLY D 285 -2.13 -25.75 13.22
CA GLY D 285 -2.82 -25.56 14.47
C GLY D 285 -3.96 -26.56 14.65
N GLY D 286 -4.30 -26.79 15.91
CA GLY D 286 -5.35 -27.74 16.23
C GLY D 286 -6.73 -27.15 16.05
N GLY D 287 -7.66 -28.00 15.63
CA GLY D 287 -9.03 -27.58 15.42
C GLY D 287 -9.87 -27.71 16.68
N GLY D 288 -10.91 -26.88 16.76
CA GLY D 288 -11.77 -26.89 17.91
C GLY D 288 -12.80 -27.99 17.87
N GLY D 289 -13.48 -28.18 19.00
CA GLY D 289 -14.51 -29.20 19.10
C GLY D 289 -14.85 -29.45 20.56
N TYR D 290 -15.46 -30.61 20.80
CA TYR D 290 -15.70 -31.05 22.17
C TYR D 290 -14.38 -31.27 22.89
N ILE D 291 -13.53 -32.12 22.33
CA ILE D 291 -12.14 -32.25 22.77
C ILE D 291 -11.27 -31.63 21.68
N GLY D 292 -10.46 -30.65 22.06
CA GLY D 292 -9.67 -29.93 21.07
C GLY D 292 -8.64 -30.81 20.40
N GLY D 293 -8.35 -30.51 19.14
CA GLY D 293 -7.36 -31.26 18.41
C GLY D 293 -5.96 -30.95 18.91
N ASN D 294 -5.08 -31.94 18.77
CA ASN D 294 -3.71 -31.78 19.22
C ASN D 294 -2.88 -31.05 18.16
N ALA D 295 -1.71 -30.59 18.58
CA ALA D 295 -0.80 -29.86 17.71
C ALA D 295 0.60 -30.42 17.87
N ALA D 296 1.43 -30.19 16.86
CA ALA D 296 2.81 -30.66 16.91
C ALA D 296 3.55 -30.00 18.06
N SER D 297 4.24 -30.82 18.87
CA SER D 297 4.89 -30.33 20.07
C SER D 297 6.27 -29.75 19.80
N ASN D 298 6.87 -30.03 18.64
CA ASN D 298 8.24 -29.61 18.35
C ASN D 298 8.34 -28.80 17.06
N ASN D 299 7.23 -28.22 16.60
CA ASN D 299 7.21 -27.34 15.44
C ASN D 299 7.72 -28.04 14.18
N ASP D 300 7.17 -29.22 13.91
CA ASP D 300 7.53 -29.95 12.72
C ASP D 300 6.88 -29.30 11.51
N PRO D 301 7.64 -28.80 10.53
CA PRO D 301 7.03 -28.07 9.41
C PRO D 301 6.16 -28.92 8.51
N GLU D 302 6.31 -30.25 8.54
CA GLU D 302 5.52 -31.15 7.70
C GLU D 302 4.35 -31.77 8.44
N MET D 303 4.15 -31.44 9.71
CA MET D 303 3.13 -32.08 10.53
C MET D 303 1.93 -31.16 10.67
N ASP D 304 0.77 -31.63 10.20
CA ASP D 304 -0.45 -30.85 10.28
C ASP D 304 -1.00 -30.84 11.70
N GLY D 305 -1.88 -29.87 11.96
CA GLY D 305 -2.67 -29.91 13.16
C GLY D 305 -3.80 -30.92 13.05
N GLU D 306 -4.17 -31.50 14.18
CA GLU D 306 -5.16 -32.56 14.20
C GLU D 306 -6.56 -32.01 14.39
N ASP D 307 -7.54 -32.73 13.84
CA ASP D 307 -8.93 -32.29 13.88
C ASP D 307 -9.51 -32.46 15.28
N GLY D 308 -10.59 -31.72 15.54
CA GLY D 308 -11.27 -31.78 16.80
C GLY D 308 -12.16 -33.02 16.93
N VAL D 309 -12.74 -33.17 18.11
CA VAL D 309 -13.64 -34.27 18.43
C VAL D 309 -15.07 -33.74 18.46
N SER D 310 -15.96 -34.37 17.71
CA SER D 310 -17.35 -33.96 17.70
C SER D 310 -18.10 -34.57 18.88
N PHE D 311 -19.30 -34.06 19.13
CA PHE D 311 -20.10 -34.52 20.26
C PHE D 311 -21.58 -34.40 19.92
N ILE D 312 -22.34 -35.43 20.30
CA ILE D 312 -23.80 -35.41 20.20
C ILE D 312 -24.37 -35.88 21.54
N SER D 313 -25.40 -35.19 22.01
CA SER D 313 -25.98 -35.52 23.30
C SER D 313 -26.67 -36.87 23.26
N PRO D 314 -26.64 -37.62 24.37
CA PRO D 314 -27.38 -38.88 24.42
C PRO D 314 -28.88 -38.72 24.24
N LEU D 315 -29.42 -37.53 24.52
CA LEU D 315 -30.84 -37.28 24.36
C LEU D 315 -31.28 -37.23 22.91
N GLY D 316 -30.35 -37.14 21.96
CA GLY D 316 -30.67 -37.05 20.56
C GLY D 316 -30.28 -38.30 19.79
N ILE D 317 -30.63 -38.28 18.50
CA ILE D 317 -30.41 -39.39 17.60
C ILE D 317 -29.60 -38.91 16.40
N LEU D 318 -28.52 -39.60 16.09
CA LEU D 318 -27.67 -39.26 14.95
C LEU D 318 -28.35 -39.75 13.67
N TYR D 319 -28.69 -38.82 12.77
CA TYR D 319 -29.33 -39.19 11.52
C TYR D 319 -28.35 -39.86 10.57
N THR D 320 -27.20 -39.21 10.34
CA THR D 320 -26.17 -39.73 9.47
C THR D 320 -24.83 -39.57 10.18
N PRO D 321 -23.97 -40.59 10.16
CA PRO D 321 -22.69 -40.49 10.87
C PRO D 321 -21.86 -39.30 10.41
N ALA D 322 -20.88 -38.95 11.24
CA ALA D 322 -20.04 -37.78 11.02
C ALA D 322 -19.22 -37.91 9.74
N LEU D 323 -19.22 -36.84 8.94
CA LEU D 323 -18.48 -36.81 7.69
C LEU D 323 -17.80 -35.47 7.53
N LYS D 324 -16.53 -35.51 7.12
CA LYS D 324 -15.77 -34.30 6.82
C LYS D 324 -16.22 -33.77 5.47
N VAL D 325 -16.99 -32.69 5.47
CA VAL D 325 -17.57 -32.18 4.23
C VAL D 325 -17.41 -30.68 4.06
N MET D 326 -17.32 -29.94 5.16
CA MET D 326 -17.50 -28.49 5.12
C MET D 326 -16.17 -27.79 4.85
N GLU D 327 -16.16 -26.92 3.84
CA GLU D 327 -15.01 -26.09 3.51
C GLU D 327 -15.34 -24.64 3.77
N GLY D 328 -14.51 -23.98 4.59
CA GLY D 328 -14.78 -22.60 4.99
C GLY D 328 -15.53 -22.50 6.29
N HIS D 329 -16.41 -21.51 6.39
CA HIS D 329 -17.15 -21.31 7.63
C HIS D 329 -18.22 -22.39 7.79
N GLY D 330 -18.65 -22.59 9.04
CA GLY D 330 -19.67 -23.56 9.34
C GLY D 330 -21.07 -22.97 9.28
N GLU D 331 -22.06 -23.85 9.46
CA GLU D 331 -23.45 -23.44 9.37
C GLU D 331 -24.27 -24.24 10.39
N VAL D 332 -25.52 -23.83 10.54
CA VAL D 332 -26.50 -24.56 11.34
C VAL D 332 -27.83 -24.51 10.59
N ASN D 333 -28.49 -25.65 10.48
CA ASN D 333 -29.75 -25.76 9.76
C ASN D 333 -30.75 -26.49 10.64
N ILE D 334 -31.94 -25.90 10.79
CA ILE D 334 -32.99 -26.43 11.65
C ILE D 334 -34.22 -26.71 10.80
N LYS D 335 -34.76 -27.92 10.93
CA LYS D 335 -35.96 -28.32 10.21
C LYS D 335 -36.95 -28.97 11.18
N HIS D 336 -37.97 -29.65 10.65
CA HIS D 336 -39.02 -30.24 11.45
C HIS D 336 -38.97 -31.77 11.44
N TYR D 337 -40.06 -32.40 11.87
CA TYR D 337 -40.14 -33.85 12.07
C TYR D 337 -39.92 -34.59 10.74
N LEU D 338 -39.59 -35.88 10.86
CA LEU D 338 -39.37 -36.72 9.70
C LEU D 338 -40.70 -37.04 9.02
N GLY D 339 -40.66 -37.94 8.02
CA GLY D 339 -41.85 -38.34 7.32
C GLY D 339 -42.62 -39.43 8.04
N ASP E 31 -2.80 -48.90 -15.08
CA ASP E 31 -2.83 -48.20 -13.80
C ASP E 31 -4.09 -47.34 -13.68
N PRO E 32 -4.56 -47.15 -12.45
CA PRO E 32 -5.69 -46.24 -12.23
C PRO E 32 -5.31 -44.81 -12.56
N THR E 33 -6.33 -44.01 -12.85
CA THR E 33 -6.10 -42.61 -13.19
C THR E 33 -5.43 -41.90 -12.03
N VAL E 34 -4.50 -41.00 -12.35
CA VAL E 34 -3.68 -40.34 -11.35
C VAL E 34 -4.30 -39.02 -10.98
N HIS E 35 -5.54 -38.80 -11.43
CA HIS E 35 -6.30 -37.59 -11.15
C HIS E 35 -5.50 -36.33 -11.53
N TRP E 36 -5.40 -36.12 -12.85
CA TRP E 36 -4.76 -34.92 -13.36
C TRP E 36 -5.50 -33.68 -12.86
N LEU E 37 -5.00 -33.08 -11.79
CA LEU E 37 -5.67 -31.96 -11.12
C LEU E 37 -4.89 -30.68 -11.31
N PHE E 38 -5.55 -29.65 -11.83
CA PHE E 38 -4.95 -28.35 -12.05
C PHE E 38 -5.63 -27.33 -11.15
N THR E 39 -4.84 -26.57 -10.39
CA THR E 39 -5.39 -25.58 -9.49
C THR E 39 -4.78 -24.20 -9.73
N THR E 40 -5.10 -23.24 -8.86
CA THR E 40 -4.52 -21.91 -8.95
C THR E 40 -3.11 -21.84 -8.38
N CYS E 41 -2.55 -22.96 -7.94
CA CYS E 41 -1.19 -23.02 -7.39
C CYS E 41 -1.00 -22.08 -6.20
N GLY E 42 -2.08 -21.85 -5.45
CA GLY E 42 -2.04 -20.94 -4.32
C GLY E 42 -2.20 -19.48 -4.64
N ALA E 43 -2.21 -19.11 -5.92
CA ALA E 43 -2.39 -17.71 -6.29
C ALA E 43 -3.84 -17.28 -6.07
N SER E 44 -4.02 -16.00 -5.78
CA SER E 44 -5.35 -15.45 -5.56
C SER E 44 -5.33 -13.97 -5.91
N GLY E 45 -6.43 -13.49 -6.49
CA GLY E 45 -6.54 -12.11 -6.87
C GLY E 45 -6.67 -11.93 -8.37
N PRO E 46 -6.31 -10.74 -8.86
CA PRO E 46 -6.48 -10.43 -10.28
C PRO E 46 -5.34 -10.95 -11.17
N HIS E 47 -4.30 -11.55 -10.59
CA HIS E 47 -3.16 -12.00 -11.37
C HIS E 47 -3.00 -13.52 -11.22
N GLY E 48 -2.38 -14.13 -12.23
CA GLY E 48 -2.21 -15.56 -12.26
C GLY E 48 -1.03 -16.02 -11.44
N PRO E 49 -0.87 -17.34 -11.37
CA PRO E 49 0.23 -17.91 -10.58
C PRO E 49 1.56 -17.83 -11.33
N THR E 50 2.63 -18.03 -10.57
CA THR E 50 3.98 -18.06 -11.09
C THR E 50 4.46 -19.50 -11.26
N GLN E 51 5.57 -19.64 -11.98
CA GLN E 51 6.16 -20.97 -12.18
C GLN E 51 6.57 -21.59 -10.85
N ALA E 52 7.14 -20.78 -9.95
CA ALA E 52 7.57 -21.28 -8.65
C ALA E 52 6.38 -21.75 -7.81
N GLN E 53 5.26 -21.04 -7.89
CA GLN E 53 4.08 -21.42 -7.11
C GLN E 53 3.53 -22.77 -7.52
N CYS E 54 3.50 -23.05 -8.84
CA CYS E 54 2.98 -24.33 -9.30
C CYS E 54 3.95 -25.47 -9.03
N ASN E 55 5.24 -25.18 -8.99
CA ASN E 55 6.21 -26.21 -8.65
C ASN E 55 6.01 -26.72 -7.22
N ASN E 56 5.57 -25.85 -6.31
CA ASN E 56 5.29 -26.28 -4.95
C ASN E 56 3.90 -26.91 -4.83
N ALA E 57 2.93 -26.39 -5.57
CA ALA E 57 1.57 -26.92 -5.50
C ALA E 57 1.48 -28.35 -6.00
N TYR E 58 2.32 -28.71 -6.97
CA TYR E 58 2.33 -30.04 -7.57
C TYR E 58 3.45 -30.91 -7.03
N GLN E 59 3.92 -30.63 -5.82
CA GLN E 59 4.99 -31.40 -5.20
C GLN E 59 4.55 -32.85 -4.99
N ASN E 60 5.46 -33.77 -5.30
CA ASN E 60 5.24 -35.21 -5.15
C ASN E 60 4.05 -35.71 -5.97
N SER E 61 3.65 -34.97 -7.00
CA SER E 61 2.58 -35.38 -7.89
C SER E 61 3.19 -35.90 -9.20
N ASN E 62 2.32 -36.41 -10.07
CA ASN E 62 2.72 -36.85 -11.39
C ASN E 62 2.57 -35.75 -12.43
N LEU E 63 2.47 -34.50 -12.02
CA LEU E 63 2.14 -33.39 -12.91
C LEU E 63 3.26 -32.35 -12.88
N SER E 64 3.66 -31.89 -14.05
CA SER E 64 4.61 -30.79 -14.18
C SER E 64 4.25 -29.96 -15.40
N VAL E 65 4.06 -28.66 -15.20
CA VAL E 65 3.61 -27.76 -16.25
C VAL E 65 4.53 -26.55 -16.32
N GLU E 66 4.47 -25.86 -17.45
CA GLU E 66 5.16 -24.59 -17.63
C GLU E 66 4.15 -23.45 -17.47
N VAL E 67 4.62 -22.35 -16.87
CA VAL E 67 3.79 -21.18 -16.61
C VAL E 67 4.36 -20.02 -17.40
N GLY E 68 3.49 -19.30 -18.11
CA GLY E 68 3.90 -18.12 -18.84
C GLY E 68 4.49 -17.04 -17.95
N SER E 69 5.67 -16.56 -18.30
CA SER E 69 6.40 -15.60 -17.48
C SER E 69 6.09 -14.15 -17.82
N GLU E 70 5.60 -13.89 -19.04
CA GLU E 70 5.34 -12.52 -19.46
C GLU E 70 4.41 -12.55 -20.67
N GLY E 71 3.72 -11.44 -20.88
CA GLY E 71 2.83 -11.29 -22.00
C GLY E 71 1.43 -11.76 -21.70
N PRO E 72 0.63 -12.01 -22.74
CA PRO E 72 -0.75 -12.47 -22.54
C PRO E 72 -0.85 -13.87 -21.96
N LEU E 73 0.23 -14.65 -21.98
CA LEU E 73 0.24 -15.99 -21.42
C LEU E 73 0.67 -16.02 -19.96
N LYS E 74 0.86 -14.85 -19.34
CA LYS E 74 1.28 -14.80 -17.95
C LYS E 74 0.21 -15.40 -17.04
N GLY E 75 0.61 -16.38 -16.23
CA GLY E 75 -0.31 -17.05 -15.34
C GLY E 75 -1.06 -18.23 -15.94
N ILE E 76 -0.84 -18.53 -17.22
CA ILE E 76 -1.49 -19.65 -17.89
C ILE E 76 -0.58 -20.86 -17.84
N GLN E 77 -1.11 -21.99 -17.40
CA GLN E 77 -0.34 -23.22 -17.29
C GLN E 77 -0.40 -24.00 -18.60
N ILE E 78 0.75 -24.52 -19.02
CA ILE E 78 0.89 -25.26 -20.26
C ILE E 78 1.28 -26.68 -19.92
N TRP E 79 0.44 -27.64 -20.30
CA TRP E 79 0.65 -29.04 -19.99
C TRP E 79 0.83 -29.84 -21.27
N LYS E 80 1.80 -30.76 -21.26
CA LYS E 80 2.09 -31.61 -22.40
C LYS E 80 1.33 -32.92 -22.25
N VAL E 81 0.50 -33.23 -23.23
CA VAL E 81 -0.31 -34.46 -23.18
C VAL E 81 0.62 -35.68 -23.33
N PRO E 82 0.54 -36.67 -22.44
CA PRO E 82 1.53 -37.75 -22.45
C PRO E 82 1.25 -38.85 -23.47
N ALA E 83 0.00 -39.05 -23.86
CA ALA E 83 -0.33 -40.16 -24.74
C ALA E 83 -1.61 -39.86 -25.50
N THR E 84 -1.73 -40.50 -26.67
CA THR E 84 -2.93 -40.38 -27.50
C THR E 84 -4.01 -41.32 -26.98
N ASP E 85 -5.14 -40.74 -26.57
CA ASP E 85 -6.25 -41.51 -26.02
C ASP E 85 -7.48 -40.59 -25.98
N THR E 86 -8.60 -41.12 -25.51
CA THR E 86 -9.82 -40.36 -25.33
C THR E 86 -9.90 -39.90 -23.88
N TYR E 87 -9.84 -38.59 -23.68
CA TYR E 87 -9.76 -38.01 -22.35
C TYR E 87 -11.07 -37.32 -21.97
N SER E 88 -11.35 -37.31 -20.68
CA SER E 88 -12.51 -36.62 -20.12
C SER E 88 -12.00 -35.40 -19.37
N ILE E 89 -12.24 -34.21 -19.92
CA ILE E 89 -11.76 -32.96 -19.34
C ILE E 89 -12.90 -32.31 -18.58
N SER E 90 -12.74 -32.17 -17.27
CA SER E 90 -13.75 -31.59 -16.39
C SER E 90 -13.29 -30.18 -15.99
N GLY E 91 -13.97 -29.18 -16.53
CA GLY E 91 -13.64 -27.79 -16.24
C GLY E 91 -14.57 -27.20 -15.19
N TYR E 92 -13.98 -26.40 -14.29
CA TYR E 92 -14.72 -25.77 -13.21
C TYR E 92 -14.39 -24.28 -13.19
N GLY E 93 -15.41 -23.44 -13.29
CA GLY E 93 -15.22 -22.01 -13.16
C GLY E 93 -15.04 -21.60 -11.72
N ALA E 94 -14.81 -20.31 -11.51
CA ALA E 94 -14.63 -19.74 -10.19
C ALA E 94 -15.84 -18.92 -9.79
N ALA E 95 -16.08 -18.84 -8.48
CA ALA E 95 -17.21 -18.09 -7.97
C ALA E 95 -16.85 -16.61 -7.83
N GLY E 96 -17.90 -15.78 -7.74
CA GLY E 96 -17.73 -14.36 -7.55
C GLY E 96 -17.42 -14.00 -6.10
N GLY E 97 -17.32 -12.70 -5.86
CA GLY E 97 -17.03 -12.22 -4.53
C GLY E 97 -18.27 -12.05 -3.67
N LYS E 98 -18.06 -12.06 -2.35
CA LYS E 98 -19.16 -11.87 -1.43
C LYS E 98 -19.65 -10.42 -1.46
N GLY E 99 -20.88 -10.22 -1.02
CA GLY E 99 -21.45 -8.90 -0.96
C GLY E 99 -20.89 -8.06 0.16
N GLY E 100 -21.57 -6.96 0.49
CA GLY E 100 -21.13 -6.08 1.55
C GLY E 100 -21.74 -6.41 2.89
N LYS E 101 -22.60 -5.51 3.37
CA LYS E 101 -23.26 -5.72 4.66
C LYS E 101 -24.19 -6.92 4.63
N ASN E 102 -24.76 -7.25 3.46
CA ASN E 102 -25.69 -8.37 3.38
C ASN E 102 -24.98 -9.70 3.59
N THR E 103 -23.78 -9.85 3.03
CA THR E 103 -23.00 -11.09 3.09
C THR E 103 -23.87 -12.28 2.67
N MET E 104 -24.51 -12.15 1.51
CA MET E 104 -25.37 -13.19 0.99
C MET E 104 -24.53 -14.29 0.34
N MET E 105 -25.19 -15.37 -0.08
CA MET E 105 -24.48 -16.47 -0.73
C MET E 105 -23.94 -16.02 -2.08
N ARG E 106 -22.65 -16.24 -2.30
CA ARG E 106 -22.01 -15.80 -3.54
C ARG E 106 -22.50 -16.63 -4.72
N SER E 107 -22.48 -16.01 -5.90
CA SER E 107 -22.85 -16.71 -7.13
C SER E 107 -21.76 -17.70 -7.51
N HIS E 108 -22.13 -18.97 -7.60
CA HIS E 108 -21.15 -20.03 -7.81
C HIS E 108 -20.65 -20.05 -9.25
N GLY E 109 -19.49 -20.68 -9.44
CA GLY E 109 -18.94 -20.88 -10.76
C GLY E 109 -19.60 -22.04 -11.49
N VAL E 110 -19.30 -22.14 -12.78
CA VAL E 110 -19.97 -23.10 -13.66
C VAL E 110 -19.02 -24.27 -13.93
N SER E 111 -19.60 -25.46 -14.04
CA SER E 111 -18.86 -26.69 -14.31
C SER E 111 -19.21 -27.20 -15.70
N VAL E 112 -18.19 -27.42 -16.53
CA VAL E 112 -18.37 -27.95 -17.88
C VAL E 112 -17.49 -29.18 -18.02
N LEU E 113 -18.13 -30.33 -18.24
CA LEU E 113 -17.44 -31.61 -18.36
C LEU E 113 -17.58 -32.10 -19.80
N GLY E 114 -16.45 -32.37 -20.45
CA GLY E 114 -16.46 -32.77 -21.84
C GLY E 114 -15.51 -33.94 -22.07
N ILE E 115 -15.72 -34.60 -23.21
CA ILE E 115 -14.90 -35.73 -23.63
C ILE E 115 -14.23 -35.36 -24.95
N PHE E 116 -12.90 -35.48 -25.00
CA PHE E 116 -12.12 -35.04 -26.15
C PHE E 116 -11.09 -36.09 -26.52
N ASN E 117 -10.74 -36.12 -27.80
CA ASN E 117 -9.64 -36.92 -28.31
C ASN E 117 -8.39 -36.06 -28.40
N LEU E 118 -7.31 -36.51 -27.78
CA LEU E 118 -6.05 -35.79 -27.77
C LEU E 118 -4.93 -36.67 -28.29
N GLU E 119 -3.94 -36.04 -28.90
CA GLU E 119 -2.77 -36.73 -29.43
C GLU E 119 -1.59 -36.55 -28.48
N LYS E 120 -0.63 -37.47 -28.59
CA LYS E 120 0.59 -37.38 -27.81
C LYS E 120 1.34 -36.09 -28.14
N ASP E 121 1.89 -35.46 -27.09
CA ASP E 121 2.70 -34.24 -27.17
C ASP E 121 1.88 -33.02 -27.57
N ASP E 122 0.55 -33.09 -27.54
CA ASP E 122 -0.26 -31.90 -27.73
C ASP E 122 -0.08 -30.95 -26.54
N MET E 123 0.03 -29.66 -26.83
CA MET E 123 0.30 -28.66 -25.80
C MET E 123 -1.02 -28.03 -25.39
N LEU E 124 -1.53 -28.45 -24.23
CA LEU E 124 -2.77 -27.90 -23.69
C LEU E 124 -2.46 -26.70 -22.82
N TYR E 125 -3.12 -25.57 -23.12
CA TYR E 125 -3.00 -24.36 -22.35
C TYR E 125 -4.17 -24.28 -21.37
N ILE E 126 -3.87 -24.11 -20.08
CA ILE E 126 -4.87 -24.14 -19.03
C ILE E 126 -4.75 -22.86 -18.21
N LEU E 127 -5.85 -22.12 -18.13
CA LEU E 127 -5.96 -20.96 -17.24
C LEU E 127 -7.00 -21.31 -16.18
N VAL E 128 -6.54 -21.46 -14.94
CA VAL E 128 -7.43 -21.83 -13.84
C VAL E 128 -8.05 -20.56 -13.27
N GLY E 129 -9.37 -20.46 -13.36
CA GLY E 129 -10.05 -19.26 -12.90
C GLY E 129 -9.93 -19.09 -11.39
N GLN E 130 -9.72 -17.85 -10.97
CA GLN E 130 -9.58 -17.51 -9.56
C GLN E 130 -10.82 -16.77 -9.08
N GLN E 131 -11.11 -16.92 -7.78
CA GLN E 131 -12.30 -16.31 -7.20
C GLN E 131 -12.21 -14.79 -7.24
N GLY E 132 -13.36 -14.16 -7.47
CA GLY E 132 -13.42 -12.72 -7.38
C GLY E 132 -13.27 -12.23 -5.95
N GLU E 133 -12.67 -11.05 -5.81
CA GLU E 133 -12.36 -10.52 -4.49
C GLU E 133 -13.63 -10.18 -3.72
N ASP E 134 -13.64 -10.52 -2.43
CA ASP E 134 -14.76 -10.21 -1.57
C ASP E 134 -14.71 -8.75 -1.13
N ALA E 135 -15.86 -8.25 -0.68
CA ALA E 135 -15.92 -6.90 -0.13
C ALA E 135 -15.34 -6.84 1.28
N CYS E 136 -15.77 -7.76 2.13
CA CYS E 136 -15.35 -7.78 3.52
C CYS E 136 -14.67 -9.11 3.85
N PRO E 137 -13.67 -9.09 4.75
CA PRO E 137 -13.13 -7.92 5.44
C PRO E 137 -12.15 -7.11 4.61
N SER E 138 -11.69 -5.99 5.14
CA SER E 138 -10.72 -5.13 4.47
C SER E 138 -9.73 -4.56 5.49
N THR E 139 -8.62 -4.05 4.99
CA THR E 139 -7.55 -3.52 5.82
C THR E 139 -7.72 -2.04 6.15
N ASN E 140 -8.64 -1.35 5.49
CA ASN E 140 -8.85 0.06 5.76
C ASN E 140 -9.65 0.25 7.04
N GLN E 141 -9.24 1.23 7.84
CA GLN E 141 -9.88 1.47 9.13
C GLN E 141 -11.34 1.85 8.96
N LEU E 142 -11.63 2.74 8.00
CA LEU E 142 -13.01 3.19 7.79
C LEU E 142 -13.87 2.11 7.15
N ILE E 143 -13.28 1.28 6.28
CA ILE E 143 -14.06 0.24 5.62
C ILE E 143 -14.57 -0.79 6.62
N GLN E 144 -13.71 -1.22 7.55
CA GLN E 144 -14.09 -2.28 8.47
C GLN E 144 -15.27 -1.90 9.35
N LYS E 145 -15.40 -0.61 9.67
CA LYS E 145 -16.58 -0.16 10.42
C LYS E 145 -17.85 -0.29 9.60
N VAL E 146 -17.74 -0.21 8.27
CA VAL E 146 -18.90 -0.46 7.42
C VAL E 146 -19.22 -1.95 7.37
N CYS E 147 -18.18 -2.79 7.35
CA CYS E 147 -18.40 -4.24 7.28
C CYS E 147 -19.08 -4.75 8.55
N ILE E 148 -18.70 -4.22 9.72
CA ILE E 148 -19.30 -4.67 10.97
C ILE E 148 -20.62 -4.00 11.27
N GLY E 149 -21.09 -3.10 10.40
CA GLY E 149 -22.40 -2.51 10.54
C GLY E 149 -22.48 -1.28 11.41
N GLU E 150 -21.35 -0.67 11.77
CA GLU E 150 -21.39 0.55 12.58
C GLU E 150 -21.48 1.81 11.73
N ASN E 151 -20.85 1.82 10.56
CA ASN E 151 -20.86 2.99 9.68
C ASN E 151 -21.93 2.78 8.61
N ASN E 152 -22.96 3.62 8.65
CA ASN E 152 -24.11 3.52 7.77
C ASN E 152 -24.20 4.69 6.79
N VAL E 153 -23.06 5.24 6.38
CA VAL E 153 -23.06 6.34 5.42
C VAL E 153 -23.63 5.88 4.08
N ILE E 154 -23.34 4.64 3.69
CA ILE E 154 -23.82 4.13 2.41
C ILE E 154 -25.34 4.10 2.39
N GLU E 155 -25.95 3.51 3.44
CA GLU E 155 -27.40 3.50 3.53
C GLU E 155 -27.97 4.91 3.65
N GLU E 156 -27.22 5.82 4.29
CA GLU E 156 -27.72 7.18 4.48
C GLU E 156 -27.82 7.92 3.15
N GLU E 157 -26.77 7.84 2.32
CA GLU E 157 -26.80 8.55 1.04
C GLU E 157 -27.90 8.02 0.13
N ILE E 158 -28.23 6.72 0.23
CA ILE E 158 -29.29 6.16 -0.59
C ILE E 158 -30.63 6.78 -0.23
N ARG E 159 -30.90 6.95 1.07
CA ARG E 159 -32.17 7.53 1.49
C ARG E 159 -32.30 8.99 1.08
N VAL E 160 -31.19 9.73 1.06
CA VAL E 160 -31.27 11.17 0.81
C VAL E 160 -31.33 11.46 -0.69
N ASN E 161 -30.44 10.86 -1.47
CA ASN E 161 -30.27 11.22 -2.87
C ASN E 161 -30.66 10.08 -3.82
N ARG E 162 -31.38 9.08 -3.32
CA ARG E 162 -32.06 8.05 -4.10
C ARG E 162 -31.12 7.11 -4.84
N SER E 163 -29.81 7.34 -4.80
CA SER E 163 -28.87 6.47 -5.49
C SER E 163 -27.48 6.68 -4.91
N VAL E 164 -26.54 5.84 -5.33
CA VAL E 164 -25.16 5.89 -4.89
C VAL E 164 -24.36 6.66 -5.94
N HIS E 165 -23.91 7.84 -5.58
CA HIS E 165 -23.08 8.67 -6.45
C HIS E 165 -21.74 9.05 -5.84
N GLU E 166 -21.67 9.19 -4.52
CA GLU E 166 -20.46 9.62 -3.84
C GLU E 166 -19.74 8.48 -3.13
N TRP E 167 -20.44 7.74 -2.28
CA TRP E 167 -19.82 6.67 -1.49
C TRP E 167 -20.04 5.32 -2.20
N ALA E 168 -19.33 5.16 -3.31
CA ALA E 168 -19.45 3.95 -4.10
C ALA E 168 -18.60 2.82 -3.52
N GLY E 169 -18.96 1.60 -3.87
CA GLY E 169 -18.27 0.41 -3.41
C GLY E 169 -19.15 -0.44 -2.51
N GLY E 170 -18.63 -1.62 -2.20
CA GLY E 170 -19.30 -2.58 -1.32
C GLY E 170 -19.72 -3.87 -1.98
N GLY E 171 -19.71 -3.96 -3.31
CA GLY E 171 -20.03 -5.20 -3.97
C GLY E 171 -18.79 -6.01 -4.30
N GLY E 172 -18.99 -7.31 -4.46
CA GLY E 172 -17.89 -8.19 -4.78
C GLY E 172 -17.50 -8.13 -6.25
N GLY E 173 -16.27 -8.57 -6.52
CA GLY E 173 -15.79 -8.61 -7.88
C GLY E 173 -16.25 -9.86 -8.62
N GLY E 174 -16.15 -9.78 -9.95
CA GLY E 174 -16.55 -10.92 -10.77
C GLY E 174 -15.55 -12.05 -10.69
N GLY E 175 -16.07 -13.28 -10.73
CA GLY E 175 -15.21 -14.44 -10.68
C GLY E 175 -14.56 -14.74 -12.02
N GLY E 176 -13.36 -15.31 -11.95
CA GLY E 176 -12.65 -15.66 -13.16
C GLY E 176 -13.15 -16.95 -13.77
N ALA E 177 -12.95 -17.08 -15.08
CA ALA E 177 -13.35 -18.27 -15.81
C ALA E 177 -12.15 -19.19 -16.01
N THR E 178 -12.45 -20.46 -16.23
CA THR E 178 -11.43 -21.48 -16.50
C THR E 178 -11.40 -21.74 -18.00
N TYR E 179 -10.23 -21.53 -18.61
CA TYR E 179 -10.05 -21.68 -20.05
C TYR E 179 -9.14 -22.88 -20.32
N VAL E 180 -9.59 -23.77 -21.19
CA VAL E 180 -8.80 -24.91 -21.65
C VAL E 180 -8.75 -24.85 -23.16
N PHE E 181 -7.57 -24.56 -23.71
CA PHE E 181 -7.42 -24.43 -25.15
C PHE E 181 -6.03 -24.92 -25.55
N LYS E 182 -5.87 -25.19 -26.84
CA LYS E 182 -4.59 -25.57 -27.41
C LYS E 182 -4.32 -24.72 -28.64
N MET E 183 -3.05 -24.33 -28.81
CA MET E 183 -2.66 -23.44 -29.90
C MET E 183 -2.57 -24.20 -31.22
N LYS E 184 -3.19 -23.63 -32.24
CA LYS E 184 -2.95 -24.03 -33.63
C LYS E 184 -1.72 -23.30 -34.15
N ASP E 185 -1.55 -23.24 -35.47
CA ASP E 185 -0.37 -22.63 -36.07
C ASP E 185 -0.03 -21.28 -35.45
N GLY E 186 -1.01 -20.36 -35.40
CA GLY E 186 -0.79 -19.07 -34.80
C GLY E 186 -1.95 -18.54 -33.98
N VAL E 187 -3.06 -19.26 -33.95
CA VAL E 187 -4.30 -18.80 -33.36
C VAL E 187 -4.74 -19.80 -32.30
N PRO E 188 -5.11 -19.37 -31.10
CA PRO E 188 -5.65 -20.31 -30.11
C PRO E 188 -7.07 -20.71 -30.44
N VAL E 189 -7.38 -21.98 -30.16
CA VAL E 189 -8.70 -22.55 -30.41
C VAL E 189 -9.23 -23.09 -29.09
N PRO E 190 -10.38 -22.63 -28.60
CA PRO E 190 -10.86 -23.07 -27.29
C PRO E 190 -11.47 -24.47 -27.35
N LEU E 191 -11.29 -25.20 -26.25
CA LEU E 191 -11.86 -26.53 -26.08
C LEU E 191 -12.91 -26.54 -24.99
N ILE E 192 -12.55 -26.12 -23.78
CA ILE E 192 -13.47 -26.05 -22.65
C ILE E 192 -13.31 -24.68 -22.00
N ILE E 193 -14.42 -23.97 -21.82
CA ILE E 193 -14.46 -22.70 -21.12
C ILE E 193 -15.51 -22.81 -20.03
N ALA E 194 -15.08 -22.78 -18.77
CA ALA E 194 -15.98 -22.85 -17.63
C ALA E 194 -16.17 -21.43 -17.10
N ALA E 195 -17.34 -20.86 -17.36
CA ALA E 195 -17.58 -19.46 -17.03
C ALA E 195 -17.53 -19.23 -15.53
N GLY E 196 -17.11 -18.02 -15.15
CA GLY E 196 -17.08 -17.65 -13.75
C GLY E 196 -18.36 -16.96 -13.29
N GLY E 197 -18.57 -17.00 -11.98
CA GLY E 197 -19.77 -16.41 -11.41
C GLY E 197 -19.63 -14.92 -11.20
N GLY E 198 -20.77 -14.22 -11.28
CA GLY E 198 -20.77 -12.79 -11.06
C GLY E 198 -20.61 -12.43 -9.60
N GLY E 199 -20.18 -11.19 -9.37
CA GLY E 199 -19.98 -10.71 -8.02
C GLY E 199 -21.30 -10.33 -7.36
N ARG E 200 -21.40 -10.65 -6.07
CA ARG E 200 -22.60 -10.31 -5.31
C ARG E 200 -22.56 -8.83 -4.93
N ALA E 201 -23.68 -8.15 -5.12
CA ALA E 201 -23.74 -6.72 -4.84
C ALA E 201 -23.77 -6.45 -3.34
N TYR E 202 -23.55 -5.20 -2.98
CA TYR E 202 -23.55 -4.79 -1.58
C TYR E 202 -24.92 -5.04 -0.95
N GLY E 203 -25.96 -4.46 -1.53
CA GLY E 203 -27.30 -4.56 -0.98
C GLY E 203 -28.17 -5.60 -1.65
N ALA E 204 -27.55 -6.70 -2.09
CA ALA E 204 -28.28 -7.73 -2.82
C ALA E 204 -29.16 -8.51 -1.86
N LYS E 205 -30.40 -8.06 -1.69
CA LYS E 205 -31.34 -8.77 -0.83
C LYS E 205 -31.88 -10.06 -1.45
N THR E 206 -31.75 -10.23 -2.77
CA THR E 206 -32.24 -11.44 -3.42
C THR E 206 -31.12 -12.21 -4.10
N ASP E 207 -31.31 -13.52 -4.23
CA ASP E 207 -30.37 -14.42 -4.88
C ASP E 207 -31.09 -15.07 -6.07
N THR E 208 -31.50 -14.25 -7.05
CA THR E 208 -32.24 -14.74 -8.21
C THR E 208 -31.61 -15.94 -8.88
N PHE E 209 -30.29 -16.07 -8.85
CA PHE E 209 -29.57 -17.19 -9.44
C PHE E 209 -29.99 -17.41 -10.90
N HIS E 210 -29.55 -16.47 -11.74
CA HIS E 210 -29.81 -16.52 -13.16
C HIS E 210 -29.40 -17.88 -13.73
N PRO E 211 -30.15 -18.39 -14.71
CA PRO E 211 -29.83 -19.71 -15.26
C PRO E 211 -28.57 -19.66 -16.12
N GLU E 212 -28.06 -20.84 -16.45
CA GLU E 212 -26.79 -20.93 -17.15
C GLU E 212 -26.97 -20.65 -18.64
N ARG E 213 -25.84 -20.41 -19.30
CA ARG E 213 -25.77 -20.21 -20.74
C ARG E 213 -24.54 -20.92 -21.28
N LEU E 214 -24.71 -21.64 -22.39
CA LEU E 214 -23.63 -22.43 -22.97
C LEU E 214 -23.67 -22.29 -24.49
N GLU E 215 -22.56 -21.84 -25.07
CA GLU E 215 -22.42 -21.70 -26.50
C GLU E 215 -21.48 -22.78 -27.04
N ASN E 216 -21.75 -23.22 -28.28
CA ASN E 216 -20.91 -24.22 -28.91
C ASN E 216 -20.65 -23.90 -30.39
N ASN E 217 -20.91 -22.67 -30.82
CA ASN E 217 -20.70 -22.25 -32.20
C ASN E 217 -19.55 -21.24 -32.21
N SER E 218 -18.42 -21.63 -32.79
CA SER E 218 -17.24 -20.77 -32.82
C SER E 218 -17.44 -19.53 -33.69
N SER E 219 -18.43 -19.53 -34.58
CA SER E 219 -18.70 -18.35 -35.39
C SER E 219 -19.25 -17.20 -34.56
N VAL E 220 -19.81 -17.49 -33.38
CA VAL E 220 -20.21 -16.45 -32.44
C VAL E 220 -18.99 -16.04 -31.64
N LEU E 221 -18.62 -14.76 -31.74
CA LEU E 221 -17.39 -14.26 -31.13
C LEU E 221 -17.67 -13.85 -29.68
N GLY E 222 -16.80 -14.31 -28.77
CA GLY E 222 -16.97 -14.07 -27.36
C GLY E 222 -16.44 -12.74 -26.87
N LEU E 223 -17.20 -11.67 -27.09
CA LEU E 223 -16.80 -10.35 -26.65
C LEU E 223 -17.01 -10.21 -25.13
N ASN E 224 -16.47 -9.11 -24.59
CA ASN E 224 -16.64 -8.82 -23.18
C ASN E 224 -18.10 -8.49 -22.86
N GLY E 225 -18.40 -8.40 -21.57
CA GLY E 225 -19.73 -8.02 -21.15
C GLY E 225 -19.97 -6.53 -21.22
N ASN E 226 -21.22 -6.14 -20.99
CA ASN E 226 -21.62 -4.73 -21.02
C ASN E 226 -21.16 -4.08 -19.72
N SER E 227 -19.92 -3.61 -19.72
CA SER E 227 -19.37 -2.93 -18.56
C SER E 227 -20.05 -1.58 -18.36
N GLY E 228 -20.38 -1.27 -17.11
CA GLY E 228 -20.99 0.00 -16.77
C GLY E 228 -20.27 0.69 -15.63
N ALA E 229 -21.00 0.99 -14.57
CA ALA E 229 -20.35 1.50 -13.35
C ALA E 229 -19.40 0.46 -12.79
N ALA E 230 -19.87 -0.77 -12.60
CA ALA E 230 -19.01 -1.88 -12.25
C ALA E 230 -18.46 -2.54 -13.52
N GLY E 231 -17.32 -3.20 -13.37
CA GLY E 231 -16.67 -3.78 -14.53
C GLY E 231 -17.39 -5.04 -15.00
N GLY E 232 -17.43 -5.21 -16.32
CA GLY E 232 -17.99 -6.41 -16.90
C GLY E 232 -16.97 -7.52 -17.04
N GLY E 233 -17.45 -8.68 -17.47
CA GLY E 233 -16.59 -9.83 -17.57
C GLY E 233 -15.76 -9.82 -18.85
N GLY E 234 -14.58 -10.43 -18.77
CA GLY E 234 -13.73 -10.56 -19.94
C GLY E 234 -14.13 -11.76 -20.79
N GLY E 235 -14.09 -11.58 -22.10
CA GLY E 235 -14.51 -12.58 -23.04
C GLY E 235 -13.35 -13.37 -23.60
N TRP E 236 -13.59 -14.02 -24.75
CA TRP E 236 -12.55 -14.78 -25.41
C TRP E 236 -11.60 -13.89 -26.20
N ASN E 237 -12.16 -12.99 -27.02
CA ASN E 237 -11.34 -12.14 -27.89
C ASN E 237 -12.06 -10.79 -28.02
N ASP E 238 -11.53 -9.78 -27.35
CA ASP E 238 -12.12 -8.44 -27.39
C ASP E 238 -11.00 -7.41 -27.26
N ASN E 239 -11.40 -6.14 -27.23
CA ASN E 239 -10.48 -5.00 -27.06
C ASN E 239 -10.88 -4.30 -25.77
N THR E 240 -10.29 -4.72 -24.66
CA THR E 240 -10.63 -4.16 -23.36
C THR E 240 -10.04 -2.76 -23.21
N SER E 241 -10.90 -1.79 -22.96
CA SER E 241 -10.49 -0.39 -22.77
C SER E 241 -10.56 0.03 -21.31
N LEU E 242 -11.69 -0.21 -20.65
CA LEU E 242 -11.87 0.19 -19.27
C LEU E 242 -10.94 -0.58 -18.33
N LEU E 243 -10.31 0.14 -17.40
CA LEU E 243 -9.41 -0.51 -16.45
C LEU E 243 -10.17 -1.49 -15.56
N TRP E 244 -11.38 -1.13 -15.13
CA TRP E 244 -12.14 -1.95 -14.20
C TRP E 244 -12.88 -3.10 -14.89
N ALA E 245 -12.80 -3.21 -16.21
CA ALA E 245 -13.37 -4.33 -16.93
C ALA E 245 -12.36 -5.46 -17.02
N GLY E 246 -12.88 -6.69 -17.02
CA GLY E 246 -12.01 -7.85 -17.11
C GLY E 246 -11.39 -7.98 -18.49
N LYS E 247 -10.12 -8.32 -18.51
CA LYS E 247 -9.41 -8.51 -19.78
C LYS E 247 -9.82 -9.83 -20.41
N SER E 248 -9.81 -9.85 -21.74
CA SER E 248 -10.15 -11.07 -22.46
C SER E 248 -9.02 -12.09 -22.35
N LEU E 249 -9.31 -13.31 -22.79
CA LEU E 249 -8.33 -14.39 -22.72
C LEU E 249 -7.08 -14.05 -23.52
N GLN E 250 -7.26 -13.57 -24.75
CA GLN E 250 -6.13 -13.23 -25.61
C GLN E 250 -5.43 -11.94 -25.18
N GLU E 251 -5.90 -11.27 -24.14
CA GLU E 251 -5.26 -10.06 -23.62
C GLU E 251 -4.59 -10.28 -22.27
N GLY E 252 -4.55 -11.51 -21.79
CA GLY E 252 -3.95 -11.84 -20.51
C GLY E 252 -4.95 -12.21 -19.43
N ALA E 253 -6.24 -11.92 -19.64
CA ALA E 253 -7.31 -12.29 -18.72
C ALA E 253 -7.06 -11.75 -17.31
N THR E 254 -6.36 -10.63 -17.21
CA THR E 254 -6.10 -10.02 -15.91
C THR E 254 -7.40 -9.52 -15.30
N GLY E 255 -7.56 -9.71 -13.99
CA GLY E 255 -8.75 -9.23 -13.33
C GLY E 255 -8.85 -7.72 -13.39
N GLY E 256 -10.06 -7.23 -13.62
CA GLY E 256 -10.28 -5.80 -13.70
C GLY E 256 -10.08 -5.11 -12.36
N HIS E 257 -9.59 -3.88 -12.42
CA HIS E 257 -9.34 -3.11 -11.21
C HIS E 257 -10.66 -2.69 -10.57
N SER E 258 -10.54 -2.11 -9.38
CA SER E 258 -11.71 -1.70 -8.62
C SER E 258 -12.43 -0.54 -9.32
N CYS E 259 -13.59 -0.20 -8.78
CA CYS E 259 -14.40 0.86 -9.36
C CYS E 259 -13.68 2.20 -9.22
N PRO E 260 -13.63 3.02 -10.26
CA PRO E 260 -12.97 4.34 -10.12
C PRO E 260 -13.62 5.21 -9.07
N GLN E 261 -14.95 5.21 -8.99
CA GLN E 261 -15.64 6.02 -7.99
C GLN E 261 -15.51 5.42 -6.59
N ALA E 262 -15.33 4.10 -6.49
CA ALA E 262 -15.07 3.49 -5.19
C ALA E 262 -13.68 3.84 -4.68
N MET E 263 -12.85 4.44 -5.50
CA MET E 263 -11.58 5.01 -5.08
C MET E 263 -11.75 6.50 -4.86
N LYS E 264 -10.71 7.14 -4.30
CA LYS E 264 -10.69 8.56 -3.99
C LYS E 264 -11.67 8.90 -2.88
N LYS E 265 -12.51 7.94 -2.50
CA LYS E 265 -13.39 8.04 -1.35
C LYS E 265 -13.19 6.93 -0.34
N TRP E 266 -12.87 5.72 -0.81
CA TRP E 266 -12.61 4.59 0.08
C TRP E 266 -11.33 3.90 -0.33
N GLY E 267 -11.08 2.72 0.24
CA GLY E 267 -10.02 1.86 -0.23
C GLY E 267 -10.61 0.55 -0.75
N TRP E 268 -11.75 0.64 -1.44
CA TRP E 268 -12.46 -0.56 -1.89
C TRP E 268 -11.73 -1.25 -3.03
N GLU E 269 -10.60 -1.89 -2.73
CA GLU E 269 -9.88 -2.67 -3.74
C GLU E 269 -10.54 -4.04 -3.87
N THR E 270 -11.71 -4.03 -4.51
CA THR E 270 -12.46 -5.24 -4.84
C THR E 270 -12.33 -5.45 -6.34
N ARG E 271 -11.38 -6.30 -6.73
CA ARG E 271 -11.02 -6.51 -8.12
C ARG E 271 -11.54 -7.85 -8.60
N GLY E 272 -11.56 -8.02 -9.93
CA GLY E 272 -12.00 -9.27 -10.51
C GLY E 272 -10.94 -10.35 -10.42
N GLY E 273 -11.39 -11.60 -10.47
CA GLY E 273 -10.48 -12.71 -10.41
C GLY E 273 -9.76 -12.93 -11.72
N PHE E 274 -8.56 -13.52 -11.62
CA PHE E 274 -7.78 -13.85 -12.81
C PHE E 274 -8.56 -14.80 -13.71
N GLY E 275 -8.77 -14.38 -14.96
CA GLY E 275 -9.59 -15.16 -15.87
C GLY E 275 -10.77 -14.38 -16.44
N GLY E 276 -10.62 -13.07 -16.51
CA GLY E 276 -11.66 -12.22 -17.06
C GLY E 276 -12.69 -11.72 -16.07
N GLY E 277 -12.37 -11.72 -14.78
CA GLY E 277 -13.31 -11.24 -13.79
C GLY E 277 -13.43 -9.73 -13.82
N GLY E 278 -14.66 -9.24 -13.64
CA GLY E 278 -14.90 -7.82 -13.66
C GLY E 278 -14.66 -7.16 -12.32
N GLY E 279 -14.37 -5.86 -12.36
CA GLY E 279 -14.08 -5.12 -11.15
C GLY E 279 -15.34 -4.86 -10.35
N GLY E 280 -15.15 -4.70 -9.04
CA GLY E 280 -16.26 -4.48 -8.14
C GLY E 280 -16.57 -3.01 -7.93
N CYS E 281 -17.82 -2.74 -7.59
CA CYS E 281 -18.30 -1.39 -7.30
C CYS E 281 -19.37 -1.51 -6.22
N SER E 282 -20.22 -0.50 -6.11
CA SER E 282 -21.43 -0.68 -5.29
C SER E 282 -22.25 -1.85 -5.78
N SER E 283 -22.37 -2.00 -7.10
CA SER E 283 -22.98 -3.17 -7.70
C SER E 283 -21.92 -4.26 -7.91
N GLY E 284 -22.40 -5.46 -8.24
CA GLY E 284 -21.50 -6.56 -8.45
C GLY E 284 -20.85 -6.53 -9.82
N GLY E 285 -19.62 -7.05 -9.88
CA GLY E 285 -18.91 -7.12 -11.14
C GLY E 285 -19.29 -8.34 -11.96
N GLY E 286 -19.10 -8.23 -13.27
CA GLY E 286 -19.45 -9.30 -14.17
C GLY E 286 -18.42 -10.41 -14.16
N GLY E 287 -18.90 -11.64 -14.35
CA GLY E 287 -18.04 -12.80 -14.37
C GLY E 287 -17.48 -13.09 -15.75
N GLY E 288 -16.30 -13.71 -15.77
CA GLY E 288 -15.63 -14.03 -17.00
C GLY E 288 -16.18 -15.28 -17.66
N GLY E 289 -15.75 -15.49 -18.91
CA GLY E 289 -16.17 -16.65 -19.67
C GLY E 289 -15.86 -16.45 -21.13
N TYR E 290 -16.53 -17.24 -21.97
CA TYR E 290 -16.45 -17.03 -23.41
C TYR E 290 -17.02 -15.66 -23.77
N ILE E 291 -18.26 -15.40 -23.39
CA ILE E 291 -18.86 -14.07 -23.46
C ILE E 291 -18.97 -13.55 -22.03
N GLY E 292 -18.37 -12.39 -21.77
CA GLY E 292 -18.33 -11.87 -20.43
C GLY E 292 -19.70 -11.50 -19.90
N GLY E 293 -19.87 -11.62 -18.59
CA GLY E 293 -21.13 -11.25 -17.98
C GLY E 293 -21.31 -9.74 -17.96
N ASN E 294 -22.57 -9.32 -17.98
CA ASN E 294 -22.89 -7.90 -17.99
C ASN E 294 -22.83 -7.33 -16.58
N ALA E 295 -22.82 -6.00 -16.50
CA ALA E 295 -22.72 -5.29 -15.23
C ALA E 295 -23.77 -4.18 -15.18
N ALA E 296 -24.09 -3.76 -13.96
CA ALA E 296 -25.06 -2.69 -13.76
C ALA E 296 -24.56 -1.39 -14.39
N SER E 297 -25.43 -0.74 -15.16
CA SER E 297 -25.05 0.45 -15.90
C SER E 297 -25.14 1.72 -15.06
N ASN E 298 -25.87 1.70 -13.94
CA ASN E 298 -26.10 2.90 -13.15
C ASN E 298 -25.70 2.72 -11.68
N ASN E 299 -24.85 1.74 -11.39
CA ASN E 299 -24.34 1.51 -10.03
C ASN E 299 -25.49 1.25 -9.05
N ASP E 300 -26.37 0.34 -9.42
CA ASP E 300 -27.48 -0.04 -8.55
C ASP E 300 -26.97 -0.91 -7.40
N PRO E 301 -27.13 -0.50 -6.15
CA PRO E 301 -26.54 -1.27 -5.04
C PRO E 301 -27.17 -2.64 -4.83
N GLU E 302 -28.37 -2.89 -5.34
CA GLU E 302 -29.04 -4.17 -5.17
C GLU E 302 -28.89 -5.08 -6.37
N MET E 303 -28.20 -4.65 -7.42
CA MET E 303 -28.10 -5.42 -8.65
C MET E 303 -26.75 -6.12 -8.71
N ASP E 304 -26.79 -7.45 -8.77
CA ASP E 304 -25.58 -8.24 -8.87
C ASP E 304 -25.01 -8.17 -10.29
N GLY E 305 -23.74 -8.54 -10.41
CA GLY E 305 -23.17 -8.75 -11.72
C GLY E 305 -23.63 -10.08 -12.29
N GLU E 306 -23.70 -10.15 -13.61
CA GLU E 306 -24.23 -11.33 -14.27
C GLU E 306 -23.12 -12.34 -14.52
N ASP E 307 -23.50 -13.61 -14.52
CA ASP E 307 -22.54 -14.68 -14.71
C ASP E 307 -22.11 -14.75 -16.17
N GLY E 308 -20.96 -15.38 -16.40
CA GLY E 308 -20.42 -15.50 -17.74
C GLY E 308 -21.13 -16.57 -18.54
N VAL E 309 -20.73 -16.67 -19.81
CA VAL E 309 -21.26 -17.65 -20.74
C VAL E 309 -20.20 -18.73 -20.93
N SER E 310 -20.59 -19.98 -20.75
CA SER E 310 -19.66 -21.08 -20.92
C SER E 310 -19.55 -21.46 -22.39
N PHE E 311 -18.54 -22.27 -22.71
CA PHE E 311 -18.31 -22.70 -24.08
C PHE E 311 -17.70 -24.09 -24.08
N ILE E 312 -18.17 -24.93 -25.00
CA ILE E 312 -17.59 -26.23 -25.25
C ILE E 312 -17.39 -26.37 -26.76
N SER E 313 -16.23 -26.88 -27.14
CA SER E 313 -15.89 -26.99 -28.56
C SER E 313 -16.75 -28.06 -29.22
N PRO E 314 -17.12 -27.86 -30.50
CA PRO E 314 -17.83 -28.93 -31.22
C PRO E 314 -17.03 -30.20 -31.35
N LEU E 315 -15.70 -30.14 -31.20
CA LEU E 315 -14.85 -31.32 -31.31
C LEU E 315 -15.06 -32.29 -30.16
N GLY E 316 -15.72 -31.88 -29.09
CA GLY E 316 -15.95 -32.71 -27.92
C GLY E 316 -17.42 -33.08 -27.73
N ILE E 317 -17.64 -33.87 -26.68
CA ILE E 317 -18.96 -34.35 -26.30
C ILE E 317 -19.24 -33.87 -24.89
N LEU E 318 -20.39 -33.23 -24.69
CA LEU E 318 -20.75 -32.72 -23.37
C LEU E 318 -21.21 -33.88 -22.48
N TYR E 319 -20.44 -34.12 -21.42
CA TYR E 319 -20.77 -35.20 -20.49
C TYR E 319 -21.95 -34.83 -19.60
N THR E 320 -21.86 -33.67 -18.94
CA THR E 320 -22.91 -33.16 -18.09
C THR E 320 -23.13 -31.69 -18.40
N PRO E 321 -24.38 -31.24 -18.54
CA PRO E 321 -24.62 -29.82 -18.85
C PRO E 321 -24.02 -28.89 -17.81
N ALA E 322 -23.90 -27.62 -18.21
CA ALA E 322 -23.29 -26.61 -17.33
C ALA E 322 -24.12 -26.41 -16.07
N LEU E 323 -23.45 -26.45 -14.92
CA LEU E 323 -24.11 -26.31 -13.63
C LEU E 323 -23.28 -25.47 -12.69
N LYS E 324 -23.94 -24.58 -11.95
CA LYS E 324 -23.29 -23.76 -10.93
C LYS E 324 -22.98 -24.61 -9.71
N VAL E 325 -21.71 -24.90 -9.48
CA VAL E 325 -21.33 -25.76 -8.36
C VAL E 325 -20.18 -25.19 -7.54
N MET E 326 -19.31 -24.42 -8.18
CA MET E 326 -18.01 -24.12 -7.59
C MET E 326 -18.07 -22.85 -6.75
N GLU E 327 -17.58 -22.97 -5.51
CA GLU E 327 -17.40 -21.84 -4.61
C GLU E 327 -15.90 -21.69 -4.38
N GLY E 328 -15.38 -20.50 -4.66
CA GLY E 328 -13.95 -20.27 -4.58
C GLY E 328 -13.23 -20.48 -5.90
N HIS E 329 -12.01 -21.01 -5.85
CA HIS E 329 -11.21 -21.19 -7.06
C HIS E 329 -11.74 -22.36 -7.90
N GLY E 330 -11.39 -22.32 -9.19
CA GLY E 330 -11.77 -23.38 -10.11
C GLY E 330 -10.70 -24.47 -10.18
N GLU E 331 -11.03 -25.52 -10.95
CA GLU E 331 -10.14 -26.67 -11.09
C GLU E 331 -10.27 -27.23 -12.50
N VAL E 332 -9.36 -28.16 -12.81
CA VAL E 332 -9.39 -28.92 -14.05
C VAL E 332 -9.06 -30.38 -13.73
N ASN E 333 -9.87 -31.31 -14.22
CA ASN E 333 -9.72 -32.73 -13.96
C ASN E 333 -9.78 -33.50 -15.27
N ILE E 334 -8.81 -34.37 -15.50
CA ILE E 334 -8.70 -35.16 -16.72
C ILE E 334 -8.71 -36.64 -16.37
N LYS E 335 -9.57 -37.40 -17.04
CA LYS E 335 -9.72 -38.84 -16.79
C LYS E 335 -9.83 -39.55 -18.13
N HIS E 336 -10.31 -40.79 -18.09
CA HIS E 336 -10.53 -41.61 -19.28
C HIS E 336 -11.93 -42.21 -19.20
N TYR E 337 -12.72 -42.04 -20.26
CA TYR E 337 -14.12 -42.48 -20.23
C TYR E 337 -14.24 -43.89 -20.81
N LEU E 338 -14.85 -44.78 -20.04
CA LEU E 338 -15.19 -46.13 -20.45
C LEU E 338 -16.64 -46.48 -20.18
N GLY E 339 -17.18 -46.09 -19.02
CA GLY E 339 -18.57 -46.35 -18.69
C GLY E 339 -18.86 -47.80 -18.36
N ARG F 15 -25.56 -46.75 -0.94
CA ARG F 15 -24.65 -46.56 0.19
C ARG F 15 -25.16 -45.48 1.14
N MET F 16 -24.27 -45.03 2.03
CA MET F 16 -24.58 -43.96 2.96
C MET F 16 -24.80 -42.63 2.24
N LYS F 17 -24.19 -42.46 1.06
CA LYS F 17 -24.36 -41.26 0.25
C LYS F 17 -25.83 -40.97 -0.06
N ASP F 18 -26.63 -42.01 -0.26
CA ASP F 18 -28.02 -41.79 -0.67
C ASP F 18 -28.83 -41.13 0.43
N LYS F 19 -28.61 -41.51 1.69
CA LYS F 19 -29.38 -40.92 2.78
C LYS F 19 -28.91 -39.49 3.07
N PHE F 20 -27.62 -39.23 2.94
CA PHE F 20 -27.07 -37.94 3.29
C PHE F 20 -27.48 -36.85 2.29
N LEU F 21 -27.31 -37.13 1.00
CA LEU F 21 -27.48 -36.08 -0.01
C LEU F 21 -28.92 -35.61 -0.12
N LYS F 22 -29.90 -36.49 0.12
CA LYS F 22 -31.29 -36.05 0.08
C LYS F 22 -31.57 -35.00 1.14
N HIS F 23 -30.94 -35.13 2.31
CA HIS F 23 -31.11 -34.14 3.37
C HIS F 23 -30.65 -32.76 2.90
N LEU F 24 -29.59 -32.70 2.10
CA LEU F 24 -29.08 -31.41 1.63
C LEU F 24 -29.97 -30.80 0.56
N THR F 25 -30.45 -31.63 -0.38
CA THR F 25 -31.18 -31.13 -1.53
C THR F 25 -32.70 -31.21 -1.41
N GLY F 26 -33.21 -32.00 -0.48
CA GLY F 26 -34.64 -32.16 -0.34
C GLY F 26 -35.22 -33.05 -1.43
N PRO F 27 -36.55 -33.04 -1.57
CA PRO F 27 -37.24 -33.89 -2.56
C PRO F 27 -37.13 -33.37 -4.00
N LEU F 28 -35.98 -33.58 -4.61
CA LEU F 28 -35.75 -33.13 -5.97
C LEU F 28 -36.37 -34.11 -6.98
N TYR F 29 -36.98 -33.55 -8.02
CA TYR F 29 -37.58 -34.33 -9.10
C TYR F 29 -36.78 -34.14 -10.37
N PHE F 30 -36.65 -35.21 -11.15
CA PHE F 30 -35.92 -35.20 -12.41
C PHE F 30 -36.78 -35.78 -13.51
N SER F 31 -36.83 -35.07 -14.64
CA SER F 31 -37.62 -35.51 -15.78
C SER F 31 -36.98 -36.73 -16.43
N PRO F 32 -37.74 -37.48 -17.23
CA PRO F 32 -37.14 -38.63 -17.94
C PRO F 32 -36.03 -38.23 -18.91
N LYS F 33 -36.09 -37.01 -19.46
CA LYS F 33 -35.02 -36.55 -20.35
C LYS F 33 -33.69 -36.40 -19.63
N CYS F 34 -33.69 -36.31 -18.30
CA CYS F 34 -32.48 -36.18 -17.51
C CYS F 34 -32.13 -37.46 -16.76
N SER F 35 -32.69 -38.59 -17.19
CA SER F 35 -32.41 -39.85 -16.51
C SER F 35 -30.94 -40.22 -16.62
N LYS F 36 -30.38 -40.13 -17.82
CA LYS F 36 -28.96 -40.44 -18.00
C LYS F 36 -28.07 -39.26 -17.62
N HIS F 37 -28.56 -38.03 -17.73
CA HIS F 37 -27.80 -36.89 -17.21
C HIS F 37 -27.65 -36.98 -15.70
N PHE F 38 -28.71 -37.37 -15.00
CA PHE F 38 -28.63 -37.53 -13.55
C PHE F 38 -27.70 -38.69 -13.18
N HIS F 39 -27.82 -39.82 -13.88
CA HIS F 39 -26.99 -40.98 -13.57
C HIS F 39 -25.51 -40.68 -13.78
N ARG F 40 -25.17 -40.01 -14.89
CA ARG F 40 -23.78 -39.66 -15.15
C ARG F 40 -23.26 -38.71 -14.08
N LEU F 41 -24.05 -37.69 -13.73
CA LEU F 41 -23.62 -36.73 -12.73
C LEU F 41 -23.51 -37.38 -11.35
N TYR F 42 -24.50 -38.19 -10.98
CA TYR F 42 -24.53 -38.77 -9.64
C TYR F 42 -23.43 -39.81 -9.44
N HIS F 43 -23.16 -40.62 -10.46
CA HIS F 43 -22.29 -41.78 -10.31
C HIS F 43 -20.90 -41.62 -10.93
N ASN F 44 -20.75 -40.81 -11.96
CA ASN F 44 -19.50 -40.78 -12.72
C ASN F 44 -18.67 -39.53 -12.52
N THR F 45 -19.25 -38.44 -12.02
CA THR F 45 -18.49 -37.22 -11.84
C THR F 45 -17.62 -37.29 -10.60
N ARG F 46 -16.47 -36.61 -10.66
CA ARG F 46 -15.54 -36.60 -9.53
C ARG F 46 -16.16 -35.96 -8.30
N ASP F 47 -17.03 -34.97 -8.49
CA ASP F 47 -17.60 -34.25 -7.36
C ASP F 47 -18.53 -35.13 -6.52
N CYS F 48 -19.25 -36.06 -7.15
CA CYS F 48 -20.25 -36.87 -6.46
C CYS F 48 -19.73 -38.22 -6.02
N THR F 49 -18.42 -38.48 -6.16
CA THR F 49 -17.86 -39.75 -5.72
C THR F 49 -16.96 -39.61 -4.50
N ILE F 50 -16.39 -38.44 -4.26
CA ILE F 50 -15.55 -38.19 -3.09
C ILE F 50 -16.43 -37.56 -2.01
N PRO F 51 -16.54 -38.17 -0.82
CA PRO F 51 -17.43 -37.60 0.21
C PRO F 51 -17.04 -36.19 0.63
N ALA F 52 -15.76 -35.82 0.52
CA ALA F 52 -15.35 -34.46 0.87
C ALA F 52 -15.98 -33.41 -0.03
N TYR F 53 -16.51 -33.81 -1.19
CA TYR F 53 -17.13 -32.89 -2.14
C TYR F 53 -18.65 -33.06 -2.20
N TYR F 54 -19.26 -33.62 -1.16
CA TYR F 54 -20.71 -33.79 -1.17
C TYR F 54 -21.44 -32.46 -1.15
N LYS F 55 -20.84 -31.43 -0.55
CA LYS F 55 -21.40 -30.09 -0.66
C LYS F 55 -21.46 -29.62 -2.11
N ARG F 56 -20.50 -30.03 -2.93
CA ARG F 56 -20.55 -29.73 -4.36
C ARG F 56 -21.65 -30.53 -5.04
N CYS F 57 -21.73 -31.83 -4.74
CA CYS F 57 -22.71 -32.69 -5.40
C CYS F 57 -24.13 -32.22 -5.11
N ALA F 58 -24.39 -31.74 -3.90
CA ALA F 58 -25.70 -31.22 -3.56
C ALA F 58 -26.06 -30.03 -4.44
N ARG F 59 -25.10 -29.13 -4.68
CA ARG F 59 -25.35 -27.98 -5.53
C ARG F 59 -25.46 -28.38 -7.00
N LEU F 60 -24.75 -29.43 -7.41
CA LEU F 60 -24.89 -29.92 -8.79
C LEU F 60 -26.30 -30.44 -9.04
N LEU F 61 -26.80 -31.29 -8.14
CA LEU F 61 -28.13 -31.87 -8.33
C LEU F 61 -29.21 -30.80 -8.26
N THR F 62 -29.05 -29.81 -7.37
CA THR F 62 -30.05 -28.75 -7.25
C THR F 62 -30.12 -27.92 -8.53
N ARG F 63 -28.96 -27.51 -9.04
CA ARG F 63 -28.94 -26.77 -10.30
C ARG F 63 -29.41 -27.64 -11.46
N LEU F 64 -29.20 -28.95 -11.38
CA LEU F 64 -29.70 -29.84 -12.43
C LEU F 64 -31.22 -29.93 -12.40
N ALA F 65 -31.80 -30.03 -11.21
CA ALA F 65 -33.26 -30.18 -11.10
C ALA F 65 -34.00 -28.94 -11.56
N VAL F 66 -33.38 -27.76 -11.44
CA VAL F 66 -34.05 -26.51 -11.81
C VAL F 66 -33.80 -26.12 -13.27
N SER F 67 -33.06 -26.93 -14.02
CA SER F 67 -32.87 -26.65 -15.43
C SER F 67 -34.16 -26.90 -16.20
N PRO F 68 -34.38 -26.21 -17.32
CA PRO F 68 -35.62 -26.41 -18.08
C PRO F 68 -35.81 -27.85 -18.55
N VAL F 69 -34.73 -28.60 -18.75
CA VAL F 69 -34.87 -29.97 -19.24
C VAL F 69 -35.40 -30.89 -18.14
N CYS F 70 -34.89 -30.75 -16.92
CA CYS F 70 -35.23 -31.67 -15.84
C CYS F 70 -36.41 -31.22 -14.99
N MET F 71 -37.00 -30.05 -15.30
CA MET F 71 -38.13 -29.59 -14.48
C MET F 71 -39.41 -30.33 -14.84
N GLU F 72 -39.57 -30.75 -16.09
CA GLU F 72 -40.79 -31.39 -16.55
C GLU F 72 -40.98 -32.78 -15.93
C1 NAG G . 0.90 53.85 13.62
C2 NAG G . 2.14 54.05 12.73
C3 NAG G . 2.07 55.38 12.00
C4 NAG G . 0.77 55.45 11.21
C5 NAG G . -0.40 55.47 12.18
C6 NAG G . -1.55 54.58 11.74
C7 NAG G . 4.32 53.07 13.29
C8 NAG G . 5.51 53.13 14.20
N2 NAG G . 3.36 53.97 13.52
O3 NAG G . 3.18 55.50 11.13
O4 NAG G . 0.75 56.64 10.42
O5 NAG G . -0.01 55.03 13.50
O6 NAG G . -2.78 55.29 11.69
O7 NAG G . 4.24 52.23 12.40
C1 NAG H . 43.68 26.68 -23.61
C2 NAG H . 43.03 27.99 -23.16
C3 NAG H . 43.91 29.17 -23.49
C4 NAG H . 45.28 28.96 -22.85
C5 NAG H . 45.96 27.77 -23.50
C6 NAG H . 46.65 26.86 -22.49
C7 NAG H . 40.62 28.51 -23.10
C8 NAG H . 39.35 28.62 -23.89
N2 NAG H . 41.72 28.15 -23.78
O3 NAG H . 43.32 30.37 -23.00
O4 NAG H . 46.09 30.12 -23.05
O5 NAG H . 45.02 26.95 -24.21
O6 NAG H . 47.55 25.97 -23.14
O7 NAG H . 40.65 28.73 -21.89
C1 NAG I . 21.03 -22.52 11.32
C2 NAG I . 20.43 -21.25 10.70
C3 NAG I . 20.66 -20.05 11.60
C4 NAG I . 20.20 -20.38 13.01
C5 NAG I . 21.09 -21.47 13.60
C6 NAG I . 20.31 -22.50 14.40
C7 NAG I . 20.20 -20.75 8.31
C8 NAG I . 20.92 -20.53 7.01
N2 NAG I . 20.96 -21.01 9.38
O3 NAG I . 19.95 -18.93 11.11
O4 NAG I . 20.28 -19.21 13.83
O5 NAG I . 21.78 -22.18 12.55
O6 NAG I . 20.78 -22.56 15.74
O7 NAG I . 18.97 -20.69 8.39
C1 NAG J . -41.34 -15.40 7.95
C2 NAG J . -42.49 -16.20 8.55
C3 NAG J . -43.83 -15.65 8.06
C4 NAG J . -43.93 -14.16 8.32
C5 NAG J . -42.74 -13.44 7.71
C6 NAG J . -42.70 -11.97 8.03
C7 NAG J . -42.10 -18.55 9.15
C8 NAG J . -42.02 -19.96 8.64
N2 NAG J . -42.37 -17.62 8.23
O3 NAG J . -44.89 -16.34 8.73
O4 NAG J . -45.13 -13.65 7.77
O5 NAG J . -41.52 -14.00 8.22
O6 NAG J . -42.78 -11.72 9.42
O7 NAG J . -41.94 -18.27 10.33
C1 NAG K . -18.86 -42.46 30.37
C2 NAG K . -19.81 -43.60 30.78
C3 NAG K . -19.51 -44.04 32.21
C4 NAG K . -18.03 -44.38 32.38
C5 NAG K . -17.18 -43.18 31.92
C6 NAG K . -15.70 -43.47 31.97
C7 NAG K . -22.06 -43.76 29.83
C8 NAG K . -23.46 -43.18 29.84
N2 NAG K . -21.19 -43.18 30.67
O3 NAG K . -20.30 -45.19 32.52
O4 NAG K . -17.74 -44.64 33.74
O5 NAG K . -17.50 -42.87 30.56
O6 NAG K . -14.99 -42.40 32.58
O7 NAG K . -21.76 -44.69 29.10
C1 NAG L . -26.90 13.93 -0.80
C2 NAG L . -25.59 13.65 -0.04
C3 NAG L . -24.60 14.80 -0.23
C4 NAG L . -24.38 15.02 -1.72
C5 NAG L . -25.68 15.48 -2.36
C6 NAG L . -25.96 14.82 -3.69
C7 NAG L . -25.30 12.43 2.08
C8 NAG L . -25.67 12.36 3.53
N2 NAG L . -25.85 13.44 1.38
O3 NAG L . -23.38 14.49 0.41
O4 NAG L . -23.36 15.99 -1.92
O5 NAG L . -26.81 15.24 -1.51
O6 NAG L . -24.85 14.90 -4.56
O7 NAG L . -24.54 11.63 1.56
#